data_8DIM
#
_entry.id   8DIM
#
_cell.length_a   1.00
_cell.length_b   1.00
_cell.length_c   1.00
_cell.angle_alpha   90.00
_cell.angle_beta   90.00
_cell.angle_gamma   90.00
#
_symmetry.space_group_name_H-M   'P 1'
#
loop_
_entity.id
_entity.type
_entity.pdbx_description
1 polymer hemagglutinin
2 polymer 'CR6261 Fab heavy chain'
3 polymer 'CR6261 Fab light chain'
4 branched beta-D-mannopyranose-(1-4)-2-acetamido-2-deoxy-beta-D-glucopyranose-(1-4)-2-acetamido-2-deoxy-beta-D-glucopyranose
5 non-polymer 2-acetamido-2-deoxy-beta-D-glucopyranose
6 water water
#
loop_
_entity_poly.entity_id
_entity_poly.type
_entity_poly.pdbx_seq_one_letter_code
_entity_poly.pdbx_strand_id
1 'polypeptide(L)'
;MVLVNQSHQGFNKEHTSKMVSAIVLYVLLAAAAHSAFAGSDKICIGYHANNSTDTVDTVLEKNVTVTHSVNLLENKHNGK
LCKLRGVAPLHLGKCNIAGWLLGNPECESLATASSWSYIVETSSSNNGTCYPGDFINYEELREQLSSVSSFEKFEIFPKT
SSWPNHETNKGVTAACPHAGTNSFYKNLIWLVKKENSYPKINISYTNNRGKEVLVLWAIHHPPTSTDQQSLYQNANSYVF
VGSSRYSRKFEPEIATRPKVRGQAGRMNYYWTLVEPGDKITFEATGNLVVPRYAFALKRNSGSGIIISETPVHDCDTTCQ
TPNGAINTSLPFQNIHPVTIGECPKYVKSTKLRMATGLRNIPSIQSRGLFGAIAGFIEGGWTGMIDGWYGYHHQNEQGSG
YAADLKSTQNAIDGITNKVNSVIEKMNTQFTAVGKEFSHLERRIENLNKKVDDGFIDIWTYNAELLVLLENERTLDYHDS
NVKTLYEKVRSQLKNNAKEIGNGCFEFYHKCDDTCMESVKNGTYDYPKYSEEFLVPRGSPGSGYIPEAPRDGQAYVRKDG
EWVLLSTFLGHHHHHH
;
A,D,G
2 'polypeptide(L)'
;MEWSWVFLFFLSVTTGVHSEVQLVESGAEVKKPGSSVKVSCKASGGPFRSYAISWVRQAPGQGPEWMGGIIPIFGTTKYA
PKFQGRVTITADDFAGTVYMELSSLRSEDTAMYYCAKHMGYQVRETMDVWGKGTTVTVSSASTKGPSVFPLAPSSKSTSG
GTAALGCLVKDYFPEPVTVSWNSGALTSGVHTFPAVLQSSGLYSLSSVVTVPSSSLGTQTYICNVNHKPSNTKVDKRVEP
KSCDKHHHHHH
;
B,E,H
3 'polypeptide(L)'
;MEWSWVFLFFLSVTTGVHSQSVLTQPPSVSAAPGQKVTISCSGSSSNIGNDYVSWYQQLPGTAPKLLIYDNNKRPSGIPD
RFSGSKSGTSATLGITGLQTGDEANYYCATWDRRPTAYVVFGGGTKLTVLGAAAGQPKAAPSVTLFPPSSEELQANKATL
VCLISDFYPGAVTVAWKADSSPVKAGVETTTPSKQSNNKYAASSYLSLTPEQWKSHRSYSCQVTHEGSTVEKTVAPTECS
;
C,F,I
#
loop_
_chem_comp.id
_chem_comp.type
_chem_comp.name
_chem_comp.formula
BMA D-saccharide, beta linking beta-D-mannopyranose 'C6 H12 O6'
NAG D-saccharide, beta linking 2-acetamido-2-deoxy-beta-D-glucopyranose 'C8 H15 N O6'
#
# COMPACT_ATOMS: atom_id res chain seq x y z
N SER A 40 24.29 52.81 -13.44
CA SER A 40 23.01 53.46 -13.24
C SER A 40 22.31 52.88 -12.01
N ASP A 41 23.03 52.03 -11.28
CA ASP A 41 22.56 51.37 -10.07
C ASP A 41 21.60 50.24 -10.44
N LYS A 42 21.83 49.04 -9.89
CA LYS A 42 21.07 47.87 -10.26
C LYS A 42 20.82 47.00 -9.04
N ILE A 43 19.74 46.22 -9.11
CA ILE A 43 19.45 45.18 -8.12
C ILE A 43 18.97 43.94 -8.86
N CYS A 44 19.44 42.78 -8.42
CA CYS A 44 19.14 41.52 -9.08
C CYS A 44 18.63 40.51 -8.06
N ILE A 45 17.93 39.50 -8.56
CA ILE A 45 17.37 38.43 -7.74
C ILE A 45 17.93 37.11 -8.24
N GLY A 46 18.42 36.28 -7.31
CA GLY A 46 19.02 35.02 -7.67
C GLY A 46 18.85 33.95 -6.61
N TYR A 47 19.56 32.83 -6.75
CA TYR A 47 19.45 31.72 -5.80
C TYR A 47 20.82 31.14 -5.52
N HIS A 48 20.84 30.14 -4.64
CA HIS A 48 22.07 29.60 -4.08
C HIS A 48 22.63 28.48 -4.96
N ALA A 49 23.95 28.32 -4.93
CA ALA A 49 24.64 27.25 -5.63
C ALA A 49 25.96 26.97 -4.94
N ASN A 50 26.36 25.71 -4.92
CA ASN A 50 27.62 25.30 -4.31
C ASN A 50 28.24 24.19 -5.15
N ASN A 51 29.25 23.52 -4.59
CA ASN A 51 30.00 22.49 -5.28
C ASN A 51 29.55 21.08 -4.91
N SER A 52 28.29 20.92 -4.52
CA SER A 52 27.78 19.60 -4.18
C SER A 52 27.63 18.74 -5.43
N THR A 53 27.67 17.42 -5.22
CA THR A 53 27.57 16.48 -6.33
C THR A 53 26.61 15.33 -6.04
N ASP A 54 25.70 15.48 -5.09
CA ASP A 54 24.72 14.44 -4.79
C ASP A 54 23.52 14.58 -5.71
N THR A 55 23.03 13.44 -6.20
CA THR A 55 21.96 13.41 -7.18
C THR A 55 20.74 12.68 -6.61
N VAL A 56 19.56 13.09 -7.07
CA VAL A 56 18.30 12.49 -6.65
C VAL A 56 17.52 12.09 -7.90
N ASP A 57 16.55 11.21 -7.71
CA ASP A 57 15.73 10.69 -8.79
C ASP A 57 14.32 11.25 -8.70
N THR A 58 13.75 11.58 -9.85
CA THR A 58 12.42 12.14 -9.96
C THR A 58 11.63 11.32 -10.97
N VAL A 59 10.30 11.37 -10.87
CA VAL A 59 9.45 10.65 -11.80
C VAL A 59 9.51 11.21 -13.22
N LEU A 60 10.03 12.42 -13.38
CA LEU A 60 10.16 13.04 -14.69
C LEU A 60 11.59 13.09 -15.20
N GLU A 61 12.59 12.93 -14.33
CA GLU A 61 13.98 13.07 -14.72
C GLU A 61 14.84 12.31 -13.72
N LYS A 62 16.00 11.85 -14.17
CA LYS A 62 16.91 11.06 -13.36
C LYS A 62 18.25 11.78 -13.23
N ASN A 63 18.91 11.55 -12.09
CA ASN A 63 20.24 12.08 -11.81
C ASN A 63 20.24 13.62 -11.83
N VAL A 64 19.46 14.20 -10.93
CA VAL A 64 19.36 15.64 -10.77
C VAL A 64 20.26 16.06 -9.61
N THR A 65 21.26 16.89 -9.90
CA THR A 65 22.16 17.38 -8.87
C THR A 65 21.47 18.47 -8.05
N VAL A 66 21.53 18.35 -6.72
CA VAL A 66 20.87 19.27 -5.82
C VAL A 66 21.89 19.85 -4.85
N THR A 67 21.52 20.97 -4.23
CA THR A 67 22.44 21.64 -3.31
C THR A 67 22.56 20.89 -1.99
N HIS A 68 21.44 20.40 -1.45
CA HIS A 68 21.44 19.67 -0.19
C HIS A 68 20.51 18.48 -0.30
N SER A 69 20.80 17.43 0.47
CA SER A 69 19.98 16.22 0.48
C SER A 69 20.30 15.42 1.72
N VAL A 70 19.45 14.41 1.99
CA VAL A 70 19.64 13.49 3.10
C VAL A 70 19.48 12.06 2.59
N ASN A 71 20.09 11.13 3.30
CA ASN A 71 20.06 9.70 2.96
C ASN A 71 19.20 8.97 3.98
N LEU A 72 18.25 8.16 3.49
CA LEU A 72 17.31 7.46 4.34
C LEU A 72 17.54 5.95 4.41
N LEU A 73 18.61 5.45 3.82
CA LEU A 73 18.87 4.01 3.77
C LEU A 73 20.22 3.70 4.39
N GLU A 74 20.26 2.62 5.18
CA GLU A 74 21.48 2.16 5.83
C GLU A 74 21.86 0.80 5.27
N ASN A 75 23.14 0.64 4.93
CA ASN A 75 23.62 -0.59 4.33
C ASN A 75 24.97 -1.02 4.89
N LYS A 76 25.24 -0.72 6.16
CA LYS A 76 26.52 -1.02 6.78
C LYS A 76 26.32 -1.70 8.12
N HIS A 77 27.15 -2.71 8.40
CA HIS A 77 27.17 -3.40 9.68
C HIS A 77 28.62 -3.65 10.05
N ASN A 78 28.83 -4.30 11.21
CA ASN A 78 30.17 -4.58 11.68
C ASN A 78 30.59 -6.03 11.51
N GLY A 79 29.69 -6.91 11.08
CA GLY A 79 30.04 -8.30 10.82
C GLY A 79 30.45 -9.11 12.03
N LYS A 80 29.77 -8.91 13.17
CA LYS A 80 30.05 -9.65 14.37
C LYS A 80 28.74 -9.98 15.08
N LEU A 81 28.77 -11.03 15.88
CA LEU A 81 27.69 -11.34 16.82
C LEU A 81 28.05 -10.74 18.17
N CYS A 82 27.21 -9.85 18.67
CA CYS A 82 27.56 -9.01 19.80
C CYS A 82 26.44 -8.98 20.83
N LYS A 83 26.79 -8.59 22.06
CA LYS A 83 25.84 -8.59 23.17
C LYS A 83 24.70 -7.62 22.93
N LEU A 84 23.52 -7.99 23.40
CA LEU A 84 22.32 -7.15 23.28
C LEU A 84 22.03 -6.52 24.63
N ARG A 85 22.38 -5.24 24.77
CA ARG A 85 22.13 -4.46 25.99
C ARG A 85 22.77 -5.11 27.21
N GLY A 86 24.02 -5.52 27.05
CA GLY A 86 24.80 -6.01 28.17
C GLY A 86 24.60 -7.47 28.53
N VAL A 87 23.87 -8.24 27.73
CA VAL A 87 23.64 -9.66 27.97
C VAL A 87 24.18 -10.44 26.80
N ALA A 88 25.07 -11.39 27.06
CA ALA A 88 25.66 -12.19 26.02
C ALA A 88 24.67 -13.22 25.47
N PRO A 89 24.79 -13.59 24.21
CA PRO A 89 23.92 -14.62 23.64
C PRO A 89 24.37 -16.02 24.07
N LEU A 90 23.57 -17.01 23.69
CA LEU A 90 23.88 -18.42 23.94
C LEU A 90 24.24 -19.05 22.60
N HIS A 91 25.51 -19.44 22.46
CA HIS A 91 26.00 -20.05 21.23
C HIS A 91 26.14 -21.54 21.46
N LEU A 92 25.33 -22.33 20.76
CA LEU A 92 25.35 -23.78 20.95
C LEU A 92 26.58 -24.41 20.31
N GLY A 93 26.94 -23.98 19.12
CA GLY A 93 28.14 -24.49 18.45
C GLY A 93 27.83 -25.74 17.64
N LYS A 94 28.43 -26.85 18.03
CA LYS A 94 28.24 -28.11 17.33
C LYS A 94 26.92 -28.80 17.69
N CYS A 95 26.24 -28.37 18.74
CA CYS A 95 24.99 -28.96 19.19
C CYS A 95 23.81 -28.16 18.69
N ASN A 96 22.63 -28.77 18.78
CA ASN A 96 21.37 -28.11 18.49
C ASN A 96 20.51 -28.13 19.76
N ILE A 97 19.26 -27.70 19.62
CA ILE A 97 18.37 -27.60 20.77
C ILE A 97 18.12 -28.98 21.38
N ALA A 98 17.89 -29.99 20.54
CA ALA A 98 17.63 -31.33 21.06
C ALA A 98 18.84 -31.87 21.83
N GLY A 99 20.03 -31.72 21.28
CA GLY A 99 21.23 -32.16 21.99
C GLY A 99 21.60 -31.30 23.17
N TRP A 100 21.18 -30.04 23.16
CA TRP A 100 21.42 -29.17 24.32
C TRP A 100 20.53 -29.57 25.50
N LEU A 101 19.24 -29.80 25.24
CA LEU A 101 18.32 -30.13 26.33
C LEU A 101 18.44 -31.58 26.76
N LEU A 102 18.70 -32.50 25.84
CA LEU A 102 18.78 -33.92 26.19
C LEU A 102 20.04 -34.28 26.96
N GLY A 103 21.10 -33.49 26.83
CA GLY A 103 22.34 -33.77 27.52
C GLY A 103 23.29 -34.63 26.70
N ASN A 104 23.50 -34.25 25.44
CA ASN A 104 24.37 -35.01 24.57
C ASN A 104 25.79 -35.02 25.13
N PRO A 105 26.53 -36.12 24.98
CA PRO A 105 27.90 -36.16 25.50
C PRO A 105 28.83 -35.15 24.87
N GLU A 106 28.51 -34.62 23.69
CA GLU A 106 29.36 -33.63 23.02
C GLU A 106 29.05 -32.20 23.46
N CYS A 107 28.04 -31.99 24.29
CA CYS A 107 27.61 -30.66 24.69
C CYS A 107 27.91 -30.37 26.16
N GLU A 108 28.96 -30.99 26.70
CA GLU A 108 29.26 -30.86 28.12
C GLU A 108 29.60 -29.43 28.52
N SER A 109 29.96 -28.59 27.55
CA SER A 109 30.27 -27.19 27.85
C SER A 109 29.03 -26.31 27.93
N LEU A 110 27.85 -26.85 27.64
CA LEU A 110 26.61 -26.08 27.69
C LEU A 110 25.82 -26.33 28.97
N ALA A 111 26.38 -27.07 29.92
CA ALA A 111 25.67 -27.41 31.15
C ALA A 111 25.69 -26.29 32.18
N THR A 112 26.42 -25.21 31.93
CA THR A 112 26.53 -24.12 32.89
C THR A 112 25.69 -22.90 32.54
N ALA A 113 25.28 -22.77 31.28
CA ALA A 113 24.53 -21.60 30.84
C ALA A 113 23.15 -21.56 31.49
N SER A 114 22.76 -20.39 31.97
CA SER A 114 21.46 -20.20 32.60
C SER A 114 20.70 -18.97 32.13
N SER A 115 21.36 -17.97 31.53
CA SER A 115 20.69 -16.78 31.04
C SER A 115 21.30 -16.37 29.71
N TRP A 116 20.49 -15.74 28.88
CA TRP A 116 20.91 -15.33 27.54
C TRP A 116 19.98 -14.26 27.03
N SER A 117 20.38 -13.64 25.91
CA SER A 117 19.55 -12.67 25.21
C SER A 117 18.94 -13.24 23.93
N TYR A 118 19.69 -14.07 23.21
CA TYR A 118 19.16 -14.81 22.07
C TYR A 118 20.02 -16.05 21.87
N ILE A 119 19.47 -17.00 21.11
CA ILE A 119 20.14 -18.27 20.84
C ILE A 119 20.68 -18.26 19.42
N VAL A 120 21.91 -18.71 19.26
CA VAL A 120 22.60 -18.74 17.96
C VAL A 120 22.87 -20.19 17.60
N GLU A 121 22.58 -20.54 16.35
CA GLU A 121 22.82 -21.88 15.84
C GLU A 121 23.61 -21.80 14.55
N THR A 122 24.29 -22.89 14.23
CA THR A 122 25.16 -22.97 13.06
C THR A 122 24.64 -24.06 12.13
N SER A 123 24.94 -23.90 10.84
CA SER A 123 24.53 -24.90 9.86
C SER A 123 25.22 -26.23 10.07
N SER A 124 26.30 -26.25 10.85
CA SER A 124 27.02 -27.47 11.18
C SER A 124 26.56 -28.08 12.51
N SER A 125 25.50 -27.55 13.11
CA SER A 125 24.96 -28.09 14.36
C SER A 125 24.26 -29.41 14.06
N ASN A 126 24.94 -30.52 14.36
CA ASN A 126 24.43 -31.84 14.03
C ASN A 126 24.38 -32.80 15.19
N ASN A 127 24.88 -32.41 16.38
CA ASN A 127 24.93 -33.32 17.52
C ASN A 127 23.61 -33.20 18.29
N GLY A 128 22.62 -33.99 17.88
CA GLY A 128 21.33 -33.99 18.53
C GLY A 128 21.02 -35.26 19.28
N THR A 129 20.19 -36.11 18.70
CA THR A 129 19.84 -37.41 19.28
C THR A 129 20.76 -38.47 18.68
N CYS A 130 21.75 -38.91 19.46
CA CYS A 130 22.69 -39.91 18.96
C CYS A 130 21.99 -41.24 18.68
N TYR A 131 21.10 -41.67 19.56
CA TYR A 131 20.36 -42.90 19.34
C TYR A 131 19.25 -42.66 18.33
N PRO A 132 19.17 -43.45 17.26
CA PRO A 132 18.15 -43.20 16.23
C PRO A 132 16.74 -43.27 16.78
N GLY A 133 15.88 -42.41 16.26
CA GLY A 133 14.50 -42.37 16.68
C GLY A 133 13.83 -41.08 16.24
N ASP A 134 12.62 -40.88 16.76
CA ASP A 134 11.79 -39.74 16.40
C ASP A 134 11.57 -38.84 17.62
N PHE A 135 11.71 -37.54 17.42
CA PHE A 135 11.43 -36.55 18.45
C PHE A 135 10.06 -35.95 18.17
N ILE A 136 9.12 -36.14 19.08
CA ILE A 136 7.72 -35.78 18.85
C ILE A 136 7.52 -34.31 19.20
N ASN A 137 6.97 -33.54 18.25
CA ASN A 137 6.70 -32.11 18.42
C ASN A 137 7.99 -31.35 18.74
N TYR A 138 8.99 -31.50 17.87
CA TYR A 138 10.26 -30.82 18.07
C TYR A 138 10.16 -29.35 17.71
N GLU A 139 9.46 -29.02 16.63
CA GLU A 139 9.33 -27.63 16.21
C GLU A 139 8.46 -26.84 17.17
N GLU A 140 7.47 -27.48 17.79
CA GLU A 140 6.70 -26.81 18.84
C GLU A 140 7.58 -26.48 20.03
N LEU A 141 8.49 -27.39 20.39
CA LEU A 141 9.42 -27.10 21.48
C LEU A 141 10.35 -25.95 21.12
N ARG A 142 10.80 -25.90 19.86
CA ARG A 142 11.63 -24.76 19.43
C ARG A 142 10.85 -23.45 19.53
N GLU A 143 9.58 -23.46 19.11
CA GLU A 143 8.76 -22.26 19.20
C GLU A 143 8.55 -21.84 20.65
N GLN A 144 8.36 -22.81 21.55
CA GLN A 144 8.22 -22.49 22.96
C GLN A 144 9.49 -21.88 23.53
N LEU A 145 10.66 -22.45 23.17
CA LEU A 145 11.92 -21.92 23.67
C LEU A 145 12.29 -20.59 23.05
N SER A 146 11.68 -20.24 21.91
CA SER A 146 11.96 -18.95 21.28
C SER A 146 11.47 -17.76 22.08
N SER A 147 10.86 -17.97 23.25
CA SER A 147 10.37 -16.89 24.10
C SER A 147 10.72 -17.15 25.55
N VAL A 148 11.90 -17.71 25.79
CA VAL A 148 12.39 -18.01 27.13
C VAL A 148 13.74 -17.33 27.30
N SER A 149 13.93 -16.64 28.43
CA SER A 149 15.17 -15.91 28.65
C SER A 149 16.10 -16.54 29.67
N SER A 150 15.60 -17.43 30.53
CA SER A 150 16.43 -18.09 31.54
C SER A 150 15.64 -19.22 32.17
N PHE A 151 16.37 -20.20 32.70
CA PHE A 151 15.77 -21.25 33.50
C PHE A 151 16.73 -21.66 34.59
N GLU A 152 16.25 -22.53 35.48
CA GLU A 152 17.06 -23.14 36.52
C GLU A 152 16.93 -24.65 36.43
N LYS A 153 18.06 -25.34 36.35
CA LYS A 153 18.08 -26.79 36.18
C LYS A 153 18.21 -27.45 37.55
N PHE A 154 17.22 -28.28 37.90
CA PHE A 154 17.21 -28.98 39.17
C PHE A 154 17.01 -30.47 38.92
N GLU A 155 17.41 -31.27 39.92
CA GLU A 155 17.28 -32.71 39.83
C GLU A 155 15.87 -33.12 40.25
N ILE A 156 15.10 -33.66 39.31
CA ILE A 156 13.71 -34.00 39.60
C ILE A 156 13.60 -35.37 40.27
N PHE A 157 14.46 -36.32 39.88
CA PHE A 157 14.52 -37.64 40.50
C PHE A 157 15.98 -37.94 40.80
N PRO A 158 16.41 -37.80 42.05
CA PRO A 158 17.82 -38.10 42.39
C PRO A 158 18.18 -39.53 42.03
N LYS A 159 19.38 -39.69 41.46
CA LYS A 159 19.79 -40.99 40.94
C LYS A 159 20.06 -41.98 42.06
N THR A 160 20.60 -41.52 43.18
CA THR A 160 21.07 -42.41 44.24
C THR A 160 19.99 -42.83 45.23
N SER A 161 18.81 -42.21 45.17
CA SER A 161 17.78 -42.51 46.18
C SER A 161 16.38 -42.60 45.57
N SER A 162 16.28 -43.04 44.32
CA SER A 162 14.99 -43.18 43.66
C SER A 162 14.74 -44.55 43.05
N TRP A 163 15.79 -45.32 42.72
CA TRP A 163 15.65 -46.61 42.05
C TRP A 163 16.42 -47.67 42.83
N PRO A 164 15.90 -48.07 44.00
CA PRO A 164 16.63 -49.08 44.80
C PRO A 164 16.73 -50.45 44.15
N ASN A 165 15.83 -50.78 43.22
CA ASN A 165 15.74 -52.11 42.65
C ASN A 165 15.89 -52.08 41.13
N HIS A 166 16.72 -51.17 40.62
CA HIS A 166 16.99 -51.11 39.20
C HIS A 166 18.44 -50.68 38.99
N GLU A 167 18.99 -51.07 37.84
CA GLU A 167 20.39 -50.78 37.51
C GLU A 167 20.46 -49.41 36.86
N THR A 168 21.04 -48.43 37.56
CA THR A 168 21.05 -47.05 37.10
C THR A 168 22.31 -46.68 36.33
N ASN A 169 23.30 -47.57 36.24
CA ASN A 169 24.56 -47.27 35.56
C ASN A 169 24.97 -48.43 34.66
N LYS A 170 24.02 -48.93 33.87
CA LYS A 170 24.33 -49.99 32.91
C LYS A 170 23.63 -49.77 31.57
N GLY A 171 23.24 -48.54 31.26
CA GLY A 171 22.52 -48.26 30.03
C GLY A 171 23.32 -47.46 29.02
N VAL A 172 24.59 -47.80 28.84
CA VAL A 172 25.45 -47.13 27.89
C VAL A 172 25.36 -47.83 26.55
N THR A 173 25.45 -47.06 25.46
CA THR A 173 25.33 -47.58 24.11
C THR A 173 26.49 -47.08 23.26
N ALA A 174 26.70 -47.76 22.14
CA ALA A 174 27.77 -47.40 21.22
C ALA A 174 27.33 -46.35 20.20
N ALA A 175 26.05 -45.98 20.16
CA ALA A 175 25.60 -44.90 19.31
C ALA A 175 25.90 -43.53 19.89
N CYS A 176 26.26 -43.45 21.17
CA CYS A 176 26.64 -42.21 21.83
C CYS A 176 28.00 -42.42 22.49
N PRO A 177 29.07 -42.47 21.71
CA PRO A 177 30.39 -42.72 22.30
C PRO A 177 31.03 -41.47 22.85
N HIS A 178 31.84 -41.67 23.90
CA HIS A 178 32.58 -40.57 24.52
C HIS A 178 33.99 -41.04 24.81
N ALA A 179 34.97 -40.40 24.17
CA ALA A 179 36.39 -40.72 24.35
C ALA A 179 36.68 -42.18 24.05
N GLY A 180 36.03 -42.72 23.02
CA GLY A 180 36.23 -44.09 22.63
C GLY A 180 35.51 -45.12 23.46
N THR A 181 34.66 -44.70 24.39
CA THR A 181 33.90 -45.60 25.24
C THR A 181 32.41 -45.32 25.09
N ASN A 182 31.61 -46.35 25.36
CA ASN A 182 30.16 -46.20 25.28
C ASN A 182 29.67 -45.26 26.37
N SER A 183 28.65 -44.47 26.03
CA SER A 183 28.10 -43.48 26.95
C SER A 183 26.62 -43.29 26.62
N PHE A 184 26.03 -42.25 27.19
CA PHE A 184 24.61 -41.96 27.02
C PHE A 184 24.38 -40.49 27.34
N TYR A 185 23.13 -40.06 27.27
CA TYR A 185 22.78 -38.71 27.64
C TYR A 185 23.01 -38.50 29.14
N LYS A 186 23.04 -37.23 29.54
CA LYS A 186 23.27 -36.86 30.94
C LYS A 186 22.00 -36.53 31.70
N ASN A 187 20.96 -36.07 31.01
CA ASN A 187 19.71 -35.68 31.66
C ASN A 187 18.69 -36.80 31.69
N LEU A 188 19.03 -38.00 31.21
CA LEU A 188 18.13 -39.14 31.22
C LEU A 188 18.86 -40.36 31.74
N ILE A 189 18.13 -41.26 32.38
CA ILE A 189 18.67 -42.50 32.92
C ILE A 189 17.94 -43.67 32.27
N TRP A 190 18.71 -44.61 31.73
CA TRP A 190 18.17 -45.80 31.07
C TRP A 190 18.23 -46.95 32.06
N LEU A 191 17.08 -47.31 32.61
CA LEU A 191 17.00 -48.38 33.60
C LEU A 191 16.86 -49.73 32.92
N VAL A 192 17.57 -50.72 33.45
CA VAL A 192 17.50 -52.09 32.99
C VAL A 192 17.19 -52.99 34.18
N LYS A 193 17.01 -54.28 33.91
CA LYS A 193 16.68 -55.23 34.96
C LYS A 193 17.84 -55.39 35.94
N LYS A 194 17.50 -55.77 37.17
CA LYS A 194 18.50 -55.99 38.22
C LYS A 194 18.23 -57.34 38.85
N GLU A 195 19.22 -58.24 38.79
CA GLU A 195 19.13 -59.58 39.35
C GLU A 195 17.92 -60.34 38.82
N ASN A 196 17.75 -60.29 37.50
CA ASN A 196 16.70 -61.04 36.80
C ASN A 196 15.30 -60.66 37.27
N SER A 197 15.07 -59.38 37.54
CA SER A 197 13.76 -58.92 37.98
C SER A 197 13.60 -57.44 37.64
N TYR A 198 12.41 -57.08 37.15
CA TYR A 198 12.06 -55.70 36.84
C TYR A 198 10.72 -55.40 37.52
N PRO A 199 10.74 -55.04 38.79
CA PRO A 199 9.49 -54.69 39.48
C PRO A 199 8.88 -53.41 38.91
N LYS A 200 7.61 -53.21 39.23
CA LYS A 200 6.87 -52.08 38.70
C LYS A 200 7.42 -50.77 39.23
N ILE A 201 7.38 -49.74 38.37
CA ILE A 201 7.82 -48.40 38.71
C ILE A 201 6.59 -47.52 38.85
N ASN A 202 6.48 -46.84 39.99
CA ASN A 202 5.36 -45.94 40.28
C ASN A 202 5.92 -44.72 40.99
N ILE A 203 6.16 -43.64 40.25
CA ILE A 203 6.78 -42.45 40.80
C ILE A 203 5.96 -41.22 40.43
N SER A 204 6.14 -40.15 41.20
CA SER A 204 5.35 -38.94 41.03
C SER A 204 6.15 -37.73 41.47
N TYR A 205 5.74 -36.56 40.96
CA TYR A 205 6.38 -35.30 41.32
C TYR A 205 5.36 -34.17 41.26
N THR A 206 5.37 -33.31 42.27
CA THR A 206 4.48 -32.16 42.34
C THR A 206 5.28 -30.87 42.24
N ASN A 207 4.71 -29.87 41.57
CA ASN A 207 5.44 -28.67 41.15
C ASN A 207 5.25 -27.57 42.18
N ASN A 208 6.06 -27.60 43.24
CA ASN A 208 6.10 -26.52 44.22
C ASN A 208 7.22 -25.52 43.94
N ARG A 209 7.27 -24.98 42.71
CA ARG A 209 8.34 -24.08 42.32
C ARG A 209 7.87 -22.68 41.93
N GLY A 210 6.58 -22.49 41.64
CA GLY A 210 6.10 -21.20 41.22
C GLY A 210 6.25 -20.90 39.75
N LYS A 211 6.85 -21.81 38.98
CA LYS A 211 7.02 -21.65 37.54
C LYS A 211 6.72 -22.97 36.86
N GLU A 212 6.42 -22.90 35.57
CA GLU A 212 6.17 -24.10 34.79
C GLU A 212 7.48 -24.84 34.53
N VAL A 213 7.41 -26.17 34.56
CA VAL A 213 8.59 -27.02 34.49
C VAL A 213 8.52 -27.88 33.24
N LEU A 214 9.64 -27.97 32.52
CA LEU A 214 9.73 -28.75 31.30
C LEU A 214 10.32 -30.11 31.62
N VAL A 215 9.60 -31.17 31.27
CA VAL A 215 10.01 -32.54 31.55
C VAL A 215 10.17 -33.29 30.23
N LEU A 216 11.20 -34.12 30.14
CA LEU A 216 11.50 -34.91 28.94
C LEU A 216 11.73 -36.36 29.32
N TRP A 217 11.24 -37.27 28.48
CA TRP A 217 11.45 -38.70 28.69
C TRP A 217 11.53 -39.39 27.33
N ALA A 218 11.73 -40.71 27.35
CA ALA A 218 11.89 -41.46 26.12
C ALA A 218 11.39 -42.89 26.32
N ILE A 219 11.06 -43.53 25.19
CA ILE A 219 10.57 -44.91 25.15
C ILE A 219 11.44 -45.69 24.17
N HIS A 220 11.85 -46.88 24.58
CA HIS A 220 12.79 -47.71 23.81
C HIS A 220 12.06 -48.86 23.12
N HIS A 221 12.32 -49.04 21.84
CA HIS A 221 11.78 -50.15 21.05
C HIS A 221 12.90 -51.07 20.62
N PRO A 222 13.07 -52.22 21.27
CA PRO A 222 14.13 -53.17 20.87
C PRO A 222 13.78 -53.85 19.57
N PRO A 223 14.77 -54.44 18.89
CA PRO A 223 14.51 -55.07 17.59
C PRO A 223 14.14 -56.54 17.63
N THR A 224 14.26 -57.22 18.77
CA THR A 224 13.98 -58.63 18.84
C THR A 224 13.38 -58.95 20.20
N SER A 225 12.62 -60.04 20.27
CA SER A 225 12.02 -60.46 21.53
C SER A 225 13.09 -60.88 22.54
N THR A 226 14.16 -61.52 22.07
CA THR A 226 15.24 -61.89 22.98
C THR A 226 15.94 -60.67 23.57
N ASP A 227 16.04 -59.58 22.80
CA ASP A 227 16.61 -58.35 23.34
C ASP A 227 15.72 -57.80 24.46
N GLN A 228 14.40 -57.82 24.26
CA GLN A 228 13.49 -57.36 25.30
C GLN A 228 13.58 -58.24 26.55
N GLN A 229 13.65 -59.55 26.37
CA GLN A 229 13.77 -60.44 27.52
C GLN A 229 15.13 -60.33 28.19
N SER A 230 16.16 -59.87 27.48
CA SER A 230 17.48 -59.69 28.07
C SER A 230 17.67 -58.33 28.71
N LEU A 231 16.85 -57.33 28.35
CA LEU A 231 16.96 -56.01 28.95
C LEU A 231 15.95 -55.78 30.06
N TYR A 232 14.70 -56.22 29.89
CA TYR A 232 13.63 -55.90 30.83
C TYR A 232 12.95 -57.12 31.42
N GLN A 233 13.18 -58.32 30.87
CA GLN A 233 12.75 -59.59 31.45
C GLN A 233 11.24 -59.82 31.30
N ASN A 234 10.52 -58.79 30.87
CA ASN A 234 9.07 -58.87 30.72
C ASN A 234 8.73 -58.88 29.23
N ALA A 235 7.91 -59.86 28.83
CA ALA A 235 7.50 -59.96 27.43
C ALA A 235 6.55 -58.84 27.06
N ASN A 236 5.54 -58.59 27.89
CA ASN A 236 4.54 -57.56 27.66
C ASN A 236 4.81 -56.40 28.63
N SER A 237 4.99 -55.21 28.09
CA SER A 237 5.31 -54.04 28.90
C SER A 237 4.47 -52.85 28.44
N TYR A 238 4.26 -51.92 29.35
CA TYR A 238 3.52 -50.70 29.06
C TYR A 238 4.09 -49.57 29.90
N VAL A 239 3.89 -48.34 29.43
CA VAL A 239 4.33 -47.14 30.16
C VAL A 239 3.17 -46.15 30.16
N PHE A 240 2.70 -45.78 31.33
CA PHE A 240 1.66 -44.77 31.48
C PHE A 240 2.26 -43.49 32.05
N VAL A 241 2.06 -42.38 31.36
CA VAL A 241 2.48 -41.07 31.83
C VAL A 241 1.26 -40.19 31.94
N GLY A 242 1.02 -39.64 33.14
CA GLY A 242 -0.20 -38.87 33.33
C GLY A 242 -0.07 -37.63 34.19
N SER A 243 -0.80 -36.58 33.84
CA SER A 243 -0.86 -35.37 34.64
C SER A 243 -2.30 -34.87 34.63
N SER A 244 -2.51 -33.65 35.11
CA SER A 244 -3.85 -33.08 35.13
C SER A 244 -4.34 -32.76 33.72
N ARG A 245 -3.42 -32.51 32.80
CA ARG A 245 -3.76 -32.20 31.42
C ARG A 245 -3.23 -33.22 30.41
N TYR A 246 -2.12 -33.88 30.71
CA TYR A 246 -1.53 -34.89 29.83
C TYR A 246 -1.88 -36.29 30.33
N SER A 247 -2.07 -37.20 29.38
CA SER A 247 -2.33 -38.61 29.71
C SER A 247 -2.08 -39.49 28.50
N ARG A 248 -1.20 -40.48 28.64
CA ARG A 248 -0.93 -41.36 27.50
C ARG A 248 -0.37 -42.69 27.99
N LYS A 249 -0.63 -43.74 27.21
CA LYS A 249 -0.10 -45.08 27.42
C LYS A 249 0.69 -45.51 26.20
N PHE A 250 1.89 -46.00 26.41
CA PHE A 250 2.81 -46.41 25.35
C PHE A 250 3.07 -47.91 25.46
N GLU A 251 3.14 -48.56 24.31
CA GLU A 251 3.48 -49.97 24.22
C GLU A 251 4.53 -50.15 23.13
N PRO A 252 5.58 -50.93 23.37
CA PRO A 252 6.68 -51.02 22.41
C PRO A 252 6.28 -51.77 21.14
N GLU A 253 7.01 -51.45 20.07
CA GLU A 253 6.89 -52.14 18.77
C GLU A 253 8.21 -52.85 18.52
N ILE A 254 8.19 -54.17 18.57
CA ILE A 254 9.38 -55.00 18.48
C ILE A 254 9.50 -55.50 17.04
N ALA A 255 10.40 -54.89 16.27
CA ALA A 255 10.65 -55.30 14.90
C ALA A 255 12.06 -54.87 14.51
N THR A 256 12.60 -55.52 13.49
CA THR A 256 13.94 -55.24 13.01
C THR A 256 13.86 -54.20 11.88
N ARG A 257 14.64 -53.14 12.00
CA ARG A 257 14.64 -52.03 11.08
C ARG A 257 16.05 -51.81 10.51
N PRO A 258 16.17 -51.15 9.37
CA PRO A 258 17.51 -50.88 8.82
C PRO A 258 18.37 -50.09 9.79
N LYS A 259 19.65 -50.45 9.84
CA LYS A 259 20.57 -49.82 10.79
C LYS A 259 20.85 -48.38 10.39
N VAL A 260 20.88 -47.50 11.39
CA VAL A 260 21.20 -46.09 11.18
C VAL A 260 22.60 -45.77 11.71
N ARG A 261 22.82 -45.98 13.00
CA ARG A 261 24.15 -45.85 13.60
C ARG A 261 24.58 -47.17 14.22
N GLY A 262 24.30 -48.27 13.51
CA GLY A 262 24.57 -49.60 14.02
C GLY A 262 23.48 -50.20 14.86
N GLN A 263 22.36 -49.50 15.03
CA GLN A 263 21.28 -49.94 15.91
C GLN A 263 20.04 -50.28 15.08
N ALA A 264 19.43 -51.42 15.37
CA ALA A 264 18.18 -51.82 14.73
C ALA A 264 16.95 -51.46 15.55
N GLY A 265 17.12 -51.00 16.79
CA GLY A 265 16.03 -50.52 17.59
C GLY A 265 15.87 -49.02 17.48
N ARG A 266 14.84 -48.49 18.15
CA ARG A 266 14.53 -47.08 18.09
C ARG A 266 14.29 -46.51 19.48
N MET A 267 14.28 -45.19 19.56
CA MET A 267 13.97 -44.47 20.80
C MET A 267 13.15 -43.24 20.46
N ASN A 268 11.95 -43.14 21.04
CA ASN A 268 11.07 -42.00 20.81
C ASN A 268 11.14 -41.06 22.00
N TYR A 269 11.29 -39.77 21.73
CA TYR A 269 11.49 -38.76 22.76
C TYR A 269 10.24 -37.89 22.89
N TYR A 270 9.79 -37.68 24.11
CA TYR A 270 8.60 -36.90 24.40
C TYR A 270 8.90 -35.86 25.46
N TRP A 271 8.09 -34.80 25.47
CA TRP A 271 8.25 -33.69 26.42
C TRP A 271 6.88 -33.20 26.85
N THR A 272 6.86 -32.49 27.98
CA THR A 272 5.63 -31.90 28.51
C THR A 272 5.98 -30.72 29.39
N LEU A 273 4.97 -29.87 29.62
CA LEU A 273 5.07 -28.70 30.48
C LEU A 273 4.11 -28.86 31.64
N VAL A 274 4.61 -28.62 32.86
CA VAL A 274 3.83 -28.77 34.08
C VAL A 274 3.59 -27.39 34.68
N GLU A 275 2.33 -27.06 34.91
CA GLU A 275 1.88 -25.80 35.48
C GLU A 275 2.17 -25.75 36.98
N PRO A 276 2.32 -24.56 37.56
CA PRO A 276 2.53 -24.48 39.02
C PRO A 276 1.40 -25.12 39.79
N GLY A 277 1.76 -25.85 40.85
CA GLY A 277 0.78 -26.53 41.68
C GLY A 277 0.28 -27.84 41.12
N ASP A 278 0.82 -28.32 40.01
CA ASP A 278 0.37 -29.52 39.34
C ASP A 278 1.24 -30.71 39.70
N LYS A 279 0.80 -31.89 39.25
CA LYS A 279 1.47 -33.15 39.54
C LYS A 279 1.63 -33.96 38.27
N ILE A 280 2.68 -34.78 38.23
CA ILE A 280 2.94 -35.68 37.12
C ILE A 280 3.31 -37.05 37.68
N THR A 281 2.86 -38.10 37.00
CA THR A 281 3.03 -39.47 37.46
C THR A 281 3.54 -40.35 36.34
N PHE A 282 4.53 -41.18 36.66
CA PHE A 282 5.08 -42.19 35.76
C PHE A 282 4.81 -43.57 36.34
N GLU A 283 4.30 -44.47 35.50
CA GLU A 283 4.10 -45.86 35.87
C GLU A 283 4.62 -46.73 34.74
N ALA A 284 5.36 -47.77 35.07
CA ALA A 284 6.00 -48.55 34.01
C ALA A 284 6.32 -49.95 34.50
N THR A 285 6.50 -50.85 33.53
CA THR A 285 7.01 -52.19 33.76
C THR A 285 8.07 -52.56 32.74
N GLY A 286 8.68 -51.58 32.10
CA GLY A 286 9.73 -51.82 31.12
C GLY A 286 9.76 -50.71 30.09
N ASN A 287 10.86 -50.68 29.35
CA ASN A 287 11.02 -49.81 28.18
C ASN A 287 10.94 -48.33 28.52
N LEU A 288 11.38 -47.94 29.71
CA LEU A 288 11.28 -46.54 30.15
C LEU A 288 12.66 -45.94 30.36
N VAL A 289 12.86 -44.73 29.84
CA VAL A 289 14.06 -43.94 30.04
C VAL A 289 13.64 -42.73 30.86
N VAL A 290 13.99 -42.72 32.15
CA VAL A 290 13.43 -41.74 33.10
C VAL A 290 14.19 -40.42 33.01
N PRO A 291 13.54 -39.31 33.33
CA PRO A 291 14.27 -38.04 33.43
C PRO A 291 15.11 -37.97 34.69
N ARG A 292 16.11 -37.10 34.64
CA ARG A 292 16.95 -36.82 35.80
C ARG A 292 17.01 -35.34 36.15
N TYR A 293 17.03 -34.45 35.14
CA TYR A 293 17.07 -33.02 35.35
C TYR A 293 15.89 -32.36 34.67
N ALA A 294 15.35 -31.32 35.28
CA ALA A 294 14.24 -30.56 34.75
C ALA A 294 14.57 -29.07 34.82
N PHE A 295 13.86 -28.28 34.01
CA PHE A 295 14.12 -26.85 33.88
C PHE A 295 12.87 -26.07 34.22
N ALA A 296 13.03 -25.04 35.06
CA ALA A 296 11.94 -24.14 35.43
C ALA A 296 12.09 -22.86 34.61
N LEU A 297 11.16 -22.63 33.69
CA LEU A 297 11.32 -21.64 32.63
C LEU A 297 10.89 -20.25 33.10
N LYS A 298 11.55 -19.24 32.53
CA LYS A 298 11.17 -17.84 32.71
C LYS A 298 11.09 -17.19 31.34
N ARG A 299 9.97 -16.51 31.08
CA ARG A 299 9.61 -16.06 29.74
C ARG A 299 10.00 -14.62 29.50
N ASN A 300 10.26 -14.29 28.25
CA ASN A 300 10.56 -12.93 27.80
C ASN A 300 10.21 -12.84 26.32
N SER A 301 9.52 -11.77 25.94
CA SER A 301 9.01 -11.65 24.58
C SER A 301 10.11 -11.34 23.59
N GLY A 302 11.03 -10.45 23.94
CA GLY A 302 12.03 -9.98 23.01
C GLY A 302 13.25 -10.86 22.85
N SER A 303 13.04 -12.12 22.47
CA SER A 303 14.13 -13.06 22.24
C SER A 303 13.84 -13.85 20.97
N GLY A 304 14.76 -14.72 20.59
CA GLY A 304 14.58 -15.53 19.40
C GLY A 304 15.77 -16.43 19.17
N ILE A 305 15.67 -17.22 18.11
CA ILE A 305 16.73 -18.14 17.69
C ILE A 305 17.11 -17.78 16.26
N ILE A 306 18.41 -17.54 16.04
CA ILE A 306 18.91 -17.20 14.71
C ILE A 306 19.95 -18.23 14.31
N ILE A 307 20.18 -18.32 13.00
CA ILE A 307 21.17 -19.22 12.42
C ILE A 307 22.19 -18.38 11.67
N SER A 308 23.45 -18.45 12.08
CA SER A 308 24.49 -17.62 11.50
C SER A 308 25.84 -18.31 11.64
N GLU A 309 26.79 -17.87 10.82
CA GLU A 309 28.16 -18.39 10.85
C GLU A 309 29.17 -17.36 11.32
N THR A 310 28.77 -16.11 11.54
CA THR A 310 29.71 -15.09 11.96
C THR A 310 30.13 -15.30 13.41
N PRO A 311 31.37 -14.96 13.76
CA PRO A 311 31.86 -15.22 15.11
C PRO A 311 31.23 -14.28 16.14
N VAL A 312 31.32 -14.70 17.40
CA VAL A 312 30.78 -13.95 18.53
C VAL A 312 31.90 -13.17 19.18
N HIS A 313 31.70 -11.86 19.37
CA HIS A 313 32.72 -11.02 19.99
C HIS A 313 32.15 -10.22 21.16
N ASP A 314 32.99 -9.39 21.77
CA ASP A 314 32.66 -8.66 23.00
C ASP A 314 32.16 -7.25 22.70
N CYS A 315 31.05 -7.13 21.98
CA CYS A 315 30.50 -5.82 21.63
C CYS A 315 29.43 -5.39 22.63
N ASP A 316 28.69 -4.36 22.26
CA ASP A 316 27.38 -4.05 22.82
C ASP A 316 26.58 -3.31 21.75
N THR A 317 25.35 -3.75 21.53
CA THR A 317 24.55 -3.21 20.44
C THR A 317 23.09 -3.12 20.87
N THR A 318 22.25 -2.67 19.94
CA THR A 318 20.82 -2.54 20.19
C THR A 318 20.03 -3.27 19.11
N CYS A 319 20.59 -3.34 17.90
CA CYS A 319 19.98 -4.03 16.78
C CYS A 319 20.94 -5.08 16.25
N GLN A 320 20.47 -6.30 16.08
CA GLN A 320 21.31 -7.42 15.66
C GLN A 320 20.65 -8.16 14.49
N THR A 321 21.46 -8.54 13.52
CA THR A 321 21.07 -9.34 12.38
C THR A 321 22.02 -10.52 12.26
N PRO A 322 21.62 -11.58 11.55
CA PRO A 322 22.54 -12.72 11.36
C PRO A 322 23.83 -12.35 10.64
N ASN A 323 23.86 -11.23 9.91
CA ASN A 323 25.07 -10.78 9.24
C ASN A 323 25.95 -9.90 10.13
N GLY A 324 25.33 -9.08 10.98
CA GLY A 324 26.09 -8.21 11.86
C GLY A 324 25.18 -7.24 12.56
N ALA A 325 25.78 -6.46 13.45
CA ALA A 325 25.05 -5.47 14.23
C ALA A 325 24.95 -4.16 13.48
N ILE A 326 23.85 -3.43 13.73
CA ILE A 326 23.57 -2.17 13.06
C ILE A 326 23.55 -1.06 14.11
N ASN A 327 24.29 0.01 13.85
CA ASN A 327 24.38 1.16 14.75
C ASN A 327 24.00 2.39 13.93
N THR A 328 22.71 2.72 13.91
CA THR A 328 22.21 3.78 13.03
C THR A 328 20.89 4.29 13.57
N SER A 329 20.46 5.44 13.03
CA SER A 329 19.17 6.03 13.34
C SER A 329 18.31 6.22 12.10
N LEU A 330 18.75 5.75 10.94
CA LEU A 330 17.98 5.90 9.72
C LEU A 330 16.73 5.03 9.76
N PRO A 331 15.68 5.40 9.03
CA PRO A 331 14.42 4.65 9.09
C PRO A 331 14.37 3.39 8.24
N PHE A 332 15.35 3.14 7.38
CA PHE A 332 15.34 1.99 6.49
C PHE A 332 16.68 1.28 6.51
N GLN A 333 16.65 -0.01 6.16
CA GLN A 333 17.85 -0.80 6.00
C GLN A 333 17.60 -1.86 4.94
N ASN A 334 18.69 -2.38 4.37
CA ASN A 334 18.60 -3.43 3.36
C ASN A 334 19.65 -4.51 3.61
N ILE A 335 19.82 -4.91 4.87
CA ILE A 335 20.85 -5.87 5.24
C ILE A 335 20.23 -7.26 5.38
N HIS A 336 19.21 -7.39 6.22
CA HIS A 336 18.60 -8.70 6.47
C HIS A 336 17.19 -8.52 6.98
N PRO A 337 16.23 -9.32 6.51
CA PRO A 337 14.85 -9.22 7.04
C PRO A 337 14.72 -9.71 8.47
N VAL A 338 15.67 -10.48 8.99
CA VAL A 338 15.60 -11.02 10.34
C VAL A 338 16.38 -10.11 11.27
N THR A 339 15.73 -9.65 12.35
CA THR A 339 16.32 -8.69 13.26
C THR A 339 15.96 -9.05 14.69
N ILE A 340 16.81 -8.62 15.62
CA ILE A 340 16.58 -8.77 17.05
C ILE A 340 16.80 -7.42 17.71
N GLY A 341 15.76 -6.90 18.36
CA GLY A 341 15.87 -5.63 19.04
C GLY A 341 15.04 -4.53 18.40
N GLU A 342 15.56 -3.30 18.43
CA GLU A 342 14.92 -2.15 17.79
C GLU A 342 15.69 -1.85 16.51
N CYS A 343 15.08 -2.16 15.37
CA CYS A 343 15.76 -2.13 14.09
C CYS A 343 14.91 -1.38 13.07
N PRO A 344 15.55 -0.83 12.03
CA PRO A 344 14.79 -0.14 10.99
C PRO A 344 14.04 -1.11 10.09
N LYS A 345 13.10 -0.57 9.33
CA LYS A 345 12.32 -1.37 8.39
C LYS A 345 13.19 -1.86 7.25
N TYR A 346 12.94 -3.08 6.79
CA TYR A 346 13.71 -3.70 5.73
C TYR A 346 13.04 -3.48 4.38
N VAL A 347 13.80 -2.96 3.41
CA VAL A 347 13.34 -2.79 2.04
C VAL A 347 14.42 -3.35 1.12
N LYS A 348 13.99 -3.78 -0.07
CA LYS A 348 14.90 -4.33 -1.07
C LYS A 348 15.49 -3.26 -1.97
N SER A 349 15.44 -2.00 -1.57
CA SER A 349 15.95 -0.92 -2.39
C SER A 349 17.47 -0.84 -2.30
N THR A 350 18.05 -0.06 -3.21
CA THR A 350 19.48 0.22 -3.20
C THR A 350 19.81 1.69 -2.95
N LYS A 351 18.91 2.61 -3.29
CA LYS A 351 19.14 4.03 -3.09
C LYS A 351 17.84 4.68 -2.64
N LEU A 352 17.93 5.52 -1.60
CA LEU A 352 16.79 6.29 -1.11
C LEU A 352 17.34 7.62 -0.58
N ARG A 353 17.33 8.63 -1.44
CA ARG A 353 17.84 9.95 -1.10
C ARG A 353 16.74 10.98 -1.26
N MET A 354 16.58 11.84 -0.26
CA MET A 354 15.53 12.85 -0.24
C MET A 354 16.15 14.23 -0.38
N ALA A 355 15.65 15.01 -1.34
CA ALA A 355 16.18 16.33 -1.61
C ALA A 355 15.66 17.36 -0.63
N THR A 356 16.53 18.26 -0.19
CA THR A 356 16.15 19.37 0.66
C THR A 356 16.57 20.73 0.13
N GLY A 357 17.37 20.79 -0.93
CA GLY A 357 17.80 22.04 -1.52
C GLY A 357 17.29 22.23 -2.93
N LEU A 358 17.81 23.27 -3.57
CA LEU A 358 17.38 23.64 -4.92
C LEU A 358 18.09 22.77 -5.94
N ARG A 359 17.87 23.06 -7.21
CA ARG A 359 18.65 22.46 -8.29
C ARG A 359 19.99 23.18 -8.39
N ASN A 360 21.06 22.40 -8.52
CA ASN A 360 22.41 22.95 -8.48
C ASN A 360 22.85 23.32 -9.88
N ILE A 361 23.04 24.62 -10.12
CA ILE A 361 23.60 25.13 -11.37
C ILE A 361 24.74 26.07 -11.02
N PRO A 362 25.90 25.54 -10.64
CA PRO A 362 26.99 26.42 -10.15
C PRO A 362 27.44 27.44 -11.19
N SER A 363 27.49 27.07 -12.46
CA SER A 363 27.90 27.99 -13.52
C SER A 363 27.57 27.40 -14.88
N GLY A 368 11.18 23.99 -14.79
CA GLY A 368 10.26 23.93 -13.67
C GLY A 368 8.85 24.33 -14.05
N LEU A 369 7.91 24.12 -13.13
CA LEU A 369 6.52 24.45 -13.40
C LEU A 369 6.28 25.96 -13.45
N PHE A 370 7.15 26.76 -12.84
CA PHE A 370 6.96 28.20 -12.77
C PHE A 370 7.98 28.99 -13.57
N GLY A 371 8.99 28.34 -14.16
CA GLY A 371 9.87 28.99 -15.09
C GLY A 371 10.83 30.01 -14.50
N ALA A 372 11.13 29.91 -13.20
CA ALA A 372 12.05 30.84 -12.55
C ALA A 372 13.47 30.28 -12.46
N ILE A 373 13.63 29.11 -11.84
CA ILE A 373 14.94 28.48 -11.74
C ILE A 373 15.26 27.82 -13.09
N ALA A 374 16.43 28.16 -13.64
CA ALA A 374 16.84 27.72 -14.97
C ALA A 374 15.84 28.17 -16.04
N GLY A 375 15.14 29.26 -15.77
CA GLY A 375 14.22 29.85 -16.73
C GLY A 375 14.72 31.18 -17.21
N PHE A 376 14.14 32.27 -16.74
CA PHE A 376 14.67 33.59 -17.05
C PHE A 376 15.79 34.01 -16.12
N ILE A 377 16.07 33.22 -15.08
CA ILE A 377 17.28 33.35 -14.27
C ILE A 377 18.09 32.08 -14.51
N GLU A 378 19.14 32.20 -15.33
CA GLU A 378 19.76 31.02 -15.90
C GLU A 378 20.62 30.23 -14.92
N GLY A 379 21.26 30.89 -13.96
CA GLY A 379 22.17 30.20 -13.08
C GLY A 379 22.16 30.76 -11.67
N GLY A 380 22.76 30.00 -10.75
CA GLY A 380 22.83 30.37 -9.37
C GLY A 380 24.10 31.13 -9.03
N TRP A 381 24.17 31.58 -7.78
CA TRP A 381 25.28 32.39 -7.27
C TRP A 381 26.02 31.60 -6.20
N THR A 382 27.32 31.39 -6.40
CA THR A 382 28.16 30.79 -5.37
C THR A 382 28.64 31.81 -4.35
N GLY A 383 28.41 33.10 -4.58
CA GLY A 383 28.80 34.12 -3.63
C GLY A 383 27.81 34.34 -2.50
N MET A 384 26.60 33.81 -2.62
CA MET A 384 25.61 33.86 -1.56
C MET A 384 25.71 32.58 -0.75
N ILE A 385 26.15 32.69 0.50
CA ILE A 385 26.46 31.53 1.33
C ILE A 385 25.53 31.37 2.52
N ASP A 386 24.73 32.39 2.86
CA ASP A 386 23.95 32.38 4.08
C ASP A 386 22.44 32.26 3.82
N GLY A 387 22.04 31.76 2.67
CA GLY A 387 20.62 31.64 2.38
C GLY A 387 20.39 30.95 1.06
N TRP A 388 19.11 30.77 0.74
CA TRP A 388 18.68 30.14 -0.50
C TRP A 388 18.31 31.15 -1.58
N TYR A 389 17.65 32.24 -1.21
CA TYR A 389 17.26 33.29 -2.15
C TYR A 389 17.72 34.63 -1.60
N GLY A 390 18.11 35.53 -2.49
CA GLY A 390 18.63 36.81 -2.05
C GLY A 390 18.76 37.80 -3.18
N TYR A 391 19.48 38.88 -2.90
CA TYR A 391 19.67 39.99 -3.80
C TYR A 391 21.17 40.22 -4.03
N HIS A 392 21.48 40.86 -5.15
CA HIS A 392 22.81 41.37 -5.44
C HIS A 392 22.68 42.80 -5.94
N HIS A 393 23.35 43.73 -5.26
CA HIS A 393 23.21 45.14 -5.58
C HIS A 393 24.57 45.71 -5.97
N GLN A 394 24.51 46.85 -6.67
CA GLN A 394 25.73 47.54 -7.11
C GLN A 394 25.37 49.00 -7.34
N ASN A 395 26.12 49.90 -6.70
CA ASN A 395 25.90 51.34 -6.84
C ASN A 395 27.24 52.04 -6.65
N GLU A 396 27.19 53.35 -6.41
CA GLU A 396 28.42 54.12 -6.24
C GLU A 396 29.22 53.64 -5.03
N GLN A 397 28.54 53.33 -3.93
CA GLN A 397 29.24 52.87 -2.73
C GLN A 397 29.95 51.55 -2.98
N GLY A 398 29.30 50.61 -3.64
CA GLY A 398 29.91 49.33 -3.92
C GLY A 398 28.86 48.27 -4.22
N SER A 399 29.34 47.07 -4.48
CA SER A 399 28.51 45.94 -4.86
C SER A 399 28.55 44.87 -3.77
N GLY A 400 27.58 43.98 -3.81
CA GLY A 400 27.59 42.86 -2.88
C GLY A 400 26.28 42.10 -2.88
N TYR A 401 26.34 40.92 -2.27
CA TYR A 401 25.21 40.02 -2.12
C TYR A 401 24.56 40.20 -0.75
N ALA A 402 23.33 39.72 -0.62
CA ALA A 402 22.64 39.73 0.66
C ALA A 402 21.47 38.76 0.59
N ALA A 403 21.42 37.80 1.51
CA ALA A 403 20.36 36.81 1.50
C ALA A 403 19.06 37.40 2.05
N ASP A 404 17.95 36.79 1.65
CA ASP A 404 16.63 37.14 2.15
C ASP A 404 16.25 36.17 3.26
N LEU A 405 15.86 36.73 4.41
CA LEU A 405 15.69 35.92 5.61
C LEU A 405 14.29 35.32 5.74
N LYS A 406 13.25 36.06 5.39
CA LYS A 406 11.88 35.58 5.61
C LYS A 406 11.56 34.38 4.71
N SER A 407 11.86 34.50 3.42
CA SER A 407 11.56 33.41 2.50
C SER A 407 12.39 32.17 2.83
N THR A 408 13.67 32.37 3.14
CA THR A 408 14.52 31.25 3.52
C THR A 408 14.01 30.58 4.79
N GLN A 409 13.58 31.36 5.78
CA GLN A 409 13.05 30.79 7.01
C GLN A 409 11.79 29.98 6.75
N ASN A 410 10.87 30.52 5.94
CA ASN A 410 9.65 29.78 5.63
C ASN A 410 9.95 28.49 4.90
N ALA A 411 10.88 28.53 3.94
CA ALA A 411 11.25 27.33 3.21
C ALA A 411 11.88 26.30 4.14
N ILE A 412 12.73 26.74 5.07
CA ILE A 412 13.36 25.82 6.01
C ILE A 412 12.31 25.16 6.90
N ASP A 413 11.36 25.95 7.40
CA ASP A 413 10.28 25.39 8.21
C ASP A 413 9.51 24.32 7.43
N GLY A 414 9.14 24.64 6.19
CA GLY A 414 8.40 23.67 5.39
C GLY A 414 9.16 22.40 5.13
N ILE A 415 10.45 22.51 4.78
CA ILE A 415 11.24 21.34 4.44
C ILE A 415 11.46 20.45 5.67
N THR A 416 11.77 21.06 6.83
CA THR A 416 11.94 20.27 8.03
C THR A 416 10.63 19.59 8.42
N ASN A 417 9.50 20.29 8.27
CA ASN A 417 8.21 19.66 8.55
C ASN A 417 7.97 18.47 7.64
N LYS A 418 8.31 18.59 6.35
CA LYS A 418 8.14 17.49 5.42
C LYS A 418 8.99 16.28 5.81
N VAL A 419 10.26 16.54 6.17
CA VAL A 419 11.14 15.43 6.54
C VAL A 419 10.63 14.75 7.81
N ASN A 420 10.21 15.53 8.80
CA ASN A 420 9.69 14.94 10.04
C ASN A 420 8.43 14.13 9.78
N SER A 421 7.55 14.63 8.92
CA SER A 421 6.33 13.88 8.57
C SER A 421 6.67 12.57 7.90
N VAL A 422 7.65 12.58 6.99
CA VAL A 422 8.07 11.34 6.35
C VAL A 422 8.63 10.36 7.37
N ILE A 423 9.44 10.85 8.30
CA ILE A 423 10.07 9.98 9.30
C ILE A 423 9.01 9.34 10.20
N GLU A 424 8.04 10.15 10.66
CA GLU A 424 7.12 9.66 11.69
C GLU A 424 6.09 8.67 11.17
N LYS A 425 5.90 8.59 9.85
CA LYS A 425 4.90 7.68 9.29
C LYS A 425 5.39 6.25 9.17
N MET A 426 6.68 6.00 9.34
CA MET A 426 7.26 4.66 9.24
C MET A 426 7.71 4.22 10.64
N ASN A 427 7.00 3.27 11.22
CA ASN A 427 7.29 2.80 12.57
C ASN A 427 8.49 1.85 12.56
N THR A 428 9.03 1.60 13.75
CA THR A 428 10.24 0.81 13.91
C THR A 428 9.92 -0.68 13.97
N GLN A 429 10.75 -1.47 13.31
CA GLN A 429 10.59 -2.92 13.31
C GLN A 429 11.04 -3.51 14.64
N PHE A 430 10.22 -4.39 15.20
CA PHE A 430 10.57 -5.12 16.42
C PHE A 430 11.18 -6.47 16.04
N THR A 431 11.32 -7.35 17.03
CA THR A 431 11.87 -8.68 16.78
C THR A 431 10.97 -9.47 15.83
N ALA A 432 11.60 -10.14 14.87
CA ALA A 432 10.86 -10.96 13.90
C ALA A 432 11.82 -12.03 13.39
N VAL A 433 11.66 -13.26 13.87
CA VAL A 433 12.51 -14.38 13.49
C VAL A 433 11.66 -15.41 12.73
N GLY A 434 12.34 -16.39 12.14
CA GLY A 434 11.69 -17.39 11.33
C GLY A 434 11.15 -18.56 12.15
N LYS A 435 10.47 -19.46 11.44
CA LYS A 435 9.88 -20.66 12.02
C LYS A 435 10.44 -21.89 11.33
N GLU A 436 10.17 -23.05 11.91
CA GLU A 436 10.62 -24.33 11.39
C GLU A 436 9.44 -25.26 11.19
N PHE A 437 9.45 -26.00 10.09
CA PHE A 437 8.39 -26.94 9.75
C PHE A 437 9.01 -28.27 9.33
N SER A 438 8.26 -29.35 9.53
CA SER A 438 8.75 -30.69 9.21
C SER A 438 8.52 -30.98 7.73
N HIS A 439 8.76 -32.23 7.33
CA HIS A 439 8.62 -32.61 5.93
C HIS A 439 7.18 -32.90 5.53
N LEU A 440 6.25 -32.96 6.48
CA LEU A 440 4.84 -33.16 6.19
C LEU A 440 4.01 -31.91 6.43
N GLU A 441 4.64 -30.74 6.40
CA GLU A 441 3.98 -29.46 6.65
C GLU A 441 4.41 -28.43 5.62
N ARG A 442 4.35 -28.81 4.34
CA ARG A 442 4.81 -27.92 3.28
C ARG A 442 3.82 -26.81 2.97
N ARG A 443 2.52 -27.05 3.16
CA ARG A 443 1.51 -26.05 2.80
C ARG A 443 1.63 -24.83 3.71
N ILE A 444 1.73 -25.04 5.02
CA ILE A 444 1.84 -23.91 5.94
C ILE A 444 3.18 -23.20 5.78
N GLU A 445 4.24 -23.95 5.46
CA GLU A 445 5.54 -23.34 5.19
C GLU A 445 5.46 -22.41 3.98
N ASN A 446 4.82 -22.88 2.91
CA ASN A 446 4.66 -22.05 1.72
C ASN A 446 3.79 -20.83 2.01
N LEU A 447 2.75 -20.99 2.83
CA LEU A 447 1.91 -19.85 3.21
C LEU A 447 2.72 -18.82 3.98
N ASN A 448 3.55 -19.25 4.92
CA ASN A 448 4.37 -18.33 5.69
C ASN A 448 5.34 -17.57 4.78
N LYS A 449 5.99 -18.29 3.85
CA LYS A 449 6.91 -17.64 2.93
C LYS A 449 6.19 -16.63 2.05
N LYS A 450 4.99 -16.98 1.57
CA LYS A 450 4.20 -16.07 0.75
C LYS A 450 3.86 -14.79 1.51
N VAL A 451 3.45 -14.92 2.77
CA VAL A 451 3.11 -13.75 3.58
C VAL A 451 4.31 -12.83 3.72
N ASP A 452 5.47 -13.42 4.06
CA ASP A 452 6.67 -12.62 4.25
C ASP A 452 7.04 -11.85 2.98
N ASP A 453 7.06 -12.55 1.85
CA ASP A 453 7.44 -11.92 0.59
C ASP A 453 6.46 -10.81 0.21
N GLY A 454 5.16 -11.06 0.38
CA GLY A 454 4.18 -10.04 0.02
C GLY A 454 4.35 -8.77 0.83
N PHE A 455 4.53 -8.90 2.14
CA PHE A 455 4.70 -7.71 2.96
C PHE A 455 5.96 -6.95 2.58
N ILE A 456 7.05 -7.67 2.32
CA ILE A 456 8.31 -7.01 1.96
C ILE A 456 8.12 -6.22 0.66
N ASP A 457 7.48 -6.83 -0.33
CA ASP A 457 7.28 -6.15 -1.62
C ASP A 457 6.42 -4.90 -1.45
N ILE A 458 5.35 -5.00 -0.66
CA ILE A 458 4.46 -3.86 -0.47
C ILE A 458 5.21 -2.68 0.14
N TRP A 459 6.02 -2.95 1.17
CA TRP A 459 6.70 -1.85 1.85
C TRP A 459 7.80 -1.24 0.96
N THR A 460 8.49 -2.07 0.17
CA THR A 460 9.47 -1.52 -0.77
C THR A 460 8.81 -0.57 -1.76
N TYR A 461 7.68 -1.00 -2.33
CA TYR A 461 6.96 -0.15 -3.27
C TYR A 461 6.55 1.17 -2.63
N ASN A 462 6.02 1.11 -1.41
CA ASN A 462 5.57 2.32 -0.73
C ASN A 462 6.72 3.31 -0.55
N ALA A 463 7.86 2.83 -0.04
CA ALA A 463 8.99 3.72 0.21
C ALA A 463 9.48 4.38 -1.07
N GLU A 464 9.66 3.58 -2.13
CA GLU A 464 10.19 4.15 -3.36
C GLU A 464 9.24 5.19 -3.96
N LEU A 465 7.94 4.90 -3.98
CA LEU A 465 6.99 5.86 -4.53
C LEU A 465 6.97 7.15 -3.73
N LEU A 466 7.00 7.05 -2.39
CA LEU A 466 6.98 8.25 -1.57
C LEU A 466 8.17 9.15 -1.88
N VAL A 467 9.37 8.56 -1.94
CA VAL A 467 10.56 9.38 -2.21
C VAL A 467 10.45 10.03 -3.59
N LEU A 468 10.03 9.25 -4.59
CA LEU A 468 9.95 9.77 -5.95
C LEU A 468 9.02 10.97 -6.06
N LEU A 469 7.87 10.92 -5.37
CA LEU A 469 6.94 12.03 -5.46
C LEU A 469 7.42 13.26 -4.68
N GLU A 470 7.96 13.03 -3.47
CA GLU A 470 8.34 14.18 -2.65
C GLU A 470 9.50 14.96 -3.26
N ASN A 471 10.39 14.29 -4.01
CA ASN A 471 11.49 15.04 -4.65
C ASN A 471 10.96 16.08 -5.63
N GLU A 472 10.01 15.68 -6.48
CA GLU A 472 9.42 16.60 -7.44
C GLU A 472 8.69 17.73 -6.74
N ARG A 473 7.94 17.40 -5.68
CA ARG A 473 7.23 18.46 -4.96
C ARG A 473 8.21 19.48 -4.39
N THR A 474 9.34 19.02 -3.83
CA THR A 474 10.32 19.95 -3.26
C THR A 474 10.90 20.86 -4.34
N LEU A 475 11.25 20.30 -5.50
CA LEU A 475 11.83 21.13 -6.55
C LEU A 475 10.85 22.20 -7.01
N ASP A 476 9.58 21.83 -7.19
CA ASP A 476 8.59 22.83 -7.59
C ASP A 476 8.39 23.88 -6.51
N TYR A 477 8.47 23.47 -5.24
CA TYR A 477 8.37 24.42 -4.12
C TYR A 477 9.42 25.50 -4.23
N HIS A 478 10.68 25.11 -4.41
CA HIS A 478 11.75 26.11 -4.52
C HIS A 478 11.56 26.99 -5.75
N ASP A 479 11.17 26.38 -6.88
CA ASP A 479 10.97 27.15 -8.11
C ASP A 479 9.90 28.23 -7.92
N SER A 480 8.84 27.91 -7.17
CA SER A 480 7.81 28.91 -6.91
C SER A 480 8.28 29.98 -5.93
N ASN A 481 9.09 29.58 -4.94
CA ASN A 481 9.56 30.55 -3.95
C ASN A 481 10.44 31.62 -4.59
N VAL A 482 11.21 31.26 -5.61
CA VAL A 482 12.03 32.28 -6.28
C VAL A 482 11.15 33.30 -7.01
N LYS A 483 10.15 32.81 -7.76
CA LYS A 483 9.32 33.68 -8.58
C LYS A 483 8.46 34.61 -7.74
N THR A 484 8.00 34.14 -6.56
CA THR A 484 7.21 35.02 -5.70
C THR A 484 8.01 36.25 -5.28
N LEU A 485 9.26 36.05 -4.88
CA LEU A 485 10.12 37.18 -4.50
C LEU A 485 10.38 38.09 -5.69
N TYR A 486 10.61 37.51 -6.87
CA TYR A 486 10.81 38.36 -8.05
C TYR A 486 9.59 39.24 -8.31
N GLU A 487 8.39 38.65 -8.21
CA GLU A 487 7.17 39.44 -8.44
C GLU A 487 6.99 40.53 -7.40
N LYS A 488 7.31 40.23 -6.14
CA LYS A 488 7.24 41.26 -5.10
C LYS A 488 8.14 42.45 -5.44
N VAL A 489 9.40 42.17 -5.78
CA VAL A 489 10.34 43.25 -6.07
C VAL A 489 9.89 44.02 -7.31
N ARG A 490 9.36 43.32 -8.31
CA ARG A 490 8.87 44.02 -9.50
C ARG A 490 7.71 44.94 -9.16
N SER A 491 6.78 44.48 -8.31
CA SER A 491 5.64 45.30 -7.94
C SER A 491 6.08 46.54 -7.18
N GLN A 492 7.12 46.43 -6.35
CA GLN A 492 7.54 47.59 -5.57
C GLN A 492 8.18 48.67 -6.45
N LEU A 493 8.76 48.29 -7.58
CA LEU A 493 9.54 49.20 -8.44
C LEU A 493 8.76 49.62 -9.69
N LYS A 494 7.48 49.93 -9.53
CA LYS A 494 6.54 50.09 -10.63
C LYS A 494 7.11 50.83 -11.84
N ASN A 495 7.52 52.08 -11.67
CA ASN A 495 7.94 52.90 -12.79
C ASN A 495 9.28 53.59 -12.59
N ASN A 496 9.88 53.53 -11.41
CA ASN A 496 11.18 54.13 -11.18
C ASN A 496 12.33 53.24 -11.61
N ALA A 497 12.04 52.04 -12.11
CA ALA A 497 13.06 51.10 -12.54
C ALA A 497 12.66 50.50 -13.89
N LYS A 498 13.67 50.03 -14.62
CA LYS A 498 13.49 49.43 -15.92
C LYS A 498 13.81 47.93 -15.84
N GLU A 499 12.91 47.12 -16.38
CA GLU A 499 13.07 45.67 -16.40
C GLU A 499 13.92 45.29 -17.61
N ILE A 500 15.13 44.80 -17.36
CA ILE A 500 16.08 44.51 -18.41
C ILE A 500 16.29 43.00 -18.60
N GLY A 501 15.48 42.18 -17.95
CA GLY A 501 15.57 40.74 -18.08
C GLY A 501 16.67 40.15 -17.22
N ASN A 502 16.66 38.81 -17.15
CA ASN A 502 17.59 38.03 -16.33
C ASN A 502 17.44 38.31 -14.84
N GLY A 503 16.31 38.88 -14.43
CA GLY A 503 16.02 39.08 -13.04
C GLY A 503 16.56 40.35 -12.41
N CYS A 504 17.03 41.31 -13.20
CA CYS A 504 17.59 42.54 -12.65
C CYS A 504 16.79 43.75 -13.12
N PHE A 505 16.83 44.81 -12.31
CA PHE A 505 16.18 46.07 -12.59
C PHE A 505 17.22 47.19 -12.57
N GLU A 506 17.13 48.10 -13.52
CA GLU A 506 18.05 49.24 -13.60
C GLU A 506 17.31 50.51 -13.22
N PHE A 507 17.83 51.22 -12.24
CA PHE A 507 17.11 52.36 -11.68
C PHE A 507 17.18 53.57 -12.60
N TYR A 508 16.09 54.34 -12.62
CA TYR A 508 16.02 55.59 -13.36
C TYR A 508 16.58 56.78 -12.58
N HIS A 509 16.91 56.59 -11.32
CA HIS A 509 17.43 57.66 -10.47
C HIS A 509 18.61 57.13 -9.68
N LYS A 510 19.06 57.90 -8.69
CA LYS A 510 20.19 57.52 -7.87
C LYS A 510 19.67 56.83 -6.61
N CYS A 511 19.97 55.54 -6.47
CA CYS A 511 19.53 54.73 -5.34
C CYS A 511 20.76 54.43 -4.49
N ASP A 512 20.89 55.13 -3.37
CA ASP A 512 22.04 54.97 -2.49
C ASP A 512 21.82 53.76 -1.59
N ASP A 513 22.67 53.61 -0.57
CA ASP A 513 22.59 52.46 0.32
C ASP A 513 21.26 52.43 1.08
N THR A 514 20.80 53.59 1.54
CA THR A 514 19.52 53.65 2.24
C THR A 514 18.37 53.24 1.32
N CYS A 515 18.41 53.68 0.07
CA CYS A 515 17.36 53.30 -0.88
C CYS A 515 17.36 51.80 -1.13
N MET A 516 18.55 51.20 -1.26
CA MET A 516 18.63 49.75 -1.45
C MET A 516 18.13 49.00 -0.23
N GLU A 517 18.48 49.48 0.97
CA GLU A 517 17.98 48.85 2.19
C GLU A 517 16.46 48.94 2.28
N SER A 518 15.90 50.08 1.87
CA SER A 518 14.44 50.22 1.87
C SER A 518 13.79 49.32 0.83
N VAL A 519 14.45 49.13 -0.31
CA VAL A 519 13.93 48.21 -1.32
C VAL A 519 13.91 46.78 -0.79
N LYS A 520 15.00 46.38 -0.15
CA LYS A 520 15.09 45.01 0.35
C LYS A 520 14.18 44.77 1.55
N ASN A 521 13.99 45.80 2.39
CA ASN A 521 13.15 45.65 3.58
C ASN A 521 11.68 45.46 3.21
N GLY A 522 11.19 46.21 2.24
CA GLY A 522 9.82 46.08 1.81
C GLY A 522 8.99 47.32 1.97
N THR A 523 9.64 48.46 2.19
CA THR A 523 8.96 49.74 2.41
C THR A 523 9.51 50.81 1.47
N TYR A 524 9.62 50.47 0.19
CA TYR A 524 10.16 51.41 -0.79
C TYR A 524 9.21 52.58 -0.96
N ASP A 525 9.78 53.80 -0.95
CA ASP A 525 8.99 55.03 -1.02
C ASP A 525 8.84 55.44 -2.47
N TYR A 526 7.77 54.98 -3.11
CA TYR A 526 7.54 55.29 -4.52
C TYR A 526 7.32 56.78 -4.78
N PRO A 527 6.44 57.49 -4.06
CA PRO A 527 6.22 58.91 -4.40
C PRO A 527 7.45 59.78 -4.27
N LYS A 528 8.34 59.50 -3.31
CA LYS A 528 9.49 60.34 -3.09
C LYS A 528 10.43 60.32 -4.29
N TYR A 529 10.76 59.14 -4.78
CA TYR A 529 11.68 59.01 -5.90
C TYR A 529 10.93 59.05 -7.23
N VAL B 21 9.89 23.17 23.54
CA VAL B 21 11.22 22.66 23.29
C VAL B 21 12.01 22.59 24.59
N GLN B 22 12.59 21.44 24.87
CA GLN B 22 13.41 21.22 26.06
C GLN B 22 14.78 20.71 25.64
N LEU B 23 15.83 21.32 26.18
CA LEU B 23 17.21 20.97 25.88
C LEU B 23 17.84 20.37 27.13
N VAL B 24 18.35 19.15 27.02
CA VAL B 24 18.97 18.45 28.14
C VAL B 24 20.40 18.07 27.76
N GLU B 25 21.30 18.14 28.73
CA GLU B 25 22.70 17.82 28.53
C GLU B 25 23.06 16.52 29.25
N SER B 26 24.30 16.09 29.08
CA SER B 26 24.80 14.87 29.70
C SER B 26 25.15 15.15 31.16
N GLY B 27 25.80 14.17 31.80
CA GLY B 27 26.14 14.30 33.20
C GLY B 27 27.39 15.12 33.44
N ALA B 28 27.73 15.29 34.71
CA ALA B 28 28.90 16.06 35.09
C ALA B 28 30.17 15.33 34.68
N GLU B 29 31.22 16.11 34.40
CA GLU B 29 32.49 15.59 33.95
C GLU B 29 33.61 16.08 34.86
N VAL B 30 34.45 15.14 35.30
CA VAL B 30 35.67 15.45 36.03
C VAL B 30 36.82 14.78 35.30
N LYS B 31 37.84 15.54 34.93
CA LYS B 31 38.87 15.06 34.03
C LYS B 31 40.22 15.55 34.53
N LYS B 32 41.24 15.42 33.68
CA LYS B 32 42.62 15.71 34.01
C LYS B 32 43.18 16.73 33.03
N PRO B 33 44.17 17.52 33.44
CA PRO B 33 44.77 18.49 32.52
C PRO B 33 45.34 17.81 31.29
N GLY B 34 45.10 18.41 30.13
CA GLY B 34 45.57 17.87 28.87
C GLY B 34 44.66 16.86 28.21
N SER B 35 43.46 16.64 28.74
CA SER B 35 42.54 15.66 28.20
C SER B 35 41.58 16.33 27.21
N SER B 36 40.56 15.59 26.77
CA SER B 36 39.55 16.08 25.85
C SER B 36 38.19 15.60 26.32
N VAL B 37 37.21 16.49 26.33
CA VAL B 37 35.87 16.19 26.84
C VAL B 37 34.84 16.49 25.77
N LYS B 38 33.92 15.55 25.56
CA LYS B 38 32.85 15.70 24.59
C LYS B 38 31.52 15.68 25.33
N VAL B 39 30.72 16.72 25.16
CA VAL B 39 29.40 16.82 25.79
C VAL B 39 28.34 16.83 24.69
N SER B 40 27.11 16.49 25.09
CA SER B 40 26.01 16.35 24.15
C SER B 40 24.79 17.12 24.66
N CYS B 41 23.92 17.47 23.73
CA CYS B 41 22.69 18.18 24.02
C CYS B 41 21.58 17.59 23.16
N LYS B 42 20.46 17.27 23.79
CA LYS B 42 19.31 16.65 23.13
C LYS B 42 18.09 17.54 23.27
N ALA B 43 17.38 17.73 22.16
CA ALA B 43 16.21 18.59 22.10
C ALA B 43 14.97 17.76 21.81
N SER B 44 13.86 18.13 22.45
CA SER B 44 12.62 17.41 22.27
C SER B 44 11.95 17.80 20.95
N GLY B 45 10.97 16.99 20.55
CA GLY B 45 10.25 17.23 19.32
C GLY B 45 10.79 16.41 18.17
N GLY B 46 10.52 16.89 16.96
CA GLY B 46 10.99 16.25 15.76
C GLY B 46 12.50 16.25 15.68
N PRO B 47 13.07 15.20 15.08
CA PRO B 47 14.54 15.11 15.00
C PRO B 47 15.20 16.26 14.26
N PHE B 48 14.50 16.88 13.32
CA PHE B 48 15.06 17.96 12.50
C PHE B 48 14.60 19.31 13.03
N ARG B 49 15.54 20.22 13.22
CA ARG B 49 15.28 21.53 13.79
C ARG B 49 15.29 22.60 12.69
N SER B 50 14.56 23.69 12.96
CA SER B 50 14.56 24.85 12.10
C SER B 50 15.28 26.04 12.74
N TYR B 51 16.07 25.79 13.78
CA TYR B 51 16.76 26.84 14.51
C TYR B 51 18.20 26.44 14.76
N ALA B 52 19.07 27.44 14.88
CA ALA B 52 20.47 27.21 15.19
C ALA B 52 20.65 26.90 16.67
N ILE B 53 21.78 26.30 17.03
CA ILE B 53 22.06 25.95 18.41
C ILE B 53 23.47 26.37 18.77
N SER B 54 23.63 27.06 19.90
CA SER B 54 24.91 27.57 20.35
C SER B 54 25.27 26.99 21.71
N TRP B 55 26.55 27.11 22.06
CA TRP B 55 27.07 26.62 23.33
C TRP B 55 27.62 27.80 24.14
N VAL B 56 27.20 27.89 25.41
CA VAL B 56 27.57 29.02 26.27
C VAL B 56 28.10 28.47 27.59
N ARG B 57 29.20 29.04 28.08
CA ARG B 57 29.78 28.62 29.35
C ARG B 57 29.89 29.81 30.30
N GLN B 58 29.95 29.48 31.59
CA GLN B 58 30.08 30.48 32.64
C GLN B 58 31.10 30.00 33.67
N ALA B 59 31.99 30.89 34.06
CA ALA B 59 32.96 30.63 35.12
C ALA B 59 32.36 31.02 36.46
N PRO B 60 32.84 30.42 37.55
CA PRO B 60 32.31 30.79 38.88
C PRO B 60 32.57 32.26 39.18
N GLY B 61 31.48 32.99 39.42
CA GLY B 61 31.58 34.41 39.70
C GLY B 61 31.88 35.28 38.51
N GLN B 62 31.59 34.81 37.29
CA GLN B 62 31.89 35.53 36.07
C GLN B 62 30.67 35.53 35.16
N GLY B 63 30.73 36.37 34.12
CA GLY B 63 29.68 36.45 33.14
C GLY B 63 29.77 35.35 32.11
N PRO B 64 28.69 35.13 31.36
CA PRO B 64 28.68 34.06 30.38
C PRO B 64 29.62 34.33 29.20
N GLU B 65 30.09 33.25 28.58
CA GLU B 65 30.95 33.32 27.42
C GLU B 65 30.43 32.37 26.34
N TRP B 66 30.60 32.78 25.08
CA TRP B 66 30.03 32.08 23.93
C TRP B 66 31.16 31.42 23.14
N MET B 67 31.02 30.11 22.89
CA MET B 67 32.00 29.38 22.10
C MET B 67 31.67 29.42 20.62
N GLY B 68 30.50 28.90 20.26
CA GLY B 68 30.13 28.82 18.86
C GLY B 68 28.78 28.15 18.71
N GLY B 69 28.34 28.07 17.47
CA GLY B 69 27.04 27.51 17.15
C GLY B 69 27.03 26.82 15.80
N ILE B 70 25.92 26.11 15.57
CA ILE B 70 25.70 25.33 14.36
C ILE B 70 24.34 25.71 13.78
N ILE B 71 24.26 25.65 12.45
CA ILE B 71 23.13 26.11 11.65
C ILE B 71 22.45 24.92 10.99
N PRO B 72 21.12 24.86 10.95
CA PRO B 72 20.44 23.71 10.33
C PRO B 72 20.59 23.69 8.82
N ILE B 73 20.47 22.48 8.27
CA ILE B 73 20.48 22.21 6.83
C ILE B 73 21.80 22.62 6.19
N PHE B 74 22.15 23.91 6.27
CA PHE B 74 23.42 24.36 5.70
C PHE B 74 24.60 23.72 6.41
N GLY B 75 24.53 23.60 7.73
CA GLY B 75 25.54 22.88 8.48
C GLY B 75 26.79 23.66 8.81
N THR B 76 26.83 24.95 8.50
CA THR B 76 28.01 25.75 8.82
C THR B 76 28.12 25.93 10.33
N THR B 77 29.36 26.01 10.80
CA THR B 77 29.65 26.17 12.22
C THR B 77 30.47 27.43 12.43
N LYS B 78 30.16 28.17 13.49
CA LYS B 78 30.90 29.38 13.83
C LYS B 78 31.46 29.25 15.24
N TYR B 79 32.67 29.78 15.45
CA TYR B 79 33.35 29.70 16.73
C TYR B 79 33.89 31.07 17.11
N ALA B 80 34.06 31.27 18.42
CA ALA B 80 34.66 32.48 18.93
C ALA B 80 36.18 32.44 18.74
N PRO B 81 36.82 33.62 18.63
CA PRO B 81 38.28 33.63 18.45
C PRO B 81 39.06 33.08 19.64
N LYS B 82 38.49 33.13 20.84
CA LYS B 82 39.21 32.62 22.01
C LYS B 82 39.33 31.10 21.98
N PHE B 83 38.25 30.42 21.58
CA PHE B 83 38.22 28.96 21.55
C PHE B 83 38.52 28.39 20.17
N GLN B 84 38.85 29.23 19.20
CA GLN B 84 39.15 28.75 17.86
C GLN B 84 40.39 27.86 17.88
N GLY B 85 40.30 26.70 17.22
CA GLY B 85 41.39 25.77 17.13
C GLY B 85 41.30 24.59 18.08
N ARG B 86 40.46 24.66 19.12
CA ARG B 86 40.36 23.56 20.07
C ARG B 86 38.93 23.26 20.48
N VAL B 87 37.93 23.62 19.66
CA VAL B 87 36.54 23.28 19.93
C VAL B 87 35.91 22.81 18.63
N THR B 88 35.09 21.76 18.71
CA THR B 88 34.45 21.18 17.54
C THR B 88 32.98 20.93 17.85
N ILE B 89 32.10 21.44 16.99
CA ILE B 89 30.66 21.30 17.16
C ILE B 89 30.12 20.50 15.98
N THR B 90 29.45 19.39 16.28
CA THR B 90 28.83 18.54 15.26
C THR B 90 27.39 18.29 15.63
N ALA B 91 26.65 17.69 14.69
CA ALA B 91 25.23 17.42 14.90
C ALA B 91 24.85 16.09 14.28
N ASP B 92 24.08 15.30 15.02
CA ASP B 92 23.43 14.11 14.50
C ASP B 92 21.96 14.45 14.28
N ASP B 93 21.57 14.60 13.02
CA ASP B 93 20.24 15.11 12.69
C ASP B 93 19.14 14.08 12.92
N PHE B 94 19.38 12.82 12.55
CA PHE B 94 18.35 11.81 12.72
C PHE B 94 18.14 11.44 14.18
N ALA B 95 19.15 11.63 15.03
CA ALA B 95 18.99 11.45 16.46
C ALA B 95 18.61 12.73 17.20
N GLY B 96 18.65 13.87 16.52
CA GLY B 96 18.31 15.14 17.16
C GLY B 96 19.29 15.53 18.26
N THR B 97 20.58 15.33 18.04
CA THR B 97 21.59 15.56 19.06
C THR B 97 22.65 16.51 18.54
N VAL B 98 23.24 17.29 19.44
CA VAL B 98 24.32 18.21 19.09
C VAL B 98 25.49 17.96 20.04
N TYR B 99 26.67 17.74 19.49
CA TYR B 99 27.85 17.43 20.27
C TYR B 99 28.85 18.59 20.21
N MET B 100 29.48 18.87 21.35
CA MET B 100 30.55 19.85 21.42
C MET B 100 31.73 19.24 22.14
N GLU B 101 32.90 19.27 21.51
CA GLU B 101 34.10 18.64 22.03
C GLU B 101 35.19 19.69 22.23
N LEU B 102 35.80 19.67 23.41
CA LEU B 102 36.89 20.58 23.77
C LEU B 102 38.15 19.75 23.98
N SER B 103 39.24 20.18 23.36
CA SER B 103 40.51 19.48 23.42
C SER B 103 41.57 20.39 24.05
N SER B 104 42.71 19.78 24.39
CA SER B 104 43.81 20.48 25.07
C SER B 104 43.32 21.16 26.34
N LEU B 105 42.54 20.41 27.12
CA LEU B 105 41.89 20.96 28.30
C LEU B 105 42.91 21.44 29.31
N ARG B 106 42.59 22.54 30.00
CA ARG B 106 43.50 23.14 30.96
C ARG B 106 42.80 23.41 32.29
N SER B 107 43.47 24.13 33.19
CA SER B 107 42.91 24.38 34.52
C SER B 107 41.73 25.34 34.45
N GLU B 108 41.82 26.38 33.63
CA GLU B 108 40.77 27.39 33.56
C GLU B 108 39.52 26.89 32.84
N ASP B 109 39.57 25.73 32.20
CA ASP B 109 38.44 25.25 31.43
C ASP B 109 37.28 24.76 32.30
N THR B 110 37.48 24.61 33.60
CA THR B 110 36.37 24.24 34.47
C THR B 110 35.31 25.34 34.45
N ALA B 111 34.04 24.93 34.26
CA ALA B 111 32.98 25.90 34.06
C ALA B 111 31.63 25.19 34.07
N MET B 112 30.58 25.97 33.82
CA MET B 112 29.20 25.51 33.78
C MET B 112 28.68 25.74 32.36
N TYR B 113 28.18 24.69 31.72
CA TYR B 113 27.94 24.67 30.28
C TYR B 113 26.46 24.54 29.98
N TYR B 114 26.00 25.27 28.98
CA TYR B 114 24.62 25.23 28.50
C TYR B 114 24.61 25.16 26.99
N CYS B 115 23.55 24.54 26.45
CA CYS B 115 23.21 24.62 25.04
C CYS B 115 21.95 25.45 24.89
N ALA B 116 22.02 26.47 24.05
CA ALA B 116 20.94 27.45 23.90
C ALA B 116 20.44 27.49 22.47
N LYS B 117 19.12 27.62 22.31
CA LYS B 117 18.52 27.67 20.99
C LYS B 117 18.17 29.11 20.61
N HIS B 118 18.21 29.38 19.31
CA HIS B 118 17.92 30.70 18.77
C HIS B 118 16.50 30.75 18.21
N MET B 119 16.05 31.97 17.90
CA MET B 119 14.72 32.15 17.35
C MET B 119 14.65 31.77 15.88
N GLY B 120 15.72 32.00 15.11
CA GLY B 120 15.72 31.67 13.71
C GLY B 120 16.79 30.67 13.33
N TYR B 121 17.07 30.54 12.04
CA TYR B 121 18.04 29.59 11.54
C TYR B 121 19.46 30.13 11.52
N GLN B 122 19.66 31.37 11.96
CA GLN B 122 20.97 32.01 11.95
C GLN B 122 21.45 32.27 13.36
N VAL B 123 22.77 32.23 13.54
CA VAL B 123 23.36 32.50 14.85
C VAL B 123 23.31 34.01 15.12
N ARG B 124 22.76 34.39 16.25
CA ARG B 124 22.58 35.79 16.60
C ARG B 124 22.70 35.95 18.11
N GLU B 125 22.39 37.14 18.61
CA GLU B 125 22.49 37.43 20.03
C GLU B 125 21.28 36.95 20.82
N THR B 126 20.18 36.61 20.15
CA THR B 126 18.91 36.32 20.82
C THR B 126 18.79 34.81 21.02
N MET B 127 19.07 34.36 22.24
CA MET B 127 18.85 32.98 22.64
C MET B 127 17.68 32.95 23.61
N ASP B 128 16.61 32.25 23.25
CA ASP B 128 15.37 32.31 24.00
C ASP B 128 15.15 31.11 24.92
N VAL B 129 15.74 29.95 24.62
CA VAL B 129 15.59 28.76 25.45
C VAL B 129 16.98 28.23 25.81
N TRP B 130 17.20 28.01 27.10
CA TRP B 130 18.46 27.50 27.63
C TRP B 130 18.22 26.18 28.32
N GLY B 131 19.26 25.34 28.36
CA GLY B 131 19.22 24.10 29.10
C GLY B 131 19.62 24.28 30.55
N LYS B 132 19.54 23.17 31.30
CA LYS B 132 19.94 23.22 32.70
C LYS B 132 21.46 23.32 32.85
N GLY B 133 22.21 22.67 31.96
CA GLY B 133 23.65 22.75 31.95
C GLY B 133 24.30 21.54 32.59
N THR B 134 25.63 21.49 32.45
CA THR B 134 26.46 20.47 33.08
C THR B 134 27.75 21.11 33.54
N THR B 135 28.39 20.50 34.54
CA THR B 135 29.60 21.06 35.12
C THR B 135 30.81 20.30 34.62
N VAL B 136 31.85 21.05 34.22
CA VAL B 136 33.11 20.46 33.79
C VAL B 136 34.21 20.90 34.75
N THR B 137 34.91 19.93 35.31
CA THR B 137 35.90 20.18 36.35
C THR B 137 37.22 19.53 35.96
N VAL B 138 38.32 20.18 36.32
CA VAL B 138 39.65 19.64 36.09
C VAL B 138 40.31 19.28 37.43
N SER C 40 -13.21 57.81 -6.92
CA SER C 40 -12.88 57.69 -8.34
C SER C 40 -13.43 56.40 -8.92
N ASP C 41 -14.21 55.68 -8.10
CA ASP C 41 -14.84 54.40 -8.44
C ASP C 41 -13.79 53.29 -8.44
N LYS C 42 -14.08 52.20 -7.73
CA LYS C 42 -13.11 51.14 -7.54
C LYS C 42 -13.80 49.78 -7.62
N ILE C 43 -13.04 48.76 -8.00
CA ILE C 43 -13.47 47.38 -7.94
C ILE C 43 -12.34 46.56 -7.34
N CYS C 44 -12.69 45.58 -6.53
CA CYS C 44 -11.71 44.77 -5.81
C CYS C 44 -12.05 43.29 -5.96
N ILE C 45 -11.05 42.45 -5.74
CA ILE C 45 -11.18 41.01 -5.83
C ILE C 45 -10.72 40.40 -4.52
N GLY C 46 -11.52 39.49 -3.96
CA GLY C 46 -11.21 38.88 -2.69
C GLY C 46 -11.78 37.49 -2.54
N TYR C 47 -11.75 36.93 -1.32
CA TYR C 47 -12.23 35.59 -1.07
C TYR C 47 -13.02 35.56 0.23
N HIS C 48 -13.52 34.37 0.57
CA HIS C 48 -14.45 34.16 1.67
C HIS C 48 -13.73 33.95 2.99
N ALA C 49 -14.40 34.31 4.08
CA ALA C 49 -13.89 34.08 5.43
C ALA C 49 -15.06 34.04 6.39
N ASN C 50 -14.97 33.17 7.40
CA ASN C 50 -16.02 33.04 8.41
C ASN C 50 -15.36 32.82 9.76
N ASN C 51 -16.16 32.39 10.75
CA ASN C 51 -15.71 32.24 12.12
C ASN C 51 -15.47 30.78 12.50
N SER C 52 -15.22 29.91 11.53
CA SER C 52 -14.96 28.52 11.84
C SER C 52 -13.59 28.36 12.50
N THR C 53 -13.44 27.27 13.25
CA THR C 53 -12.21 27.00 13.98
C THR C 53 -11.73 25.56 13.80
N ASP C 54 -12.10 24.92 12.70
CA ASP C 54 -11.64 23.56 12.42
C ASP C 54 -10.31 23.60 11.69
N THR C 55 -9.40 22.73 12.10
CA THR C 55 -8.03 22.72 11.58
C THR C 55 -7.74 21.40 10.89
N VAL C 56 -6.87 21.46 9.88
CA VAL C 56 -6.44 20.29 9.13
C VAL C 56 -4.91 20.24 9.13
N ASP C 57 -4.39 19.08 8.78
CA ASP C 57 -2.95 18.84 8.76
C ASP C 57 -2.46 18.65 7.33
N THR C 58 -1.28 19.21 7.05
CA THR C 58 -0.65 19.15 5.74
C THR C 58 0.77 18.64 5.90
N VAL C 59 1.31 18.09 4.82
CA VAL C 59 2.68 17.59 4.85
C VAL C 59 3.69 18.73 4.99
N LEU C 60 3.27 19.96 4.76
CA LEU C 60 4.15 21.12 4.85
C LEU C 60 3.88 21.99 6.08
N GLU C 61 2.71 21.86 6.70
CA GLU C 61 2.31 22.70 7.82
C GLU C 61 1.25 21.98 8.62
N LYS C 62 1.17 22.31 9.91
CA LYS C 62 0.24 21.66 10.83
C LYS C 62 -0.72 22.69 11.41
N ASN C 63 -1.94 22.23 11.71
CA ASN C 63 -2.97 23.04 12.36
C ASN C 63 -3.36 24.25 11.52
N VAL C 64 -3.76 24.00 10.28
CA VAL C 64 -4.20 25.07 9.38
C VAL C 64 -5.71 25.23 9.51
N THR C 65 -6.17 26.43 9.83
CA THR C 65 -7.59 26.71 9.94
C THR C 65 -8.19 26.91 8.56
N VAL C 66 -9.32 26.25 8.30
CA VAL C 66 -9.98 26.30 7.00
C VAL C 66 -11.43 26.71 7.18
N THR C 67 -12.04 27.17 6.09
CA THR C 67 -13.42 27.65 6.15
C THR C 67 -14.41 26.49 6.28
N HIS C 68 -14.19 25.41 5.53
CA HIS C 68 -15.08 24.26 5.57
C HIS C 68 -14.25 22.99 5.53
N SER C 69 -14.77 21.92 6.14
CA SER C 69 -14.10 20.64 6.18
C SER C 69 -15.11 19.54 6.52
N VAL C 70 -14.67 18.29 6.35
CA VAL C 70 -15.48 17.12 6.68
C VAL C 70 -14.63 16.16 7.50
N ASN C 71 -15.31 15.33 8.28
CA ASN C 71 -14.67 14.35 9.15
C ASN C 71 -14.93 12.95 8.60
N LEU C 72 -13.86 12.15 8.48
CA LEU C 72 -13.94 10.83 7.87
C LEU C 72 -13.75 9.70 8.87
N LEU C 73 -13.68 9.99 10.17
CA LEU C 73 -13.42 8.99 11.19
C LEU C 73 -14.54 8.99 12.22
N GLU C 74 -14.95 7.79 12.62
CA GLU C 74 -16.00 7.60 13.62
C GLU C 74 -15.41 6.95 14.85
N ASN C 75 -15.73 7.48 16.03
CA ASN C 75 -15.17 6.97 17.28
C ASN C 75 -16.21 6.93 18.40
N LYS C 76 -17.47 6.68 18.05
CA LYS C 76 -18.56 6.67 19.03
C LYS C 76 -19.42 5.43 18.86
N HIS C 77 -19.83 4.85 19.99
CA HIS C 77 -20.74 3.72 20.02
C HIS C 77 -21.70 3.91 21.19
N ASN C 78 -22.63 2.97 21.35
CA ASN C 78 -23.62 3.06 22.42
C ASN C 78 -23.31 2.15 23.61
N GLY C 79 -22.30 1.29 23.51
CA GLY C 79 -21.92 0.45 24.62
C GLY C 79 -22.95 -0.59 25.03
N LYS C 80 -23.61 -1.23 24.07
CA LYS C 80 -24.59 -2.27 24.33
C LYS C 80 -24.45 -3.37 23.31
N LEU C 81 -24.90 -4.57 23.67
CA LEU C 81 -25.07 -5.67 22.73
C LEU C 81 -26.52 -5.66 22.28
N CYS C 82 -26.72 -5.52 20.97
CA CYS C 82 -28.03 -5.21 20.42
C CYS C 82 -28.36 -6.13 19.24
N LYS C 83 -29.65 -6.23 18.94
CA LYS C 83 -30.11 -7.14 17.89
C LYS C 83 -29.58 -6.71 16.52
N LEU C 84 -29.29 -7.70 15.67
CA LEU C 84 -28.79 -7.45 14.32
C LEU C 84 -29.92 -7.69 13.33
N ARG C 85 -30.52 -6.59 12.85
CA ARG C 85 -31.59 -6.63 11.86
C ARG C 85 -32.77 -7.47 12.34
N GLY C 86 -33.20 -7.21 13.57
CA GLY C 86 -34.41 -7.81 14.10
C GLY C 86 -34.27 -9.21 14.66
N VAL C 87 -33.05 -9.74 14.77
CA VAL C 87 -32.82 -11.07 15.33
C VAL C 87 -31.90 -10.92 16.54
N ALA C 88 -32.34 -11.46 17.67
CA ALA C 88 -31.57 -11.37 18.90
C ALA C 88 -30.39 -12.34 18.88
N PRO C 89 -29.29 -12.00 19.56
CA PRO C 89 -28.14 -12.90 19.64
C PRO C 89 -28.40 -14.03 20.63
N LEU C 90 -27.45 -14.96 20.68
CA LEU C 90 -27.48 -16.06 21.64
C LEU C 90 -26.40 -15.82 22.68
N HIS C 91 -26.81 -15.56 23.92
CA HIS C 91 -25.89 -15.28 25.00
C HIS C 91 -25.79 -16.52 25.89
N LEU C 92 -24.61 -17.13 25.90
CA LEU C 92 -24.43 -18.36 26.67
C LEU C 92 -24.36 -18.09 28.17
N GLY C 93 -23.65 -17.05 28.56
CA GLY C 93 -23.57 -16.68 29.98
C GLY C 93 -22.44 -17.41 30.68
N LYS C 94 -22.79 -18.27 31.64
CA LYS C 94 -21.80 -19.02 32.40
C LYS C 94 -21.30 -20.26 31.67
N CYS C 95 -21.91 -20.63 30.55
CA CYS C 95 -21.53 -21.80 29.79
C CYS C 95 -20.72 -21.43 28.56
N ASN C 96 -20.15 -22.44 27.92
CA ASN C 96 -19.41 -22.28 26.67
C ASN C 96 -20.01 -23.21 25.63
N ILE C 97 -19.32 -23.33 24.48
CA ILE C 97 -19.82 -24.16 23.39
C ILE C 97 -19.94 -25.61 23.83
N ALA C 98 -18.91 -26.13 24.50
CA ALA C 98 -18.92 -27.52 24.93
C ALA C 98 -20.04 -27.78 25.93
N GLY C 99 -20.21 -26.90 26.92
CA GLY C 99 -21.26 -27.09 27.89
C GLY C 99 -22.65 -26.85 27.34
N TRP C 100 -22.76 -26.01 26.30
CA TRP C 100 -24.05 -25.77 25.66
C TRP C 100 -24.48 -26.98 24.85
N LEU C 101 -23.56 -27.54 24.05
CA LEU C 101 -23.93 -28.67 23.20
C LEU C 101 -24.03 -29.98 23.97
N LEU C 102 -23.17 -30.18 24.98
CA LEU C 102 -23.17 -31.44 25.71
C LEU C 102 -24.37 -31.56 26.63
N GLY C 103 -24.92 -30.44 27.10
CA GLY C 103 -26.04 -30.48 28.00
C GLY C 103 -25.63 -30.41 29.46
N ASN C 104 -24.78 -29.45 29.79
CA ASN C 104 -24.30 -29.32 31.16
C ASN C 104 -25.48 -29.02 32.08
N PRO C 105 -25.47 -29.52 33.31
CA PRO C 105 -26.60 -29.25 34.23
C PRO C 105 -26.76 -27.78 34.57
N GLU C 106 -25.74 -26.95 34.38
CA GLU C 106 -25.84 -25.53 34.67
C GLU C 106 -26.39 -24.71 33.51
N CYS C 107 -26.61 -25.32 32.34
CA CYS C 107 -27.05 -24.61 31.15
C CYS C 107 -28.48 -24.94 30.77
N GLU C 108 -29.32 -25.28 31.76
CA GLU C 108 -30.68 -25.69 31.48
C GLU C 108 -31.50 -24.57 30.85
N SER C 109 -31.05 -23.32 30.95
CA SER C 109 -31.73 -22.20 30.31
C SER C 109 -31.47 -22.10 28.81
N LEU C 110 -30.49 -22.84 28.30
CA LEU C 110 -30.13 -22.77 26.89
C LEU C 110 -30.76 -23.89 26.07
N ALA C 111 -31.65 -24.68 26.67
CA ALA C 111 -32.26 -25.81 25.98
C ALA C 111 -33.39 -25.40 25.05
N THR C 112 -33.79 -24.13 25.04
CA THR C 112 -34.90 -23.67 24.22
C THR C 112 -34.48 -22.87 22.99
N ALA C 113 -33.26 -22.34 22.98
CA ALA C 113 -32.82 -21.51 21.86
C ALA C 113 -32.69 -22.31 20.58
N SER C 114 -33.17 -21.73 19.48
CA SER C 114 -33.12 -22.38 18.18
C SER C 114 -32.63 -21.49 17.05
N SER C 115 -32.71 -20.17 17.18
CA SER C 115 -32.24 -19.26 16.15
C SER C 115 -31.50 -18.09 16.79
N TRP C 116 -30.54 -17.54 16.06
CA TRP C 116 -29.72 -16.44 16.56
C TRP C 116 -29.08 -15.72 15.37
N SER C 117 -28.52 -14.54 15.67
CA SER C 117 -27.74 -13.79 14.70
C SER C 117 -26.23 -13.91 14.93
N TYR C 118 -25.81 -13.95 16.19
CA TYR C 118 -24.43 -14.23 16.53
C TYR C 118 -24.39 -14.77 17.95
N ILE C 119 -23.27 -15.40 18.30
CA ILE C 119 -23.08 -16.03 19.60
C ILE C 119 -22.15 -15.15 20.44
N VAL C 120 -22.53 -14.94 21.70
CA VAL C 120 -21.78 -14.10 22.62
C VAL C 120 -21.25 -14.97 23.76
N GLU C 121 -19.99 -14.79 24.11
CA GLU C 121 -19.35 -15.52 25.19
C GLU C 121 -18.69 -14.54 26.15
N THR C 122 -18.50 -14.99 27.38
CA THR C 122 -17.95 -14.17 28.44
C THR C 122 -16.66 -14.80 28.93
N SER C 123 -15.74 -13.96 29.44
CA SER C 123 -14.48 -14.48 29.97
C SER C 123 -14.69 -15.34 31.21
N SER C 124 -15.87 -15.27 31.83
CA SER C 124 -16.21 -16.10 32.97
C SER C 124 -16.95 -17.38 32.57
N SER C 125 -17.05 -17.67 31.28
CA SER C 125 -17.71 -18.88 30.80
C SER C 125 -16.79 -20.07 31.07
N ASN C 126 -17.11 -20.83 32.12
CA ASN C 126 -16.26 -21.94 32.53
C ASN C 126 -17.00 -23.24 32.76
N ASN C 127 -18.30 -23.30 32.49
CA ASN C 127 -19.09 -24.51 32.71
C ASN C 127 -19.13 -25.30 31.41
N GLY C 128 -18.11 -26.13 31.21
CA GLY C 128 -18.01 -26.94 30.01
C GLY C 128 -18.18 -28.42 30.27
N THR C 129 -17.08 -29.16 30.27
CA THR C 129 -17.09 -30.59 30.56
C THR C 129 -16.80 -30.79 32.05
N CYS C 130 -17.83 -31.10 32.82
CA CYS C 130 -17.65 -31.29 34.26
C CYS C 130 -16.76 -32.49 34.56
N TYR C 131 -16.97 -33.60 33.87
CA TYR C 131 -16.12 -34.77 34.05
C TYR C 131 -14.78 -34.55 33.36
N PRO C 132 -13.66 -34.73 34.06
CA PRO C 132 -12.35 -34.46 33.46
C PRO C 132 -12.10 -35.34 32.23
N GLY C 133 -11.43 -34.76 31.25
CA GLY C 133 -11.13 -35.48 30.03
C GLY C 133 -10.72 -34.52 28.93
N ASP C 134 -10.62 -35.07 27.72
CA ASP C 134 -10.17 -34.34 26.55
C ASP C 134 -11.31 -34.27 25.52
N PHE C 135 -11.49 -33.10 24.92
CA PHE C 135 -12.44 -32.90 23.85
C PHE C 135 -11.68 -32.83 22.54
N ILE C 136 -11.91 -33.80 21.65
CA ILE C 136 -11.12 -33.95 20.45
C ILE C 136 -11.66 -33.02 19.37
N ASN C 137 -10.77 -32.20 18.80
CA ASN C 137 -11.11 -31.25 17.74
C ASN C 137 -12.20 -30.27 18.20
N TYR C 138 -11.92 -29.61 19.32
CA TYR C 138 -12.88 -28.64 19.86
C TYR C 138 -12.88 -27.35 19.05
N GLU C 139 -11.69 -26.87 18.66
CA GLU C 139 -11.61 -25.63 17.89
C GLU C 139 -12.20 -25.79 16.50
N GLU C 140 -12.07 -26.98 15.91
CA GLU C 140 -12.73 -27.24 14.63
C GLU C 140 -14.25 -27.17 14.77
N LEU C 141 -14.78 -27.69 15.89
CA LEU C 141 -16.22 -27.60 16.13
C LEU C 141 -16.65 -26.15 16.29
N ARG C 142 -15.83 -25.35 16.99
CA ARG C 142 -16.15 -23.92 17.11
C ARG C 142 -16.16 -23.24 15.75
N GLU C 143 -15.18 -23.57 14.90
CA GLU C 143 -15.14 -22.98 13.56
C GLU C 143 -16.34 -23.40 12.73
N GLN C 144 -16.78 -24.66 12.86
CA GLN C 144 -17.96 -25.11 12.15
C GLN C 144 -19.20 -24.38 12.62
N LEU C 145 -19.35 -24.21 13.94
CA LEU C 145 -20.52 -23.53 14.47
C LEU C 145 -20.50 -22.03 14.19
N SER C 146 -19.34 -21.47 13.87
CA SER C 146 -19.25 -20.04 13.57
C SER C 146 -19.95 -19.66 12.27
N SER C 147 -20.57 -20.61 11.56
CA SER C 147 -21.29 -20.32 10.32
C SER C 147 -22.61 -21.06 10.29
N VAL C 148 -23.28 -21.13 11.44
CA VAL C 148 -24.58 -21.80 11.57
C VAL C 148 -25.55 -20.80 12.16
N SER C 149 -26.74 -20.69 11.57
CA SER C 149 -27.74 -19.73 12.02
C SER C 149 -28.86 -20.34 12.85
N SER C 150 -29.13 -21.63 12.70
CA SER C 150 -30.21 -22.27 13.45
C SER C 150 -30.07 -23.78 13.29
N PHE C 151 -30.65 -24.51 14.25
CA PHE C 151 -30.78 -25.95 14.14
C PHE C 151 -32.08 -26.40 14.79
N GLU C 152 -32.39 -27.68 14.64
CA GLU C 152 -33.52 -28.30 15.32
C GLU C 152 -33.02 -29.52 16.09
N LYS C 153 -33.36 -29.58 17.36
CA LYS C 153 -32.89 -30.66 18.24
C LYS C 153 -33.94 -31.76 18.29
N PHE C 154 -33.56 -32.97 17.90
CA PHE C 154 -34.44 -34.12 17.90
C PHE C 154 -33.79 -35.26 18.65
N GLU C 155 -34.61 -36.21 19.09
CA GLU C 155 -34.14 -37.36 19.84
C GLU C 155 -33.70 -38.44 18.85
N ILE C 156 -32.40 -38.75 18.85
CA ILE C 156 -31.87 -39.70 17.87
C ILE C 156 -32.05 -41.13 18.36
N PHE C 157 -31.92 -41.37 19.66
CA PHE C 157 -32.17 -42.68 20.26
C PHE C 157 -33.08 -42.48 21.47
N PRO C 158 -34.37 -42.80 21.35
CA PRO C 158 -35.28 -42.63 22.50
C PRO C 158 -34.82 -43.42 23.70
N LYS C 159 -34.93 -42.80 24.87
CA LYS C 159 -34.37 -43.40 26.09
C LYS C 159 -35.21 -44.59 26.55
N THR C 160 -36.52 -44.55 26.35
CA THR C 160 -37.42 -45.56 26.90
C THR C 160 -37.64 -46.75 25.98
N SER C 161 -37.07 -46.75 24.77
CA SER C 161 -37.34 -47.82 23.83
C SER C 161 -36.10 -48.28 23.06
N SER C 162 -34.90 -47.91 23.47
CA SER C 162 -33.69 -48.29 22.76
C SER C 162 -32.77 -49.22 23.52
N TRP C 163 -32.85 -49.25 24.86
CA TRP C 163 -31.92 -50.02 25.69
C TRP C 163 -32.71 -50.90 26.65
N PRO C 164 -33.31 -51.99 26.15
CA PRO C 164 -34.11 -52.85 27.04
C PRO C 164 -33.29 -53.61 28.06
N ASN C 165 -31.99 -53.79 27.84
CA ASN C 165 -31.15 -54.63 28.70
C ASN C 165 -29.97 -53.85 29.26
N HIS C 166 -30.16 -52.57 29.54
CA HIS C 166 -29.13 -51.75 30.15
C HIS C 166 -29.77 -50.74 31.09
N GLU C 167 -29.00 -50.30 32.07
CA GLU C 167 -29.48 -49.36 33.08
C GLU C 167 -29.30 -47.94 32.56
N THR C 168 -30.40 -47.27 32.26
CA THR C 168 -30.36 -45.95 31.63
C THR C 168 -30.41 -44.80 32.63
N ASN C 169 -30.62 -45.07 33.91
CA ASN C 169 -30.73 -44.03 34.93
C ASN C 169 -29.91 -44.38 36.16
N LYS C 170 -28.65 -44.79 35.93
CA LYS C 170 -27.75 -45.08 37.04
C LYS C 170 -26.34 -44.56 36.78
N GLY C 171 -26.18 -43.60 35.87
CA GLY C 171 -24.86 -43.10 35.53
C GLY C 171 -24.62 -41.68 36.00
N VAL C 172 -25.05 -41.37 37.21
CA VAL C 172 -24.85 -40.04 37.78
C VAL C 172 -23.51 -39.99 38.50
N THR C 173 -22.87 -38.84 38.46
CA THR C 173 -21.56 -38.64 39.06
C THR C 173 -21.58 -37.38 39.92
N ALA C 174 -20.59 -37.27 40.81
CA ALA C 174 -20.43 -36.13 41.69
C ALA C 174 -19.53 -35.04 41.10
N ALA C 175 -18.94 -35.28 39.92
CA ALA C 175 -18.22 -34.23 39.22
C ALA C 175 -19.17 -33.29 38.49
N CYS C 176 -20.44 -33.67 38.33
CA CYS C 176 -21.46 -32.82 37.73
C CYS C 176 -22.64 -32.77 38.71
N PRO C 177 -22.52 -32.03 39.80
CA PRO C 177 -23.58 -31.99 40.79
C PRO C 177 -24.67 -30.98 40.43
N HIS C 178 -25.89 -31.31 40.84
CA HIS C 178 -27.04 -30.44 40.61
C HIS C 178 -27.86 -30.37 41.88
N ALA C 179 -27.96 -29.18 42.46
CA ALA C 179 -28.75 -28.94 43.67
C ALA C 179 -28.31 -29.85 44.82
N GLY C 180 -27.00 -30.07 44.93
CA GLY C 180 -26.46 -30.90 45.99
C GLY C 180 -26.56 -32.39 45.75
N THR C 181 -26.99 -32.82 44.56
CA THR C 181 -27.12 -34.23 44.24
C THR C 181 -26.29 -34.56 43.01
N ASN C 182 -25.86 -35.81 42.91
CA ASN C 182 -25.08 -36.25 41.75
C ASN C 182 -25.94 -36.19 40.50
N SER C 183 -25.30 -35.86 39.37
CA SER C 183 -26.03 -35.71 38.12
C SER C 183 -25.09 -35.98 36.95
N PHE C 184 -25.54 -35.63 35.75
CA PHE C 184 -24.79 -35.90 34.52
C PHE C 184 -25.33 -34.95 33.44
N TYR C 185 -24.77 -35.08 32.24
CA TYR C 185 -25.26 -34.31 31.11
C TYR C 185 -26.66 -34.75 30.72
N LYS C 186 -27.33 -33.92 29.91
CA LYS C 186 -28.69 -34.18 29.48
C LYS C 186 -28.78 -34.76 28.08
N ASN C 187 -27.80 -34.49 27.21
CA ASN C 187 -27.81 -34.98 25.84
C ASN C 187 -27.06 -36.29 25.66
N LEU C 188 -26.55 -36.88 26.74
CA LEU C 188 -25.85 -38.15 26.68
C LEU C 188 -26.36 -39.07 27.78
N ILE C 189 -26.32 -40.38 27.51
CA ILE C 189 -26.74 -41.39 28.47
C ILE C 189 -25.56 -42.30 28.76
N TRP C 190 -25.28 -42.50 30.04
CA TRP C 190 -24.18 -43.35 30.50
C TRP C 190 -24.76 -44.70 30.89
N LEU C 191 -24.57 -45.70 30.04
CA LEU C 191 -25.11 -47.04 30.28
C LEU C 191 -24.15 -47.85 31.14
N VAL C 192 -24.71 -48.60 32.08
CA VAL C 192 -23.97 -49.51 32.93
C VAL C 192 -24.62 -50.88 32.84
N LYS C 193 -24.00 -51.87 33.51
CA LYS C 193 -24.50 -53.23 33.46
C LYS C 193 -25.86 -53.34 34.15
N LYS C 194 -26.65 -54.32 33.70
CA LYS C 194 -27.95 -54.61 34.29
C LYS C 194 -28.01 -56.09 34.64
N GLU C 195 -28.29 -56.40 35.91
CA GLU C 195 -28.39 -57.77 36.39
C GLU C 195 -27.13 -58.58 36.09
N ASN C 196 -25.97 -57.98 36.36
CA ASN C 196 -24.67 -58.64 36.21
C ASN C 196 -24.42 -59.11 34.78
N SER C 197 -24.84 -58.33 33.79
CA SER C 197 -24.62 -58.69 32.39
C SER C 197 -24.61 -57.43 31.55
N TYR C 198 -23.71 -57.40 30.57
CA TYR C 198 -23.61 -56.30 29.60
C TYR C 198 -23.58 -56.90 28.21
N PRO C 199 -24.75 -57.19 27.64
CA PRO C 199 -24.79 -57.73 26.27
C PRO C 199 -24.31 -56.70 25.25
N LYS C 200 -24.01 -57.20 24.06
CA LYS C 200 -23.47 -56.36 23.00
C LYS C 200 -24.49 -55.34 22.54
N ILE C 201 -23.99 -54.18 22.13
CA ILE C 201 -24.81 -53.09 21.62
C ILE C 201 -24.54 -52.94 20.13
N ASN C 202 -25.59 -53.00 19.33
CA ASN C 202 -25.52 -52.82 17.87
C ASN C 202 -26.69 -51.93 17.46
N ILE C 203 -26.41 -50.64 17.25
CA ILE C 203 -27.46 -49.68 16.92
C ILE C 203 -27.03 -48.87 15.72
N SER C 204 -28.02 -48.28 15.04
CA SER C 204 -27.76 -47.56 13.80
C SER C 204 -28.81 -46.48 13.61
N TYR C 205 -28.46 -45.49 12.78
CA TYR C 205 -29.39 -44.40 12.45
C TYR C 205 -29.06 -43.88 11.05
N THR C 206 -30.10 -43.70 10.25
CA THR C 206 -29.97 -43.20 8.89
C THR C 206 -30.60 -41.81 8.78
N ASN C 207 -29.92 -40.92 8.06
CA ASN C 207 -30.27 -39.50 8.02
C ASN C 207 -31.33 -39.28 6.95
N ASN C 208 -32.59 -39.17 7.38
CA ASN C 208 -33.71 -38.86 6.49
C ASN C 208 -34.28 -37.45 6.75
N ARG C 209 -33.43 -36.50 7.12
CA ARG C 209 -33.87 -35.17 7.50
C ARG C 209 -33.68 -34.11 6.44
N GLY C 210 -32.81 -34.34 5.45
CA GLY C 210 -32.55 -33.35 4.41
C GLY C 210 -31.42 -32.39 4.71
N LYS C 211 -30.83 -32.46 5.92
CA LYS C 211 -29.71 -31.61 6.28
C LYS C 211 -28.72 -32.43 7.09
N GLU C 212 -27.49 -31.94 7.17
CA GLU C 212 -26.45 -32.64 7.91
C GLU C 212 -26.73 -32.59 9.41
N VAL C 213 -26.38 -33.66 10.09
CA VAL C 213 -26.72 -33.85 11.50
C VAL C 213 -25.43 -33.99 12.32
N LEU C 214 -25.37 -33.28 13.43
CA LEU C 214 -24.21 -33.30 14.32
C LEU C 214 -24.44 -34.30 15.45
N VAL C 215 -23.54 -35.25 15.60
CA VAL C 215 -23.65 -36.30 16.62
C VAL C 215 -22.45 -36.22 17.54
N LEU C 216 -22.69 -36.42 18.84
CA LEU C 216 -21.65 -36.38 19.86
C LEU C 216 -21.74 -37.63 20.73
N TRP C 217 -20.58 -38.16 21.12
CA TRP C 217 -20.52 -39.30 22.02
C TRP C 217 -19.26 -39.18 22.88
N ALA C 218 -19.07 -40.15 23.78
CA ALA C 218 -17.94 -40.13 24.69
C ALA C 218 -17.53 -41.54 25.05
N ILE C 219 -16.28 -41.66 25.48
CA ILE C 219 -15.67 -42.93 25.89
C ILE C 219 -15.09 -42.77 27.29
N HIS C 220 -15.35 -43.75 28.15
CA HIS C 220 -14.98 -43.68 29.57
C HIS C 220 -13.76 -44.56 29.84
N HIS C 221 -12.79 -44.01 30.56
CA HIS C 221 -11.59 -44.74 30.99
C HIS C 221 -11.59 -44.84 32.51
N PRO C 222 -11.95 -45.98 33.08
CA PRO C 222 -11.93 -46.12 34.54
C PRO C 222 -10.51 -46.20 35.05
N PRO C 223 -10.29 -45.95 36.34
CA PRO C 223 -8.91 -45.93 36.87
C PRO C 223 -8.40 -47.26 37.38
N THR C 224 -9.24 -48.28 37.52
CA THR C 224 -8.80 -49.55 38.11
C THR C 224 -9.61 -50.68 37.49
N SER C 225 -9.03 -51.88 37.47
CA SER C 225 -9.67 -53.02 36.85
C SER C 225 -10.96 -53.40 37.59
N THR C 226 -10.96 -53.29 38.91
CA THR C 226 -12.18 -53.61 39.67
C THR C 226 -13.30 -52.61 39.36
N ASP C 227 -12.95 -51.34 39.09
CA ASP C 227 -13.96 -50.39 38.67
C ASP C 227 -14.59 -50.80 37.34
N GLN C 228 -13.77 -51.25 36.38
CA GLN C 228 -14.29 -51.72 35.11
C GLN C 228 -15.18 -52.95 35.29
N GLN C 229 -14.75 -53.89 36.13
CA GLN C 229 -15.56 -55.08 36.37
C GLN C 229 -16.82 -54.77 37.16
N SER C 230 -16.85 -53.66 37.90
CA SER C 230 -18.03 -53.27 38.66
C SER C 230 -18.99 -52.40 37.84
N LEU C 231 -18.51 -51.76 36.77
CA LEU C 231 -19.37 -50.95 35.93
C LEU C 231 -19.87 -51.68 34.69
N TYR C 232 -19.00 -52.45 34.02
CA TYR C 232 -19.33 -53.05 32.74
C TYR C 232 -19.20 -54.56 32.71
N GLN C 233 -18.59 -55.18 33.74
CA GLN C 233 -18.58 -56.63 33.94
C GLN C 233 -17.64 -57.33 32.97
N ASN C 234 -17.14 -56.61 31.96
CA ASN C 234 -16.28 -57.17 30.94
C ASN C 234 -14.86 -56.65 31.13
N ALA C 235 -13.89 -57.56 31.17
CA ALA C 235 -12.50 -57.16 31.34
C ALA C 235 -11.97 -56.48 30.07
N ASN C 236 -12.22 -57.08 28.91
CA ASN C 236 -11.78 -56.55 27.62
C ASN C 236 -12.98 -55.99 26.89
N SER C 237 -12.91 -54.71 26.51
CA SER C 237 -14.01 -54.02 25.86
C SER C 237 -13.49 -53.21 24.69
N TYR C 238 -14.38 -52.97 23.73
CA TYR C 238 -14.05 -52.16 22.55
C TYR C 238 -15.31 -51.42 22.12
N VAL C 239 -15.11 -50.32 21.41
CA VAL C 239 -16.21 -49.54 20.85
C VAL C 239 -15.88 -49.21 19.40
N PHE C 240 -16.74 -49.63 18.47
CA PHE C 240 -16.57 -49.31 17.07
C PHE C 240 -17.65 -48.33 16.63
N VAL C 241 -17.23 -47.21 16.06
CA VAL C 241 -18.15 -46.22 15.50
C VAL C 241 -17.83 -46.10 14.02
N GLY C 242 -18.84 -46.28 13.17
CA GLY C 242 -18.63 -46.33 11.74
C GLY C 242 -19.67 -45.54 10.99
N SER C 243 -19.27 -45.05 9.82
CA SER C 243 -20.16 -44.40 8.88
C SER C 243 -19.57 -44.54 7.48
N SER C 244 -20.16 -43.84 6.51
CA SER C 244 -19.65 -43.88 5.15
C SER C 244 -18.34 -43.11 5.01
N ARG C 245 -18.07 -42.17 5.91
CA ARG C 245 -16.87 -41.36 5.88
C ARG C 245 -16.04 -41.44 7.16
N TYR C 246 -16.60 -42.02 8.22
CA TYR C 246 -15.94 -42.14 9.51
C TYR C 246 -15.83 -43.60 9.90
N SER C 247 -14.74 -43.94 10.58
CA SER C 247 -14.55 -45.30 11.07
C SER C 247 -13.46 -45.29 12.12
N ARG C 248 -13.77 -45.80 13.32
CA ARG C 248 -12.75 -45.85 14.37
C ARG C 248 -13.13 -46.89 15.40
N LYS C 249 -12.10 -47.48 16.01
CA LYS C 249 -12.23 -48.43 17.11
C LYS C 249 -11.48 -47.89 18.32
N PHE C 250 -12.15 -47.88 19.47
CA PHE C 250 -11.63 -47.35 20.71
C PHE C 250 -11.49 -48.47 21.73
N GLU C 251 -10.39 -48.43 22.50
CA GLU C 251 -10.14 -49.37 23.58
C GLU C 251 -9.75 -48.56 24.81
N PRO C 252 -10.27 -48.89 25.98
CA PRO C 252 -9.99 -48.08 27.18
C PRO C 252 -8.55 -48.23 27.66
N GLU C 253 -8.09 -47.20 28.37
CA GLU C 253 -6.80 -47.21 29.03
C GLU C 253 -7.05 -47.12 30.53
N ILE C 254 -6.79 -48.22 31.24
CA ILE C 254 -7.11 -48.35 32.65
C ILE C 254 -5.84 -48.04 33.44
N ALA C 255 -5.79 -46.84 34.03
CA ALA C 255 -4.67 -46.45 34.87
C ALA C 255 -5.15 -45.37 35.83
N THR C 256 -4.38 -45.19 36.91
CA THR C 256 -4.71 -44.20 37.94
C THR C 256 -3.99 -42.90 37.62
N ARG C 257 -4.74 -41.81 37.59
CA ARG C 257 -4.24 -40.49 37.23
C ARG C 257 -4.50 -39.51 38.37
N PRO C 258 -3.76 -38.40 38.44
CA PRO C 258 -4.03 -37.41 39.47
C PRO C 258 -5.45 -36.88 39.41
N LYS C 259 -6.05 -36.68 40.57
CA LYS C 259 -7.44 -36.25 40.65
C LYS C 259 -7.58 -34.81 40.18
N VAL C 260 -8.63 -34.54 39.41
CA VAL C 260 -8.95 -33.20 38.94
C VAL C 260 -10.16 -32.64 39.68
N ARG C 261 -11.30 -33.31 39.59
CA ARG C 261 -12.50 -32.96 40.37
C ARG C 261 -12.91 -34.13 41.25
N GLY C 262 -11.91 -34.78 41.85
CA GLY C 262 -12.15 -35.97 42.66
C GLY C 262 -12.17 -37.26 41.89
N GLN C 263 -11.96 -37.24 40.57
CA GLN C 263 -12.05 -38.41 39.72
C GLN C 263 -10.67 -38.80 39.20
N ALA C 264 -10.34 -40.07 39.32
CA ALA C 264 -9.09 -40.60 38.77
C ALA C 264 -9.26 -41.20 37.38
N GLY C 265 -10.49 -41.31 36.88
CA GLY C 265 -10.75 -41.75 35.53
C GLY C 265 -10.93 -40.57 34.58
N ARG C 266 -11.09 -40.89 33.30
CA ARG C 266 -11.21 -39.85 32.28
C ARG C 266 -12.38 -40.14 31.35
N MET C 267 -12.74 -39.13 30.55
CA MET C 267 -13.76 -39.26 29.53
C MET C 267 -13.36 -38.46 28.32
N ASN C 268 -13.30 -39.11 27.16
CA ASN C 268 -12.95 -38.45 25.90
C ASN C 268 -14.21 -38.22 25.09
N TYR C 269 -14.37 -37.01 24.57
CA TYR C 269 -15.58 -36.60 23.86
C TYR C 269 -15.28 -36.46 22.37
N TYR C 270 -16.12 -37.06 21.53
CA TYR C 270 -15.95 -37.05 20.09
C TYR C 270 -17.23 -36.59 19.42
N TRP C 271 -17.09 -36.09 18.19
CA TRP C 271 -18.21 -35.58 17.42
C TRP C 271 -18.03 -35.91 15.95
N THR C 272 -19.13 -35.87 15.21
CA THR C 272 -19.10 -36.14 13.77
C THR C 272 -20.29 -35.47 13.11
N LEU C 273 -20.18 -35.31 11.79
CA LEU C 273 -21.23 -34.75 10.95
C LEU C 273 -21.69 -35.80 9.95
N VAL C 274 -23.00 -35.97 9.84
CA VAL C 274 -23.61 -36.97 8.96
C VAL C 274 -24.31 -36.24 7.82
N GLU C 275 -23.95 -36.61 6.59
CA GLU C 275 -24.51 -36.03 5.39
C GLU C 275 -25.93 -36.56 5.15
N PRO C 276 -26.76 -35.83 4.41
CA PRO C 276 -28.10 -36.34 4.10
C PRO C 276 -28.03 -37.66 3.35
N GLY C 277 -28.93 -38.57 3.72
CA GLY C 277 -28.99 -39.89 3.11
C GLY C 277 -27.96 -40.87 3.61
N ASP C 278 -27.19 -40.51 4.63
CA ASP C 278 -26.11 -41.36 5.14
C ASP C 278 -26.56 -42.12 6.38
N LYS C 279 -25.69 -43.02 6.84
CA LYS C 279 -25.97 -43.89 7.97
C LYS C 279 -24.80 -43.88 8.93
N ILE C 280 -25.09 -44.09 10.21
CA ILE C 280 -24.07 -44.19 11.25
C ILE C 280 -24.39 -45.38 12.14
N THR C 281 -23.36 -46.09 12.56
CA THR C 281 -23.51 -47.32 13.32
C THR C 281 -22.61 -47.30 14.55
N PHE C 282 -23.18 -47.69 15.69
CA PHE C 282 -22.47 -47.85 16.95
C PHE C 282 -22.49 -49.32 17.34
N GLU C 283 -21.33 -49.85 17.72
CA GLU C 283 -21.21 -51.21 18.22
C GLU C 283 -20.32 -51.18 19.45
N ALA C 284 -20.72 -51.87 20.50
CA ALA C 284 -19.98 -51.74 21.75
C ALA C 284 -20.20 -52.94 22.65
N THR C 285 -19.26 -53.11 23.59
CA THR C 285 -19.40 -54.09 24.66
C THR C 285 -18.97 -53.50 26.00
N GLY C 286 -18.99 -52.18 26.12
CA GLY C 286 -18.64 -51.51 27.35
C GLY C 286 -18.04 -50.15 27.07
N ASN C 287 -17.98 -49.33 28.11
CA ASN C 287 -17.27 -48.04 28.10
C ASN C 287 -17.87 -47.05 27.10
N LEU C 288 -19.18 -47.12 26.85
CA LEU C 288 -19.81 -46.26 25.86
C LEU C 288 -20.81 -45.33 26.53
N VAL C 289 -20.76 -44.05 26.14
CA VAL C 289 -21.72 -43.03 26.57
C VAL C 289 -22.48 -42.62 25.32
N VAL C 290 -23.72 -43.08 25.20
CA VAL C 290 -24.47 -42.97 23.95
C VAL C 290 -25.10 -41.58 23.81
N PRO C 291 -25.30 -41.09 22.59
CA PRO C 291 -26.03 -39.84 22.41
C PRO C 291 -27.52 -40.03 22.65
N ARG C 292 -28.19 -38.92 22.94
CA ARG C 292 -29.63 -38.89 23.10
C ARG C 292 -30.30 -37.85 22.21
N TYR C 293 -29.68 -36.69 22.03
CA TYR C 293 -30.22 -35.62 21.19
C TYR C 293 -29.20 -35.25 20.11
N ALA C 294 -29.70 -34.95 18.92
CA ALA C 294 -28.88 -34.53 17.80
C ALA C 294 -29.44 -33.25 17.21
N PHE C 295 -28.61 -32.54 16.45
CA PHE C 295 -28.95 -31.24 15.90
C PHE C 295 -28.81 -31.26 14.38
N ALA C 296 -29.84 -30.78 13.70
CA ALA C 296 -29.84 -30.67 12.24
C ALA C 296 -29.54 -29.22 11.87
N LEU C 297 -28.37 -28.98 11.30
CA LEU C 297 -27.82 -27.63 11.18
C LEU C 297 -28.32 -26.91 9.93
N LYS C 298 -28.41 -25.58 10.04
CA LYS C 298 -28.71 -24.70 8.92
C LYS C 298 -27.63 -23.63 8.88
N ARG C 299 -27.04 -23.42 7.70
CA ARG C 299 -25.85 -22.61 7.55
C ARG C 299 -26.17 -21.19 7.11
N ASN C 300 -25.33 -20.25 7.54
CA ASN C 300 -25.42 -18.86 7.12
C ASN C 300 -24.03 -18.24 7.24
N SER C 301 -23.65 -17.46 6.23
CA SER C 301 -22.29 -16.95 6.17
C SER C 301 -22.06 -15.79 7.13
N GLY C 302 -23.04 -14.91 7.29
CA GLY C 302 -22.84 -13.69 8.05
C GLY C 302 -23.08 -13.80 9.53
N SER C 303 -22.44 -14.77 10.18
CA SER C 303 -22.53 -14.96 11.63
C SER C 303 -21.13 -15.12 12.21
N GLY C 304 -21.07 -15.26 13.53
CA GLY C 304 -19.79 -15.42 14.19
C GLY C 304 -19.97 -15.54 15.69
N ILE C 305 -18.83 -15.73 16.37
CA ILE C 305 -18.79 -15.84 17.82
C ILE C 305 -17.88 -14.73 18.34
N ILE C 306 -18.38 -13.94 19.28
CA ILE C 306 -17.59 -12.85 19.87
C ILE C 306 -17.54 -13.07 21.37
N ILE C 307 -16.53 -12.45 21.99
CA ILE C 307 -16.32 -12.49 23.43
C ILE C 307 -16.40 -11.07 23.96
N SER C 308 -17.35 -10.82 24.88
CA SER C 308 -17.58 -9.48 25.37
C SER C 308 -18.22 -9.54 26.74
N GLU C 309 -18.07 -8.44 27.50
CA GLU C 309 -18.65 -8.31 28.82
C GLU C 309 -19.80 -7.31 28.88
N THR C 310 -20.06 -6.57 27.81
CA THR C 310 -21.12 -5.58 27.83
C THR C 310 -22.48 -6.26 27.84
N PRO C 311 -23.47 -5.66 28.49
CA PRO C 311 -24.79 -6.31 28.61
C PRO C 311 -25.56 -6.28 27.31
N VAL C 312 -26.56 -7.16 27.22
CA VAL C 312 -27.43 -7.29 26.06
C VAL C 312 -28.70 -6.50 26.31
N HIS C 313 -29.07 -5.65 25.36
CA HIS C 313 -30.25 -4.81 25.48
C HIS C 313 -31.14 -4.98 24.25
N ASP C 314 -32.27 -4.28 24.26
CA ASP C 314 -33.30 -4.40 23.23
C ASP C 314 -33.16 -3.35 22.14
N CYS C 315 -32.03 -3.37 21.42
CA CYS C 315 -31.78 -2.39 20.37
C CYS C 315 -32.20 -2.93 19.01
N ASP C 316 -31.76 -2.24 17.96
CA ASP C 316 -31.67 -2.77 16.62
C ASP C 316 -30.57 -2.00 15.90
N THR C 317 -29.67 -2.74 15.26
CA THR C 317 -28.47 -2.13 14.68
C THR C 317 -28.14 -2.84 13.37
N THR C 318 -27.05 -2.40 12.74
CA THR C 318 -26.59 -2.97 11.48
C THR C 318 -25.12 -3.37 11.61
N CYS C 319 -24.38 -2.66 12.44
CA CYS C 319 -22.96 -2.95 12.70
C CYS C 319 -22.76 -3.14 14.19
N GLN C 320 -22.07 -4.22 14.57
CA GLN C 320 -21.87 -4.56 15.97
C GLN C 320 -20.41 -4.89 16.21
N THR C 321 -19.90 -4.42 17.35
CA THR C 321 -18.56 -4.69 17.83
C THR C 321 -18.64 -5.19 19.26
N PRO C 322 -17.61 -5.86 19.76
CA PRO C 322 -17.63 -6.31 21.16
C PRO C 322 -17.75 -5.18 22.16
N ASN C 323 -17.42 -3.94 21.77
CA ASN C 323 -17.57 -2.79 22.66
C ASN C 323 -18.95 -2.15 22.56
N GLY C 324 -19.55 -2.13 21.38
CA GLY C 324 -20.85 -1.53 21.22
C GLY C 324 -21.22 -1.46 19.76
N ALA C 325 -22.45 -0.99 19.51
CA ALA C 325 -22.97 -0.87 18.17
C ALA C 325 -22.62 0.48 17.57
N ILE C 326 -22.45 0.50 16.25
CA ILE C 326 -22.06 1.70 15.52
C ILE C 326 -23.19 2.08 14.57
N ASN C 327 -23.60 3.34 14.62
CA ASN C 327 -24.66 3.88 13.76
C ASN C 327 -24.08 5.08 13.03
N THR C 328 -23.50 4.84 11.86
CA THR C 328 -22.77 5.88 11.15
C THR C 328 -22.68 5.51 9.67
N SER C 329 -22.29 6.50 8.86
CA SER C 329 -22.05 6.31 7.44
C SER C 329 -20.63 6.69 7.04
N LEU C 330 -19.76 7.02 7.98
CA LEU C 330 -18.40 7.40 7.66
C LEU C 330 -17.61 6.19 7.18
N PRO C 331 -16.56 6.40 6.37
CA PRO C 331 -15.82 5.26 5.81
C PRO C 331 -14.79 4.63 6.73
N PHE C 332 -14.50 5.23 7.89
CA PHE C 332 -13.48 4.73 8.78
C PHE C 332 -13.99 4.69 10.21
N GLN C 333 -13.37 3.84 11.02
CA GLN C 333 -13.65 3.76 12.44
C GLN C 333 -12.39 3.30 13.17
N ASN C 334 -12.32 3.58 14.47
CA ASN C 334 -11.19 3.18 15.29
C ASN C 334 -11.66 2.64 16.63
N ILE C 335 -12.71 1.81 16.61
CA ILE C 335 -13.29 1.26 17.83
C ILE C 335 -12.80 -0.15 18.09
N HIS C 336 -12.96 -1.06 17.13
CA HIS C 336 -12.56 -2.44 17.32
C HIS C 336 -12.31 -3.09 15.98
N PRO C 337 -11.25 -3.90 15.83
CA PRO C 337 -11.04 -4.61 14.57
C PRO C 337 -12.05 -5.71 14.30
N VAL C 338 -12.78 -6.18 15.30
CA VAL C 338 -13.75 -7.26 15.16
C VAL C 338 -15.13 -6.64 14.97
N THR C 339 -15.81 -7.05 13.89
CA THR C 339 -17.10 -6.47 13.53
C THR C 339 -18.03 -7.55 13.04
N ILE C 340 -19.33 -7.30 13.17
CA ILE C 340 -20.39 -8.17 12.65
C ILE C 340 -21.36 -7.32 11.85
N GLY C 341 -21.52 -7.63 10.58
CA GLY C 341 -22.44 -6.88 9.72
C GLY C 341 -21.74 -6.06 8.67
N GLU C 342 -22.27 -4.89 8.37
CA GLU C 342 -21.67 -3.95 7.42
C GLU C 342 -21.07 -2.79 8.21
N CYS C 343 -19.75 -2.74 8.29
CA CYS C 343 -19.04 -1.83 9.16
C CYS C 343 -17.94 -1.11 8.40
N PRO C 344 -17.53 0.06 8.87
CA PRO C 344 -16.44 0.79 8.21
C PRO C 344 -15.10 0.11 8.46
N LYS C 345 -14.11 0.51 7.66
CA LYS C 345 -12.77 -0.02 7.80
C LYS C 345 -12.13 0.47 9.09
N TYR C 346 -11.32 -0.39 9.70
CA TYR C 346 -10.66 -0.08 10.97
C TYR C 346 -9.26 0.45 10.73
N VAL C 347 -8.97 1.61 11.32
CA VAL C 347 -7.63 2.19 11.29
C VAL C 347 -7.26 2.60 12.71
N LYS C 348 -5.95 2.63 12.97
CA LYS C 348 -5.43 3.01 14.27
C LYS C 348 -5.23 4.52 14.41
N SER C 349 -5.84 5.31 13.53
CA SER C 349 -5.66 6.75 13.55
C SER C 349 -6.51 7.39 14.65
N THR C 350 -6.22 8.66 14.94
CA THR C 350 -6.99 9.45 15.88
C THR C 350 -7.72 10.62 15.24
N LYS C 351 -7.21 11.15 14.13
CA LYS C 351 -7.83 12.27 13.44
C LYS C 351 -7.71 12.06 11.94
N LEU C 352 -8.82 12.29 11.22
CA LEU C 352 -8.84 12.21 9.75
C LEU C 352 -9.86 13.24 9.28
N ARG C 353 -9.38 14.44 8.97
CA ARG C 353 -10.24 15.53 8.52
C ARG C 353 -9.80 15.98 7.13
N MET C 354 -10.76 16.12 6.23
CA MET C 354 -10.51 16.50 4.84
C MET C 354 -11.01 17.91 4.60
N ALA C 355 -10.16 18.75 4.02
CA ALA C 355 -10.50 20.14 3.78
C ALA C 355 -11.31 20.29 2.50
N THR C 356 -12.34 21.14 2.56
CA THR C 356 -13.13 21.47 1.39
C THR C 356 -13.18 22.96 1.09
N GLY C 357 -12.79 23.82 2.03
CA GLY C 357 -12.74 25.25 1.82
C GLY C 357 -11.31 25.77 1.73
N LEU C 358 -11.21 27.09 1.69
CA LEU C 358 -9.92 27.74 1.55
C LEU C 358 -9.33 28.04 2.94
N ARG C 359 -8.17 28.68 2.96
CA ARG C 359 -7.55 29.08 4.22
C ARG C 359 -8.37 30.20 4.86
N ASN C 360 -8.54 30.12 6.18
CA ASN C 360 -9.38 31.06 6.90
C ASN C 360 -8.53 32.18 7.47
N ILE C 361 -8.72 33.39 6.95
CA ILE C 361 -8.08 34.59 7.46
C ILE C 361 -9.16 35.64 7.72
N PRO C 362 -9.94 35.50 8.79
CA PRO C 362 -11.08 36.42 8.99
C PRO C 362 -10.68 37.88 9.09
N SER C 363 -9.55 38.17 9.72
CA SER C 363 -9.08 39.55 9.87
C SER C 363 -7.64 39.58 10.36
N GLY C 368 1.17 30.29 -0.42
CA GLY C 368 0.72 29.36 -1.43
C GLY C 368 1.64 29.29 -2.63
N LEU C 369 1.39 28.33 -3.52
CA LEU C 369 2.23 28.16 -4.69
C LEU C 369 2.04 29.27 -5.71
N PHE C 370 0.91 29.98 -5.68
CA PHE C 370 0.61 31.00 -6.66
C PHE C 370 0.58 32.42 -6.08
N GLY C 371 0.73 32.57 -4.77
CA GLY C 371 0.92 33.88 -4.18
C GLY C 371 -0.28 34.79 -4.18
N ALA C 372 -1.49 34.24 -4.26
CA ALA C 372 -2.71 35.04 -4.27
C ALA C 372 -3.35 35.13 -2.90
N ILE C 373 -3.68 33.99 -2.30
CA ILE C 373 -4.25 33.95 -0.96
C ILE C 373 -3.14 34.18 0.06
N ALA C 374 -3.34 35.16 0.94
CA ALA C 374 -2.32 35.60 1.89
C ALA C 374 -1.04 36.05 1.19
N GLY C 375 -1.18 36.53 -0.04
CA GLY C 375 -0.07 37.07 -0.80
C GLY C 375 -0.23 38.55 -1.02
N PHE C 376 -0.58 38.95 -2.24
CA PHE C 376 -0.90 40.35 -2.48
C PHE C 376 -2.33 40.69 -2.13
N ILE C 377 -3.15 39.71 -1.77
CA ILE C 377 -4.45 39.92 -1.15
C ILE C 377 -4.34 39.36 0.26
N GLU C 378 -4.23 40.24 1.25
CA GLU C 378 -3.78 39.84 2.58
C GLU C 378 -4.83 39.08 3.38
N GLY C 379 -6.11 39.41 3.22
CA GLY C 379 -7.13 38.81 4.06
C GLY C 379 -8.43 38.61 3.32
N GLY C 380 -9.31 37.82 3.93
CA GLY C 380 -10.60 37.52 3.35
C GLY C 380 -11.69 38.47 3.81
N TRP C 381 -12.88 38.27 3.25
CA TRP C 381 -14.04 39.12 3.50
C TRP C 381 -15.12 38.30 4.20
N THR C 382 -15.54 38.75 5.38
CA THR C 382 -16.67 38.13 6.06
C THR C 382 -18.01 38.65 5.56
N GLY C 383 -18.02 39.70 4.73
CA GLY C 383 -19.24 40.21 4.16
C GLY C 383 -19.74 39.48 2.94
N MET C 384 -18.91 38.63 2.33
CA MET C 384 -19.33 37.79 1.22
C MET C 384 -19.77 36.44 1.78
N ILE C 385 -21.05 36.14 1.66
CA ILE C 385 -21.63 34.96 2.31
C ILE C 385 -22.10 33.90 1.32
N ASP C 386 -22.24 34.23 0.04
CA ASP C 386 -22.86 33.33 -0.93
C ASP C 386 -21.87 32.78 -1.95
N GLY C 387 -20.57 32.76 -1.63
CA GLY C 387 -19.60 32.24 -2.57
C GLY C 387 -18.23 32.21 -1.96
N TRP C 388 -17.28 31.69 -2.73
CA TRP C 388 -15.88 31.60 -2.35
C TRP C 388 -15.04 32.75 -2.88
N TYR C 389 -15.29 33.19 -4.11
CA TYR C 389 -14.57 34.29 -4.71
C TYR C 389 -15.57 35.29 -5.28
N GLY C 390 -15.24 36.57 -5.21
CA GLY C 390 -16.18 37.57 -5.67
C GLY C 390 -15.53 38.94 -5.80
N TYR C 391 -16.37 39.95 -5.93
CA TYR C 391 -15.97 41.33 -6.14
C TYR C 391 -16.57 42.21 -5.05
N HIS C 392 -15.93 43.36 -4.85
CA HIS C 392 -16.47 44.43 -4.01
C HIS C 392 -16.33 45.73 -4.79
N HIS C 393 -17.44 46.45 -4.95
CA HIS C 393 -17.46 47.65 -5.76
C HIS C 393 -17.94 48.83 -4.94
N GLN C 394 -17.58 50.03 -5.40
CA GLN C 394 -17.97 51.27 -4.74
C GLN C 394 -17.97 52.38 -5.78
N ASN C 395 -19.09 53.09 -5.90
CA ASN C 395 -19.21 54.20 -6.84
C ASN C 395 -20.19 55.21 -6.26
N GLU C 396 -20.70 56.11 -7.09
CA GLU C 396 -21.59 57.16 -6.61
C GLU C 396 -22.91 56.58 -6.11
N GLN C 397 -23.38 55.48 -6.72
CA GLN C 397 -24.62 54.87 -6.27
C GLN C 397 -24.46 54.24 -4.89
N GLY C 398 -23.35 53.53 -4.66
CA GLY C 398 -23.12 52.88 -3.39
C GLY C 398 -22.09 51.78 -3.53
N SER C 399 -21.84 51.11 -2.42
CA SER C 399 -20.86 50.05 -2.33
C SER C 399 -21.54 48.71 -2.05
N GLY C 400 -20.81 47.63 -2.27
CA GLY C 400 -21.34 46.33 -1.93
C GLY C 400 -20.51 45.20 -2.51
N TYR C 401 -20.77 44.01 -1.97
CA TYR C 401 -20.12 42.77 -2.39
C TYR C 401 -21.00 42.03 -3.40
N ALA C 402 -20.38 41.11 -4.13
CA ALA C 402 -21.10 40.25 -5.05
C ALA C 402 -20.24 39.06 -5.40
N ALA C 403 -20.75 37.85 -5.15
CA ALA C 403 -19.98 36.64 -5.41
C ALA C 403 -19.95 36.33 -6.90
N ASP C 404 -18.92 35.59 -7.29
CA ASP C 404 -18.76 35.11 -8.67
C ASP C 404 -19.27 33.68 -8.75
N LEU C 405 -20.16 33.42 -9.71
CA LEU C 405 -20.90 32.16 -9.74
C LEU C 405 -20.18 31.06 -10.52
N LYS C 406 -19.53 31.40 -11.64
CA LYS C 406 -18.93 30.37 -12.48
C LYS C 406 -17.74 29.71 -11.80
N SER C 407 -16.83 30.52 -11.26
CA SER C 407 -15.65 29.95 -10.60
C SER C 407 -16.05 29.16 -9.35
N THR C 408 -17.00 29.68 -8.57
CA THR C 408 -17.47 28.97 -7.40
C THR C 408 -18.11 27.64 -7.78
N GLN C 409 -18.91 27.64 -8.85
CA GLN C 409 -19.55 26.40 -9.30
C GLN C 409 -18.52 25.37 -9.75
N ASN C 410 -17.51 25.82 -10.51
CA ASN C 410 -16.48 24.89 -10.95
C ASN C 410 -15.70 24.31 -9.77
N ALA C 411 -15.36 25.17 -8.80
CA ALA C 411 -14.67 24.69 -7.61
C ALA C 411 -15.50 23.69 -6.83
N ILE C 412 -16.81 23.96 -6.70
CA ILE C 412 -17.69 23.05 -5.97
C ILE C 412 -17.74 21.70 -6.68
N ASP C 413 -17.88 21.71 -8.00
CA ASP C 413 -17.88 20.47 -8.76
C ASP C 413 -16.60 19.68 -8.52
N GLY C 414 -15.44 20.34 -8.63
CA GLY C 414 -14.18 19.65 -8.42
C GLY C 414 -14.04 19.07 -7.03
N ILE C 415 -14.43 19.84 -6.01
CA ILE C 415 -14.26 19.37 -4.63
C ILE C 415 -15.19 18.20 -4.34
N THR C 416 -16.45 18.28 -4.77
CA THR C 416 -17.36 17.15 -4.55
C THR C 416 -16.89 15.91 -5.30
N ASN C 417 -16.36 16.09 -6.51
CA ASN C 417 -15.81 14.95 -7.24
C ASN C 417 -14.65 14.32 -6.48
N LYS C 418 -13.77 15.15 -5.92
CA LYS C 418 -12.64 14.62 -5.15
C LYS C 418 -13.11 13.83 -3.94
N VAL C 419 -14.09 14.37 -3.21
CA VAL C 419 -14.59 13.68 -2.01
C VAL C 419 -15.24 12.36 -2.39
N ASN C 420 -16.05 12.35 -3.46
CA ASN C 420 -16.68 11.11 -3.89
C ASN C 420 -15.65 10.08 -4.33
N SER C 421 -14.60 10.51 -5.04
CA SER C 421 -13.55 9.59 -5.46
C SER C 421 -12.83 9.00 -4.25
N VAL C 422 -12.57 9.82 -3.23
CA VAL C 422 -11.95 9.30 -2.02
C VAL C 422 -12.86 8.28 -1.35
N ILE C 423 -14.16 8.56 -1.27
CA ILE C 423 -15.09 7.66 -0.60
C ILE C 423 -15.17 6.32 -1.32
N GLU C 424 -15.28 6.35 -2.65
CA GLU C 424 -15.56 5.14 -3.40
C GLU C 424 -14.38 4.18 -3.50
N LYS C 425 -13.16 4.65 -3.20
CA LYS C 425 -11.99 3.79 -3.30
C LYS C 425 -11.79 2.90 -2.08
N MET C 426 -12.51 3.13 -1.00
CA MET C 426 -12.38 2.35 0.23
C MET C 426 -13.66 1.54 0.41
N ASN C 427 -13.58 0.24 0.14
CA ASN C 427 -14.75 -0.63 0.21
C ASN C 427 -15.09 -0.95 1.67
N THR C 428 -16.33 -1.37 1.88
CA THR C 428 -16.82 -1.63 3.22
C THR C 428 -16.23 -2.91 3.79
N GLN C 429 -16.23 -3.00 5.11
CA GLN C 429 -15.72 -4.16 5.83
C GLN C 429 -16.87 -5.09 6.20
N PHE C 430 -16.71 -6.37 5.91
CA PHE C 430 -17.70 -7.38 6.23
C PHE C 430 -17.35 -8.05 7.55
N THR C 431 -18.05 -9.15 7.85
CA THR C 431 -17.80 -9.89 9.09
C THR C 431 -16.37 -10.44 9.11
N ALA C 432 -15.70 -10.27 10.25
CA ALA C 432 -14.35 -10.77 10.42
C ALA C 432 -14.12 -10.99 11.91
N VAL C 433 -14.18 -12.25 12.34
CA VAL C 433 -14.02 -12.62 13.73
C VAL C 433 -12.74 -13.43 13.89
N GLY C 434 -12.34 -13.63 15.14
CA GLY C 434 -11.10 -14.33 15.45
C GLY C 434 -11.26 -15.84 15.44
N LYS C 435 -10.12 -16.51 15.61
CA LYS C 435 -10.04 -17.96 15.65
C LYS C 435 -9.44 -18.40 16.99
N GLU C 436 -9.51 -19.70 17.25
CA GLU C 436 -9.00 -20.29 18.47
C GLU C 436 -8.04 -21.42 18.15
N PHE C 437 -6.95 -21.49 18.90
CA PHE C 437 -5.92 -22.52 18.71
C PHE C 437 -5.56 -23.12 20.06
N SER C 438 -5.10 -24.36 20.03
CA SER C 438 -4.76 -25.09 21.25
C SER C 438 -3.34 -24.73 21.68
N HIS C 439 -2.83 -25.43 22.68
CA HIS C 439 -1.50 -25.14 23.22
C HIS C 439 -0.39 -25.77 22.38
N LEU C 440 -0.72 -26.62 21.42
CA LEU C 440 0.27 -27.23 20.53
C LEU C 440 0.19 -26.66 19.12
N GLU C 441 -0.40 -25.48 18.96
CA GLU C 441 -0.58 -24.84 17.65
C GLU C 441 -0.17 -23.38 17.73
N ARG C 442 1.01 -23.11 18.28
CA ARG C 442 1.47 -21.74 18.45
C ARG C 442 1.96 -21.11 17.15
N ARG C 443 2.50 -21.91 16.23
CA ARG C 443 3.05 -21.36 15.01
C ARG C 443 1.97 -20.76 14.13
N ILE C 444 0.86 -21.48 13.93
CA ILE C 444 -0.22 -20.97 13.11
C ILE C 444 -0.93 -19.80 13.80
N GLU C 445 -1.01 -19.83 15.13
CA GLU C 445 -1.56 -18.69 15.86
C GLU C 445 -0.74 -17.44 15.65
N ASN C 446 0.59 -17.57 15.73
CA ASN C 446 1.47 -16.43 15.50
C ASN C 446 1.36 -15.94 14.05
N LEU C 447 1.23 -16.87 13.10
CA LEU C 447 1.07 -16.48 11.70
C LEU C 447 -0.22 -15.69 11.49
N ASN C 448 -1.32 -16.14 12.10
CA ASN C 448 -2.59 -15.42 11.99
C ASN C 448 -2.49 -14.02 12.59
N LYS C 449 -1.86 -13.91 13.77
CA LYS C 449 -1.70 -12.60 14.39
C LYS C 449 -0.85 -11.68 13.52
N LYS C 450 0.22 -12.22 12.93
CA LYS C 450 1.09 -11.43 12.07
C LYS C 450 0.33 -10.92 10.84
N VAL C 451 -0.49 -11.77 10.23
CA VAL C 451 -1.27 -11.35 9.07
C VAL C 451 -2.21 -10.20 9.45
N ASP C 452 -2.93 -10.36 10.56
CA ASP C 452 -3.87 -9.33 10.99
C ASP C 452 -3.17 -8.00 11.21
N ASP C 453 -2.07 -8.03 11.98
CA ASP C 453 -1.35 -6.79 12.27
C ASP C 453 -0.80 -6.14 11.01
N GLY C 454 -0.26 -6.95 10.09
CA GLY C 454 0.29 -6.38 8.87
C GLY C 454 -0.75 -5.66 8.04
N PHE C 455 -1.92 -6.29 7.87
CA PHE C 455 -2.96 -5.63 7.07
C PHE C 455 -3.45 -4.35 7.74
N ILE C 456 -3.62 -4.36 9.06
CA ILE C 456 -4.05 -3.16 9.77
C ILE C 456 -3.03 -2.04 9.58
N ASP C 457 -1.74 -2.37 9.73
CA ASP C 457 -0.70 -1.36 9.58
C ASP C 457 -0.63 -0.80 8.17
N ILE C 458 -0.88 -1.62 7.15
CA ILE C 458 -0.87 -1.11 5.79
C ILE C 458 -2.00 -0.12 5.56
N TRP C 459 -3.22 -0.48 5.97
CA TRP C 459 -4.34 0.41 5.69
C TRP C 459 -4.28 1.70 6.50
N THR C 460 -3.77 1.65 7.73
CA THR C 460 -3.61 2.87 8.52
C THR C 460 -2.66 3.85 7.83
N TYR C 461 -1.57 3.36 7.25
CA TYR C 461 -0.65 4.20 6.51
C TYR C 461 -1.32 4.80 5.28
N ASN C 462 -2.06 3.97 4.53
CA ASN C 462 -2.67 4.44 3.29
C ASN C 462 -3.62 5.60 3.53
N ALA C 463 -4.50 5.46 4.53
CA ALA C 463 -5.51 6.49 4.78
C ALA C 463 -4.88 7.84 5.12
N GLU C 464 -3.91 7.83 6.03
CA GLU C 464 -3.28 9.06 6.48
C GLU C 464 -2.50 9.73 5.35
N LEU C 465 -1.77 8.95 4.55
CA LEU C 465 -1.05 9.55 3.43
C LEU C 465 -2.01 10.19 2.43
N LEU C 466 -3.12 9.52 2.13
CA LEU C 466 -4.10 10.08 1.19
C LEU C 466 -4.62 11.42 1.69
N VAL C 467 -5.03 11.48 2.96
CA VAL C 467 -5.58 12.73 3.50
C VAL C 467 -4.54 13.84 3.45
N LEU C 468 -3.30 13.51 3.86
CA LEU C 468 -2.24 14.53 3.93
C LEU C 468 -1.97 15.13 2.56
N LEU C 469 -1.96 14.30 1.50
CA LEU C 469 -1.69 14.85 0.18
C LEU C 469 -2.86 15.66 -0.36
N GLU C 470 -4.09 15.14 -0.18
CA GLU C 470 -5.24 15.82 -0.77
C GLU C 470 -5.50 17.19 -0.13
N ASN C 471 -5.15 17.36 1.14
CA ASN C 471 -5.34 18.67 1.77
C ASN C 471 -4.50 19.75 1.08
N GLU C 472 -3.22 19.43 0.84
CA GLU C 472 -2.34 20.36 0.15
C GLU C 472 -2.83 20.65 -1.26
N ARG C 473 -3.27 19.60 -1.98
CA ARG C 473 -3.77 19.84 -3.32
C ARG C 473 -4.98 20.76 -3.32
N THR C 474 -5.89 20.60 -2.36
CA THR C 474 -7.07 21.46 -2.28
C THR C 474 -6.69 22.91 -2.03
N LEU C 475 -5.75 23.14 -1.09
CA LEU C 475 -5.36 24.51 -0.79
C LEU C 475 -4.73 25.19 -2.00
N ASP C 476 -3.87 24.47 -2.72
CA ASP C 476 -3.29 25.05 -3.93
C ASP C 476 -4.34 25.29 -5.00
N TYR C 477 -5.35 24.42 -5.08
CA TYR C 477 -6.45 24.61 -6.02
C TYR C 477 -7.15 25.96 -5.79
N HIS C 478 -7.51 26.24 -4.54
CA HIS C 478 -8.18 27.50 -4.25
C HIS C 478 -7.26 28.70 -4.51
N ASP C 479 -5.97 28.57 -4.15
CA ASP C 479 -5.03 29.65 -4.36
C ASP C 479 -4.91 29.99 -5.84
N SER C 480 -4.94 28.98 -6.71
CA SER C 480 -4.88 29.23 -8.15
C SER C 480 -6.18 29.83 -8.67
N ASN C 481 -7.32 29.37 -8.13
CA ASN C 481 -8.60 29.87 -8.59
C ASN C 481 -8.76 31.37 -8.34
N VAL C 482 -8.21 31.86 -7.23
CA VAL C 482 -8.28 33.31 -6.97
C VAL C 482 -7.47 34.10 -8.00
N LYS C 483 -6.24 33.65 -8.26
CA LYS C 483 -5.35 34.38 -9.15
C LYS C 483 -5.86 34.38 -10.60
N THR C 484 -6.50 33.30 -11.03
CA THR C 484 -7.04 33.29 -12.39
C THR C 484 -8.07 34.39 -12.59
N LEU C 485 -8.98 34.55 -11.63
CA LEU C 485 -9.98 35.60 -11.71
C LEU C 485 -9.34 36.98 -11.68
N TYR C 486 -8.32 37.16 -10.82
CA TYR C 486 -7.63 38.45 -10.79
C TYR C 486 -7.01 38.77 -12.15
N GLU C 487 -6.36 37.79 -12.78
CA GLU C 487 -5.75 38.03 -14.09
C GLU C 487 -6.80 38.34 -15.15
N LYS C 488 -7.93 37.65 -15.11
CA LYS C 488 -9.01 37.96 -16.05
C LYS C 488 -9.45 39.41 -15.93
N VAL C 489 -9.73 39.85 -14.70
CA VAL C 489 -10.20 41.22 -14.51
C VAL C 489 -9.13 42.23 -14.90
N ARG C 490 -7.86 41.92 -14.62
CA ARG C 490 -6.78 42.82 -15.03
C ARG C 490 -6.70 42.94 -16.54
N SER C 491 -6.82 41.82 -17.25
CA SER C 491 -6.75 41.84 -18.70
C SER C 491 -7.91 42.63 -19.30
N GLN C 492 -9.08 42.57 -18.66
CA GLN C 492 -10.23 43.28 -19.21
C GLN C 492 -10.09 44.80 -19.09
N LEU C 493 -9.34 45.27 -18.10
CA LEU C 493 -9.24 46.69 -17.76
C LEU C 493 -7.92 47.30 -18.22
N LYS C 494 -7.48 46.97 -19.43
CA LYS C 494 -6.12 47.24 -19.92
C LYS C 494 -5.58 48.61 -19.52
N ASN C 495 -6.22 49.68 -19.97
CA ASN C 495 -5.69 51.02 -19.77
C ASN C 495 -6.68 52.01 -19.18
N ASN C 496 -7.95 51.65 -19.03
CA ASN C 496 -8.92 52.54 -18.43
C ASN C 496 -8.91 52.49 -16.91
N ALA C 497 -8.07 51.65 -16.32
CA ALA C 497 -7.99 51.51 -14.87
C ALA C 497 -6.54 51.48 -14.45
N LYS C 498 -6.31 51.86 -13.19
CA LYS C 498 -4.98 51.91 -12.59
C LYS C 498 -4.86 50.81 -11.54
N GLU C 499 -3.78 50.05 -11.61
CA GLU C 499 -3.49 48.98 -10.66
C GLU C 499 -2.83 49.59 -9.44
N ILE C 500 -3.50 49.53 -8.29
CA ILE C 500 -3.02 50.18 -7.07
C ILE C 500 -2.62 49.16 -6.02
N GLY C 501 -2.57 47.87 -6.37
CA GLY C 501 -2.17 46.84 -5.44
C GLY C 501 -3.30 46.41 -4.53
N ASN C 502 -3.06 45.31 -3.81
CA ASN C 502 -4.04 44.69 -2.91
C ASN C 502 -5.26 44.18 -3.65
N GLY C 503 -5.16 43.97 -4.96
CA GLY C 503 -6.23 43.37 -5.72
C GLY C 503 -7.32 44.32 -6.20
N CYS C 504 -7.12 45.63 -6.11
CA CYS C 504 -8.13 46.58 -6.52
C CYS C 504 -7.63 47.44 -7.67
N PHE C 505 -8.59 47.91 -8.49
CA PHE C 505 -8.31 48.80 -9.62
C PHE C 505 -9.11 50.08 -9.44
N GLU C 506 -8.49 51.21 -9.77
CA GLU C 506 -9.13 52.51 -9.67
C GLU C 506 -9.39 53.06 -11.06
N PHE C 507 -10.64 53.38 -11.36
CA PHE C 507 -11.03 53.74 -12.72
C PHE C 507 -10.58 55.16 -13.07
N TYR C 508 -10.22 55.33 -14.34
CA TYR C 508 -9.86 56.64 -14.88
C TYR C 508 -11.06 57.44 -15.35
N HIS C 509 -12.25 56.84 -15.36
CA HIS C 509 -13.46 57.51 -15.82
C HIS C 509 -14.58 57.19 -14.84
N LYS C 510 -15.81 57.53 -15.21
CA LYS C 510 -16.98 57.30 -14.37
C LYS C 510 -17.61 55.97 -14.76
N CYS C 511 -17.52 54.99 -13.87
CA CYS C 511 -18.07 53.66 -14.09
C CYS C 511 -19.31 53.50 -13.21
N ASP C 512 -20.49 53.61 -13.83
CA ASP C 512 -21.75 53.53 -13.10
C ASP C 512 -22.11 52.06 -12.86
N ASP C 513 -23.35 51.81 -12.42
CA ASP C 513 -23.77 50.45 -12.11
C ASP C 513 -23.75 49.56 -13.35
N THR C 514 -24.18 50.08 -14.49
CA THR C 514 -24.17 49.31 -15.72
C THR C 514 -22.74 48.94 -16.12
N CYS C 515 -21.81 49.88 -15.97
CA CYS C 515 -20.41 49.59 -16.29
C CYS C 515 -19.85 48.50 -15.37
N MET C 516 -20.18 48.56 -14.08
CA MET C 516 -19.71 47.53 -13.15
C MET C 516 -20.31 46.18 -13.48
N GLU C 517 -21.60 46.15 -13.83
CA GLU C 517 -22.22 44.89 -14.23
C GLU C 517 -21.58 44.32 -15.48
N SER C 518 -21.23 45.20 -16.43
CA SER C 518 -20.55 44.73 -17.64
C SER C 518 -19.14 44.23 -17.32
N VAL C 519 -18.46 44.86 -16.36
CA VAL C 519 -17.14 44.38 -15.96
C VAL C 519 -17.24 43.00 -15.34
N LYS C 520 -18.22 42.81 -14.45
CA LYS C 520 -18.37 41.52 -13.77
C LYS C 520 -18.84 40.43 -14.73
N ASN C 521 -19.72 40.77 -15.67
CA ASN C 521 -20.25 39.77 -16.59
C ASN C 521 -19.17 39.23 -17.50
N GLY C 522 -18.28 40.09 -17.99
CA GLY C 522 -17.20 39.64 -18.85
C GLY C 522 -17.25 40.20 -20.25
N THR C 523 -18.02 41.27 -20.45
CA THR C 523 -18.18 41.90 -21.75
C THR C 523 -17.91 43.40 -21.65
N TYR C 524 -16.81 43.76 -21.00
CA TYR C 524 -16.47 45.17 -20.81
C TYR C 524 -16.15 45.81 -22.16
N ASP C 525 -16.73 46.99 -22.40
CA ASP C 525 -16.59 47.70 -23.68
C ASP C 525 -15.39 48.64 -23.58
N TYR C 526 -14.22 48.13 -23.95
CA TYR C 526 -13.00 48.93 -23.88
C TYR C 526 -13.01 50.15 -24.81
N PRO C 527 -13.34 50.03 -26.10
CA PRO C 527 -13.28 51.23 -26.97
C PRO C 527 -14.20 52.35 -26.54
N LYS C 528 -15.38 52.03 -25.99
CA LYS C 528 -16.35 53.07 -25.64
C LYS C 528 -15.80 53.98 -24.55
N TYR C 529 -15.28 53.40 -23.48
CA TYR C 529 -14.76 54.18 -22.37
C TYR C 529 -13.30 54.53 -22.58
N VAL D 21 -30.03 11.52 -12.40
CA VAL D 21 -30.35 11.74 -11.00
C VAL D 21 -31.82 11.41 -10.75
N GLN D 22 -32.07 10.59 -9.71
CA GLN D 22 -33.42 10.20 -9.33
C GLN D 22 -33.63 10.54 -7.86
N LEU D 23 -34.76 11.17 -7.56
CA LEU D 23 -35.10 11.59 -6.20
C LEU D 23 -36.32 10.79 -5.75
N VAL D 24 -36.18 10.09 -4.63
CA VAL D 24 -37.26 9.27 -4.09
C VAL D 24 -37.56 9.70 -2.66
N GLU D 25 -38.83 9.68 -2.29
CA GLU D 25 -39.26 10.08 -0.96
C GLU D 25 -39.74 8.87 -0.17
N SER D 26 -40.15 9.12 1.07
CA SER D 26 -40.63 8.06 1.95
C SER D 26 -42.09 7.75 1.64
N GLY D 27 -42.73 6.94 2.49
CA GLY D 27 -44.09 6.54 2.27
C GLY D 27 -45.10 7.58 2.71
N ALA D 28 -46.37 7.24 2.52
CA ALA D 28 -47.45 8.14 2.89
C ALA D 28 -47.57 8.27 4.41
N GLU D 29 -48.12 9.39 4.85
CA GLU D 29 -48.23 9.71 6.26
C GLU D 29 -49.67 10.05 6.61
N VAL D 30 -50.16 9.44 7.69
CA VAL D 30 -51.45 9.78 8.27
C VAL D 30 -51.20 10.11 9.73
N LYS D 31 -51.55 11.33 10.15
CA LYS D 31 -51.18 11.82 11.46
C LYS D 31 -52.38 12.52 12.08
N LYS D 32 -52.14 13.22 13.18
CA LYS D 32 -53.18 13.87 13.97
C LYS D 32 -52.87 15.35 14.11
N PRO D 33 -53.89 16.19 14.31
CA PRO D 33 -53.65 17.62 14.50
C PRO D 33 -52.74 17.87 15.70
N GLY D 34 -51.79 18.79 15.52
CA GLY D 34 -50.85 19.13 16.56
C GLY D 34 -49.61 18.27 16.61
N SER D 35 -49.42 17.36 15.67
CA SER D 35 -48.28 16.45 15.68
C SER D 35 -47.14 17.03 14.85
N SER D 36 -46.12 16.22 14.59
CA SER D 36 -44.95 16.63 13.83
C SER D 36 -44.57 15.50 12.88
N VAL D 37 -44.28 15.83 11.62
CA VAL D 37 -43.98 14.83 10.60
C VAL D 37 -42.64 15.14 9.95
N LYS D 38 -41.80 14.13 9.83
CA LYS D 38 -40.49 14.25 9.19
C LYS D 38 -40.47 13.36 7.96
N VAL D 39 -40.17 13.96 6.81
CA VAL D 39 -40.08 13.24 5.54
C VAL D 39 -38.65 13.34 5.03
N SER D 40 -38.30 12.41 4.14
CA SER D 40 -36.94 12.29 3.65
C SER D 40 -36.94 12.23 2.13
N CYS D 41 -35.76 12.47 1.56
CA CYS D 41 -35.57 12.43 0.11
C CYS D 41 -34.17 11.93 -0.16
N LYS D 42 -34.06 10.90 -1.00
CA LYS D 42 -32.80 10.26 -1.33
C LYS D 42 -32.52 10.43 -2.81
N ALA D 43 -31.29 10.81 -3.14
CA ALA D 43 -30.88 11.06 -4.51
C ALA D 43 -29.83 10.03 -4.93
N SER D 44 -29.91 9.59 -6.17
CA SER D 44 -28.98 8.60 -6.70
C SER D 44 -27.64 9.25 -7.03
N GLY D 45 -26.63 8.40 -7.20
CA GLY D 45 -25.30 8.86 -7.52
C GLY D 45 -24.40 8.93 -6.31
N GLY D 46 -23.35 9.74 -6.44
CA GLY D 46 -22.42 9.95 -5.36
C GLY D 46 -23.08 10.59 -4.16
N PRO D 47 -22.60 10.25 -2.96
CA PRO D 47 -23.23 10.80 -1.75
C PRO D 47 -23.19 12.32 -1.66
N PHE D 48 -22.16 12.95 -2.23
CA PHE D 48 -22.02 14.40 -2.18
C PHE D 48 -22.56 15.02 -3.46
N ARG D 49 -23.32 16.09 -3.30
CA ARG D 49 -24.00 16.75 -4.41
CA ARG D 49 -24.00 16.75 -4.41
C ARG D 49 -23.46 18.15 -4.61
N SER D 50 -23.53 18.62 -5.86
CA SER D 50 -23.12 19.97 -6.21
C SER D 50 -24.30 20.86 -6.61
N TYR D 51 -25.51 20.51 -6.16
CA TYR D 51 -26.70 21.27 -6.47
C TYR D 51 -27.54 21.42 -5.21
N ALA D 52 -28.32 22.50 -5.15
CA ALA D 52 -29.21 22.75 -4.04
C ALA D 52 -30.48 21.89 -4.17
N ILE D 53 -31.17 21.71 -3.05
CA ILE D 53 -32.39 20.90 -3.04
C ILE D 53 -33.48 21.64 -2.29
N SER D 54 -34.66 21.73 -2.90
CA SER D 54 -35.79 22.44 -2.34
C SER D 54 -36.97 21.50 -2.13
N TRP D 55 -37.93 21.96 -1.32
CA TRP D 55 -39.14 21.20 -1.00
C TRP D 55 -40.34 22.00 -1.48
N VAL D 56 -41.23 21.34 -2.24
CA VAL D 56 -42.39 21.99 -2.84
C VAL D 56 -43.62 21.19 -2.47
N ARG D 57 -44.73 21.87 -2.19
CA ARG D 57 -45.98 21.21 -1.87
C ARG D 57 -47.10 21.75 -2.75
N GLN D 58 -48.12 20.91 -2.94
CA GLN D 58 -49.26 21.25 -3.79
C GLN D 58 -50.53 20.83 -3.08
N ALA D 59 -51.45 21.77 -2.88
CA ALA D 59 -52.74 21.47 -2.29
C ALA D 59 -53.67 20.89 -3.34
N PRO D 60 -54.66 20.10 -2.93
CA PRO D 60 -55.60 19.53 -3.91
C PRO D 60 -56.42 20.63 -4.58
N GLY D 61 -56.32 20.69 -5.91
CA GLY D 61 -57.00 21.72 -6.66
C GLY D 61 -56.36 23.09 -6.57
N GLN D 62 -55.09 23.17 -6.20
CA GLN D 62 -54.39 24.43 -6.04
C GLN D 62 -53.03 24.35 -6.73
N GLY D 63 -52.37 25.51 -6.82
CA GLY D 63 -51.05 25.58 -7.40
C GLY D 63 -49.96 25.20 -6.42
N PRO D 64 -48.77 24.94 -6.94
CA PRO D 64 -47.66 24.54 -6.06
C PRO D 64 -47.21 25.68 -5.16
N GLU D 65 -46.65 25.31 -4.01
CA GLU D 65 -46.10 26.25 -3.06
C GLU D 65 -44.70 25.81 -2.65
N TRP D 66 -43.81 26.76 -2.46
CA TRP D 66 -42.41 26.51 -2.13
C TRP D 66 -42.17 26.80 -0.65
N MET D 67 -41.60 25.83 0.06
CA MET D 67 -41.32 25.99 1.48
C MET D 67 -39.91 26.49 1.74
N GLY D 68 -38.90 25.75 1.28
CA GLY D 68 -37.53 26.12 1.56
C GLY D 68 -36.58 25.24 0.78
N GLY D 69 -35.30 25.44 1.07
CA GLY D 69 -34.24 24.73 0.36
C GLY D 69 -32.93 24.80 1.11
N ILE D 70 -32.01 23.93 0.68
CA ILE D 70 -30.70 23.79 1.31
C ILE D 70 -29.62 23.78 0.23
N ILE D 71 -28.45 24.29 0.60
CA ILE D 71 -27.32 24.56 -0.28
C ILE D 71 -26.15 23.65 0.07
N PRO D 72 -25.44 23.09 -0.91
CA PRO D 72 -24.31 22.20 -0.59
C PRO D 72 -23.12 22.96 -0.02
N ILE D 73 -22.30 22.21 0.73
CA ILE D 73 -21.04 22.66 1.31
C ILE D 73 -21.25 23.81 2.28
N PHE D 74 -21.79 24.94 1.80
CA PHE D 74 -22.03 26.08 2.68
C PHE D 74 -23.05 25.73 3.76
N GLY D 75 -24.09 25.00 3.40
CA GLY D 75 -25.06 24.51 4.36
C GLY D 75 -26.13 25.49 4.76
N THR D 76 -26.16 26.68 4.17
CA THR D 76 -27.20 27.64 4.48
C THR D 76 -28.56 27.12 4.01
N THR D 77 -29.60 27.48 4.77
CA THR D 77 -30.94 27.00 4.49
C THR D 77 -31.90 28.19 4.45
N LYS D 78 -32.78 28.19 3.46
CA LYS D 78 -33.74 29.27 3.28
C LYS D 78 -35.16 28.74 3.38
N TYR D 79 -36.06 29.57 3.88
CA TYR D 79 -37.46 29.20 4.09
C TYR D 79 -38.37 30.31 3.57
N ALA D 80 -39.59 29.92 3.21
CA ALA D 80 -40.62 30.88 2.85
C ALA D 80 -41.18 31.54 4.11
N PRO D 81 -41.67 32.77 4.01
CA PRO D 81 -42.21 33.44 5.21
C PRO D 81 -43.49 32.83 5.73
N LYS D 82 -44.25 32.10 4.90
CA LYS D 82 -45.47 31.47 5.39
C LYS D 82 -45.15 30.30 6.33
N PHE D 83 -44.12 29.51 6.01
CA PHE D 83 -43.74 28.36 6.80
C PHE D 83 -42.61 28.65 7.78
N GLN D 84 -42.15 29.90 7.85
CA GLN D 84 -41.06 30.23 8.75
C GLN D 84 -41.46 30.01 10.20
N GLY D 85 -40.60 29.34 10.96
CA GLY D 85 -40.82 29.08 12.36
C GLY D 85 -41.30 27.67 12.68
N ARG D 86 -41.78 26.92 11.68
CA ARG D 86 -42.28 25.58 11.94
C ARG D 86 -41.86 24.58 10.88
N VAL D 87 -40.76 24.85 10.18
CA VAL D 87 -40.20 23.92 9.21
C VAL D 87 -38.70 23.88 9.39
N THR D 88 -38.12 22.68 9.31
CA THR D 88 -36.68 22.50 9.48
C THR D 88 -36.15 21.57 8.40
N ILE D 89 -35.12 22.02 7.68
CA ILE D 89 -34.53 21.25 6.59
C ILE D 89 -33.09 20.94 6.97
N THR D 90 -32.75 19.66 6.99
CA THR D 90 -31.41 19.20 7.30
C THR D 90 -30.93 18.24 6.21
N ALA D 91 -29.65 17.88 6.27
CA ALA D 91 -29.07 17.01 5.25
C ALA D 91 -28.04 16.10 5.90
N ASP D 92 -28.06 14.82 5.50
CA ASP D 92 -27.02 13.86 5.81
C ASP D 92 -26.19 13.66 4.55
N ASP D 93 -24.96 14.18 4.57
CA ASP D 93 -24.14 14.23 3.37
C ASP D 93 -23.57 12.86 3.02
N PHE D 94 -23.08 12.12 4.02
CA PHE D 94 -22.48 10.83 3.76
C PHE D 94 -23.50 9.77 3.37
N ALA D 95 -24.77 9.98 3.69
CA ALA D 95 -25.84 9.10 3.24
C ALA D 95 -26.56 9.63 2.01
N GLY D 96 -26.31 10.87 1.62
CA GLY D 96 -26.99 11.46 0.49
C GLY D 96 -28.47 11.68 0.69
N THR D 97 -28.88 12.07 1.90
CA THR D 97 -30.29 12.18 2.25
C THR D 97 -30.60 13.61 2.68
N VAL D 98 -31.83 14.05 2.43
CA VAL D 98 -32.29 15.37 2.84
C VAL D 98 -33.59 15.20 3.60
N TYR D 99 -33.67 15.77 4.80
CA TYR D 99 -34.84 15.65 5.66
C TYR D 99 -35.54 16.98 5.79
N MET D 100 -36.87 16.93 5.80
CA MET D 100 -37.69 18.10 6.08
C MET D 100 -38.71 17.73 7.15
N GLU D 101 -38.77 18.53 8.21
CA GLU D 101 -39.65 18.28 9.34
C GLU D 101 -40.60 19.45 9.51
N LEU D 102 -41.89 19.14 9.60
CA LEU D 102 -42.95 20.11 9.82
C LEU D 102 -43.56 19.87 11.19
N SER D 103 -43.67 20.93 11.98
CA SER D 103 -44.19 20.88 13.34
C SER D 103 -45.44 21.72 13.45
N SER D 104 -46.14 21.56 14.58
CA SER D 104 -47.41 22.24 14.85
C SER D 104 -48.39 21.98 13.70
N LEU D 105 -48.48 20.71 13.30
CA LEU D 105 -49.26 20.35 12.13
C LEU D 105 -50.74 20.64 12.35
N ARG D 106 -51.41 21.10 11.30
CA ARG D 106 -52.81 21.49 11.39
C ARG D 106 -53.63 20.81 10.29
N SER D 107 -54.90 21.21 10.17
CA SER D 107 -55.78 20.58 9.19
C SER D 107 -55.40 20.95 7.77
N GLU D 108 -55.03 22.20 7.53
CA GLU D 108 -54.70 22.66 6.19
C GLU D 108 -53.35 22.17 5.70
N ASP D 109 -52.54 21.55 6.57
CA ASP D 109 -51.20 21.12 6.19
C ASP D 109 -51.19 19.92 5.26
N THR D 110 -52.32 19.25 5.06
CA THR D 110 -52.37 18.13 4.13
C THR D 110 -52.17 18.63 2.70
N ALA D 111 -51.30 17.95 1.96
CA ALA D 111 -50.89 18.37 0.62
C ALA D 111 -50.15 17.21 -0.03
N MET D 112 -49.54 17.48 -1.18
CA MET D 112 -48.78 16.51 -1.96
C MET D 112 -47.35 17.06 -2.06
N TYR D 113 -46.36 16.28 -1.62
CA TYR D 113 -45.03 16.79 -1.31
C TYR D 113 -44.00 16.26 -2.30
N TYR D 114 -43.11 17.14 -2.75
CA TYR D 114 -42.02 16.79 -3.66
C TYR D 114 -40.72 17.41 -3.15
N CYS D 115 -39.62 16.73 -3.48
CA CYS D 115 -38.27 17.29 -3.35
C CYS D 115 -37.71 17.49 -4.75
N ALA D 116 -37.24 18.70 -5.04
CA ALA D 116 -36.81 19.09 -6.37
C ALA D 116 -35.38 19.59 -6.35
N LYS D 117 -34.63 19.29 -7.40
CA LYS D 117 -33.23 19.71 -7.49
C LYS D 117 -33.09 20.87 -8.47
N HIS D 118 -32.09 21.70 -8.21
CA HIS D 118 -31.79 22.87 -9.03
C HIS D 118 -30.62 22.59 -9.95
N MET D 119 -30.43 23.50 -10.91
CA MET D 119 -29.33 23.34 -11.87
C MET D 119 -27.98 23.71 -11.26
N GLY D 120 -27.94 24.70 -10.38
CA GLY D 120 -26.69 25.11 -9.76
C GLY D 120 -26.66 24.89 -8.26
N TYR D 121 -25.69 25.51 -7.60
CA TYR D 121 -25.53 25.37 -6.16
C TYR D 121 -26.35 26.37 -5.36
N GLN D 122 -27.11 27.23 -6.03
CA GLN D 122 -27.88 28.27 -5.36
C GLN D 122 -29.38 28.02 -5.56
N VAL D 123 -30.16 28.40 -4.55
CA VAL D 123 -31.61 28.27 -4.63
C VAL D 123 -32.15 29.31 -5.59
N ARG D 124 -32.95 28.87 -6.56
CA ARG D 124 -33.47 29.76 -7.58
C ARG D 124 -34.84 29.24 -8.02
N GLU D 125 -35.38 29.84 -9.08
CA GLU D 125 -36.70 29.47 -9.58
C GLU D 125 -36.67 28.27 -10.52
N THR D 126 -35.49 27.84 -10.95
CA THR D 126 -35.35 26.81 -11.97
C THR D 126 -35.09 25.46 -11.30
N MET D 127 -36.14 24.65 -11.19
CA MET D 127 -36.03 23.28 -10.71
C MET D 127 -36.26 22.35 -11.90
N ASP D 128 -35.27 21.51 -12.21
CA ASP D 128 -35.30 20.72 -13.42
C ASP D 128 -35.68 19.26 -13.20
N VAL D 129 -35.44 18.71 -12.01
CA VAL D 129 -35.77 17.32 -11.71
C VAL D 129 -36.63 17.28 -10.45
N TRP D 130 -37.77 16.60 -10.53
CA TRP D 130 -38.71 16.46 -9.43
C TRP D 130 -38.86 14.99 -9.08
N GLY D 131 -39.20 14.73 -7.81
CA GLY D 131 -39.48 13.37 -7.38
C GLY D 131 -40.92 13.00 -7.61
N LYS D 132 -41.23 11.72 -7.34
CA LYS D 132 -42.59 11.23 -7.49
C LYS D 132 -43.52 11.88 -6.47
N GLY D 133 -43.04 12.06 -5.25
CA GLY D 133 -43.80 12.73 -4.20
C GLY D 133 -44.30 11.75 -3.15
N THR D 134 -44.81 12.33 -2.06
CA THR D 134 -45.44 11.59 -0.98
C THR D 134 -46.67 12.36 -0.52
N THR D 135 -47.52 11.70 0.26
CA THR D 135 -48.76 12.29 0.73
C THR D 135 -48.77 12.33 2.26
N VAL D 136 -49.17 13.47 2.81
CA VAL D 136 -49.30 13.66 4.25
C VAL D 136 -50.76 14.02 4.52
N THR D 137 -51.40 13.26 5.40
CA THR D 137 -52.83 13.42 5.67
C THR D 137 -53.06 13.67 7.15
N VAL D 138 -53.98 14.57 7.45
CA VAL D 138 -54.39 14.84 8.83
C VAL D 138 -55.75 14.21 9.11
N SER E 40 -1.29 43.71 -40.57
CA SER E 40 -0.23 44.41 -39.85
C SER E 40 0.82 43.42 -39.36
N ASP E 41 0.68 42.17 -39.80
CA ASP E 41 1.59 41.06 -39.46
C ASP E 41 1.32 40.59 -38.05
N LYS E 42 1.16 39.29 -37.85
CA LYS E 42 0.78 38.75 -36.56
C LYS E 42 1.51 37.44 -36.31
N ILE E 43 1.68 37.11 -35.03
CA ILE E 43 2.19 35.82 -34.59
C ILE E 43 1.36 35.36 -33.41
N CYS E 44 1.00 34.07 -33.40
CA CYS E 44 0.13 33.52 -32.38
C CYS E 44 0.76 32.27 -31.79
N ILE E 45 0.32 31.92 -30.58
CA ILE E 45 0.79 30.74 -29.86
C ILE E 45 -0.42 29.83 -29.60
N GLY E 46 -0.26 28.55 -29.88
CA GLY E 46 -1.34 27.59 -29.71
C GLY E 46 -0.85 26.19 -29.41
N TYR E 47 -1.76 25.21 -29.42
CA TYR E 47 -1.41 23.83 -29.11
C TYR E 47 -2.11 22.90 -30.09
N HIS E 48 -1.92 21.60 -29.86
CA HIS E 48 -2.31 20.55 -30.79
C HIS E 48 -3.73 20.06 -30.53
N ALA E 49 -4.38 19.58 -31.58
CA ALA E 49 -5.71 18.98 -31.45
C ALA E 49 -5.92 18.04 -32.64
N ASN E 50 -6.60 16.92 -32.37
CA ASN E 50 -6.89 15.93 -33.41
C ASN E 50 -8.29 15.39 -33.18
N ASN E 51 -8.62 14.29 -33.86
CA ASN E 51 -9.96 13.71 -33.83
C ASN E 51 -10.05 12.47 -32.94
N SER E 52 -9.15 12.34 -31.97
CA SER E 52 -9.21 11.20 -31.07
C SER E 52 -10.40 11.31 -30.13
N THR E 53 -10.84 10.16 -29.62
CA THR E 53 -12.01 10.10 -28.74
C THR E 53 -11.75 9.26 -27.49
N ASP E 54 -10.48 9.08 -27.11
CA ASP E 54 -10.18 8.33 -25.90
C ASP E 54 -10.25 9.23 -24.68
N THR E 55 -10.81 8.71 -23.60
CA THR E 55 -11.05 9.48 -22.39
C THR E 55 -10.29 8.88 -21.22
N VAL E 56 -9.93 9.74 -20.26
CA VAL E 56 -9.22 9.33 -19.05
C VAL E 56 -9.96 9.91 -17.85
N ASP E 57 -9.67 9.34 -16.68
CA ASP E 57 -10.30 9.73 -15.44
C ASP E 57 -9.30 10.44 -14.54
N THR E 58 -9.76 11.48 -13.86
CA THR E 58 -8.96 12.29 -12.95
C THR E 58 -9.68 12.37 -11.61
N VAL E 59 -8.91 12.64 -10.56
CA VAL E 59 -9.51 12.77 -9.23
C VAL E 59 -10.41 14.00 -9.13
N LEU E 60 -10.30 14.92 -10.08
CA LEU E 60 -11.10 16.13 -10.08
C LEU E 60 -12.17 16.16 -11.16
N GLU E 61 -12.09 15.27 -12.15
CA GLU E 61 -13.03 15.26 -13.26
C GLU E 61 -12.97 13.91 -13.94
N LYS E 62 -14.09 13.50 -14.54
CA LYS E 62 -14.21 12.22 -15.20
C LYS E 62 -14.47 12.41 -16.69
N ASN E 63 -14.03 11.44 -17.49
CA ASN E 63 -14.28 11.40 -18.92
C ASN E 63 -13.67 12.60 -19.64
N VAL E 64 -12.37 12.81 -19.45
CA VAL E 64 -11.66 13.89 -20.12
C VAL E 64 -11.05 13.35 -21.41
N THR E 65 -11.39 13.97 -22.53
CA THR E 65 -10.84 13.57 -23.82
C THR E 65 -9.43 14.13 -23.97
N VAL E 66 -8.50 13.28 -24.39
CA VAL E 66 -7.10 13.65 -24.52
C VAL E 66 -6.63 13.32 -25.93
N THR E 67 -5.52 13.95 -26.33
CA THR E 67 -5.00 13.76 -27.68
C THR E 67 -4.36 12.38 -27.84
N HIS E 68 -3.57 11.95 -26.85
CA HIS E 68 -2.91 10.66 -26.90
C HIS E 68 -2.99 10.00 -25.53
N SER E 69 -2.97 8.66 -25.53
CA SER E 69 -3.03 7.90 -24.29
C SER E 69 -2.57 6.47 -24.56
N VAL E 70 -2.34 5.73 -23.48
CA VAL E 70 -1.95 4.32 -23.55
C VAL E 70 -2.83 3.52 -22.60
N ASN E 71 -2.96 2.23 -22.90
CA ASN E 71 -3.77 1.31 -22.11
C ASN E 71 -2.85 0.35 -21.36
N LEU E 72 -3.09 0.20 -20.05
CA LEU E 72 -2.24 -0.60 -19.19
C LEU E 72 -2.90 -1.88 -18.70
N LEU E 73 -4.08 -2.22 -19.20
CA LEU E 73 -4.82 -3.39 -18.75
C LEU E 73 -5.12 -4.31 -19.91
N GLU E 74 -4.97 -5.61 -19.68
CA GLU E 74 -5.24 -6.64 -20.67
C GLU E 74 -6.41 -7.49 -20.22
N ASN E 75 -7.37 -7.73 -21.11
CA ASN E 75 -8.57 -8.48 -20.77
C ASN E 75 -8.97 -9.44 -21.87
N LYS E 76 -8.02 -9.98 -22.61
CA LYS E 76 -8.31 -10.87 -23.73
C LYS E 76 -7.44 -12.11 -23.65
N HIS E 77 -8.05 -13.27 -23.92
CA HIS E 77 -7.35 -14.54 -24.01
C HIS E 77 -7.88 -15.30 -25.22
N ASN E 78 -7.32 -16.49 -25.45
CA ASN E 78 -7.74 -17.30 -26.60
C ASN E 78 -8.67 -18.45 -26.23
N GLY E 79 -8.91 -18.70 -24.95
CA GLY E 79 -9.84 -19.73 -24.53
C GLY E 79 -9.42 -21.15 -24.87
N LYS E 80 -8.14 -21.47 -24.72
CA LYS E 80 -7.64 -22.81 -24.97
C LYS E 80 -6.59 -23.16 -23.93
N LEU E 81 -6.39 -24.46 -23.72
CA LEU E 81 -5.26 -24.97 -22.95
C LEU E 81 -4.16 -25.33 -23.93
N CYS E 82 -2.99 -24.71 -23.77
CA CYS E 82 -1.95 -24.75 -24.79
C CYS E 82 -0.60 -25.05 -24.17
N LYS E 83 0.33 -25.50 -25.01
CA LYS E 83 1.64 -25.92 -24.55
C LYS E 83 2.42 -24.74 -23.98
N LEU E 84 3.22 -25.01 -22.95
CA LEU E 84 4.04 -24.00 -22.29
C LEU E 84 5.48 -24.19 -22.74
N ARG E 85 5.92 -23.34 -23.69
CA ARG E 85 7.30 -23.35 -24.18
C ARG E 85 7.68 -24.70 -24.77
N GLY E 86 6.80 -25.25 -25.61
CA GLY E 86 7.11 -26.45 -26.36
C GLY E 86 6.89 -27.75 -25.63
N VAL E 87 6.32 -27.73 -24.43
CA VAL E 87 6.05 -28.95 -23.66
C VAL E 87 4.55 -29.02 -23.40
N ALA E 88 3.95 -30.14 -23.77
CA ALA E 88 2.52 -30.32 -23.60
C ALA E 88 2.17 -30.60 -22.13
N PRO E 89 0.99 -30.21 -21.69
CA PRO E 89 0.56 -30.50 -20.31
C PRO E 89 0.13 -31.95 -20.17
N LEU E 90 -0.17 -32.34 -18.94
CA LEU E 90 -0.69 -33.66 -18.62
C LEU E 90 -2.16 -33.50 -18.23
N HIS E 91 -3.05 -34.04 -19.06
CA HIS E 91 -4.48 -33.94 -18.84
C HIS E 91 -4.98 -35.29 -18.33
N LEU E 92 -5.43 -35.33 -17.07
CA LEU E 92 -5.87 -36.58 -16.47
C LEU E 92 -7.22 -37.02 -17.03
N GLY E 93 -8.14 -36.09 -17.17
CA GLY E 93 -9.46 -36.41 -17.74
C GLY E 93 -10.45 -36.88 -16.67
N LYS E 94 -10.86 -38.14 -16.76
CA LYS E 94 -11.81 -38.71 -15.81
C LYS E 94 -11.16 -39.14 -14.50
N CYS E 95 -9.84 -39.17 -14.43
CA CYS E 95 -9.12 -39.60 -13.24
C CYS E 95 -8.58 -38.40 -12.47
N ASN E 96 -8.09 -38.68 -11.26
CA ASN E 96 -7.44 -37.69 -10.43
C ASN E 96 -6.05 -38.19 -10.04
N ILE E 97 -5.41 -37.49 -9.10
CA ILE E 97 -4.06 -37.84 -8.70
C ILE E 97 -4.02 -39.24 -8.10
N ALA E 98 -4.98 -39.56 -7.23
CA ALA E 98 -5.01 -40.87 -6.59
C ALA E 98 -5.23 -41.98 -7.61
N GLY E 99 -6.18 -41.78 -8.53
CA GLY E 99 -6.43 -42.79 -9.55
C GLY E 99 -5.30 -42.91 -10.55
N TRP E 100 -4.60 -41.82 -10.81
CA TRP E 100 -3.47 -41.85 -11.73
C TRP E 100 -2.30 -42.61 -11.14
N LEU E 101 -1.95 -42.32 -9.89
CA LEU E 101 -0.79 -42.97 -9.27
C LEU E 101 -1.09 -44.40 -8.85
N LEU E 102 -2.31 -44.68 -8.37
CA LEU E 102 -2.61 -46.02 -7.88
C LEU E 102 -2.76 -47.01 -9.01
N GLY E 103 -3.13 -46.56 -10.20
CA GLY E 103 -3.33 -47.45 -11.33
C GLY E 103 -4.76 -47.90 -11.47
N ASN E 104 -5.69 -46.96 -11.44
CA ASN E 104 -7.10 -47.29 -11.56
C ASN E 104 -7.38 -47.94 -12.91
N PRO E 105 -8.28 -48.91 -12.98
CA PRO E 105 -8.57 -49.56 -14.28
C PRO E 105 -9.10 -48.62 -15.34
N GLU E 106 -9.64 -47.46 -14.96
CA GLU E 106 -10.18 -46.51 -15.92
C GLU E 106 -9.12 -45.55 -16.47
N CYS E 107 -7.89 -45.58 -15.94
CA CYS E 107 -6.85 -44.64 -16.33
C CYS E 107 -5.75 -45.31 -17.14
N GLU E 108 -6.08 -46.37 -17.88
CA GLU E 108 -5.07 -47.11 -18.64
C GLU E 108 -4.39 -46.26 -19.70
N SER E 109 -4.99 -45.13 -20.08
CA SER E 109 -4.38 -44.23 -21.06
C SER E 109 -3.29 -43.35 -20.46
N LEU E 110 -3.17 -43.30 -19.13
CA LEU E 110 -2.18 -42.46 -18.47
C LEU E 110 -0.91 -43.23 -18.10
N ALA E 111 -0.80 -44.49 -18.50
CA ALA E 111 0.35 -45.30 -18.14
C ALA E 111 1.59 -45.00 -18.97
N THR E 112 1.49 -44.16 -19.99
CA THR E 112 2.62 -43.86 -20.86
C THR E 112 3.24 -42.49 -20.61
N ALA E 113 2.52 -41.58 -19.96
CA ALA E 113 3.03 -40.22 -19.76
C ALA E 113 4.22 -40.22 -18.82
N SER E 114 5.25 -39.45 -19.18
CA SER E 114 6.46 -39.34 -18.39
C SER E 114 6.96 -37.92 -18.18
N SER E 115 6.57 -36.96 -19.03
CA SER E 115 6.99 -35.58 -18.87
C SER E 115 5.80 -34.66 -19.14
N TRP E 116 5.82 -33.49 -18.50
CA TRP E 116 4.74 -32.53 -18.63
C TRP E 116 5.25 -31.16 -18.19
N SER E 117 4.46 -30.13 -18.49
CA SER E 117 4.71 -28.78 -18.03
C SER E 117 3.80 -28.38 -16.87
N TYR E 118 2.54 -28.83 -16.89
CA TYR E 118 1.63 -28.65 -15.76
C TYR E 118 0.56 -29.72 -15.85
N ILE E 119 -0.14 -29.93 -14.74
CA ILE E 119 -1.18 -30.94 -14.64
C ILE E 119 -2.54 -30.26 -14.67
N VAL E 120 -3.46 -30.82 -15.45
CA VAL E 120 -4.80 -30.28 -15.62
C VAL E 120 -5.79 -31.30 -15.08
N GLU E 121 -6.75 -30.81 -14.28
CA GLU E 121 -7.80 -31.64 -13.71
C GLU E 121 -9.15 -31.03 -14.05
N THR E 122 -10.19 -31.87 -13.98
CA THR E 122 -11.55 -31.47 -14.32
C THR E 122 -12.44 -31.67 -13.10
N SER E 123 -13.53 -30.89 -13.05
CA SER E 123 -14.49 -31.04 -11.97
C SER E 123 -15.20 -32.39 -12.01
N SER E 124 -15.14 -33.09 -13.14
CA SER E 124 -15.73 -34.42 -13.28
C SER E 124 -14.73 -35.54 -13.02
N SER E 125 -13.53 -35.20 -12.56
CA SER E 125 -12.51 -36.20 -12.23
C SER E 125 -12.91 -36.91 -10.95
N ASN E 126 -13.45 -38.12 -11.08
CA ASN E 126 -13.98 -38.85 -9.93
C ASN E 126 -13.50 -40.29 -9.84
N ASN E 127 -12.61 -40.73 -10.72
CA ASN E 127 -12.12 -42.11 -10.71
C ASN E 127 -10.84 -42.15 -9.90
N GLY E 128 -10.97 -42.31 -8.58
CA GLY E 128 -9.83 -42.37 -7.70
C GLY E 128 -9.61 -43.73 -7.09
N THR E 129 -9.99 -43.89 -5.83
CA THR E 129 -9.88 -45.16 -5.12
C THR E 129 -11.22 -45.88 -5.22
N CYS E 130 -11.29 -46.90 -6.07
CA CYS E 130 -12.53 -47.63 -6.26
C CYS E 130 -12.94 -48.36 -4.98
N TYR E 131 -11.99 -49.00 -4.31
CA TYR E 131 -12.29 -49.68 -3.05
C TYR E 131 -12.42 -48.65 -1.94
N PRO E 132 -13.52 -48.66 -1.18
CA PRO E 132 -13.70 -47.63 -0.15
C PRO E 132 -12.61 -47.67 0.90
N GLY E 133 -12.25 -46.48 1.39
CA GLY E 133 -11.22 -46.38 2.40
C GLY E 133 -10.71 -44.95 2.49
N ASP E 134 -9.64 -44.79 3.26
CA ASP E 134 -9.04 -43.50 3.54
C ASP E 134 -7.63 -43.42 2.95
N PHE E 135 -7.34 -42.30 2.30
CA PHE E 135 -6.00 -42.02 1.78
C PHE E 135 -5.31 -41.06 2.73
N ILE E 136 -4.23 -41.52 3.36
CA ILE E 136 -3.57 -40.76 4.41
C ILE E 136 -2.62 -39.75 3.79
N ASN E 137 -2.77 -38.47 4.19
CA ASN E 137 -1.93 -37.37 3.70
C ASN E 137 -2.02 -37.24 2.18
N TYR E 138 -3.25 -37.13 1.68
CA TYR E 138 -3.46 -36.98 0.24
C TYR E 138 -3.08 -35.59 -0.25
N GLU E 139 -3.46 -34.56 0.52
CA GLU E 139 -3.14 -33.19 0.13
C GLU E 139 -1.65 -32.91 0.17
N GLU E 140 -0.94 -33.54 1.11
CA GLU E 140 0.51 -33.41 1.12
C GLU E 140 1.13 -34.03 -0.12
N LEU E 141 0.59 -35.17 -0.57
CA LEU E 141 1.07 -35.78 -1.81
C LEU E 141 0.80 -34.88 -3.00
N ARG E 142 -0.37 -34.24 -3.04
CA ARG E 142 -0.66 -33.30 -4.11
C ARG E 142 0.33 -32.13 -4.10
N GLU E 143 0.62 -31.60 -2.91
CA GLU E 143 1.59 -30.50 -2.81
C GLU E 143 2.98 -30.94 -3.26
N GLN E 144 3.37 -32.17 -2.92
CA GLN E 144 4.67 -32.67 -3.37
C GLN E 144 4.71 -32.80 -4.89
N LEU E 145 3.64 -33.34 -5.48
CA LEU E 145 3.61 -33.50 -6.93
C LEU E 145 3.48 -32.18 -7.67
N SER E 146 3.03 -31.12 -6.99
CA SER E 146 2.92 -29.81 -7.64
C SER E 146 4.26 -29.19 -8.00
N SER E 147 5.38 -29.87 -7.74
CA SER E 147 6.70 -29.36 -8.09
C SER E 147 7.56 -30.47 -8.69
N VAL E 148 6.95 -31.32 -9.50
CA VAL E 148 7.64 -32.43 -10.17
C VAL E 148 7.39 -32.30 -11.66
N SER E 149 8.45 -32.43 -12.46
CA SER E 149 8.33 -32.27 -13.90
C SER E 149 8.35 -33.58 -14.67
N SER E 150 8.90 -34.64 -14.11
CA SER E 150 8.98 -35.93 -14.79
C SER E 150 9.38 -37.00 -13.80
N PHE E 151 9.07 -38.25 -14.13
CA PHE E 151 9.56 -39.38 -13.36
C PHE E 151 9.78 -40.57 -14.29
N GLU E 152 10.36 -41.62 -13.73
CA GLU E 152 10.55 -42.90 -14.42
C GLU E 152 9.89 -43.98 -13.59
N LYS E 153 9.01 -44.76 -14.22
CA LYS E 153 8.27 -45.82 -13.55
C LYS E 153 9.01 -47.14 -13.77
N PHE E 154 9.40 -47.78 -12.67
CA PHE E 154 10.12 -49.05 -12.73
C PHE E 154 9.45 -50.05 -11.80
N GLU E 155 9.68 -51.33 -12.07
CA GLU E 155 9.10 -52.40 -11.27
C GLU E 155 9.98 -52.62 -10.04
N ILE E 156 9.43 -52.34 -8.86
CA ILE E 156 10.19 -52.45 -7.63
C ILE E 156 10.21 -53.88 -7.10
N PHE E 157 9.10 -54.61 -7.25
CA PHE E 157 9.03 -56.02 -6.87
C PHE E 157 8.42 -56.78 -8.05
N PRO E 158 9.22 -57.50 -8.83
CA PRO E 158 8.66 -58.24 -9.97
C PRO E 158 7.61 -59.25 -9.51
N LYS E 159 6.53 -59.34 -10.28
CA LYS E 159 5.40 -60.18 -9.88
C LYS E 159 5.73 -61.67 -10.00
N THR E 160 6.53 -62.05 -10.97
CA THR E 160 6.76 -63.46 -11.28
C THR E 160 7.93 -64.06 -10.50
N SER E 161 8.66 -63.28 -9.73
CA SER E 161 9.83 -63.80 -9.05
C SER E 161 9.99 -63.30 -7.61
N SER E 162 8.94 -62.74 -7.01
CA SER E 162 9.04 -62.23 -5.64
C SER E 162 8.15 -62.94 -4.63
N TRP E 163 7.09 -63.61 -5.07
CA TRP E 163 6.12 -64.23 -4.18
C TRP E 163 5.92 -65.68 -4.57
N PRO E 164 6.90 -66.56 -4.28
CA PRO E 164 6.76 -67.96 -4.67
C PRO E 164 5.67 -68.71 -3.93
N ASN E 165 5.24 -68.24 -2.76
CA ASN E 165 4.31 -68.97 -1.91
C ASN E 165 3.07 -68.14 -1.60
N HIS E 166 2.63 -67.33 -2.55
CA HIS E 166 1.42 -66.54 -2.39
C HIS E 166 0.70 -66.43 -3.73
N GLU E 167 -0.60 -66.22 -3.67
CA GLU E 167 -1.43 -66.13 -4.87
C GLU E 167 -1.42 -64.69 -5.37
N THR E 168 -0.78 -64.47 -6.52
CA THR E 168 -0.59 -63.12 -7.04
C THR E 168 -1.67 -62.69 -8.02
N ASN E 169 -2.58 -63.57 -8.41
CA ASN E 169 -3.61 -63.26 -9.40
C ASN E 169 -4.97 -63.77 -8.92
N LYS E 170 -5.31 -63.49 -7.66
CA LYS E 170 -6.61 -63.87 -7.14
C LYS E 170 -7.21 -62.77 -6.25
N GLY E 171 -6.77 -61.53 -6.42
CA GLY E 171 -7.24 -60.44 -5.58
C GLY E 171 -8.10 -59.42 -6.32
N VAL E 172 -9.01 -59.90 -7.16
CA VAL E 172 -9.90 -59.03 -7.91
C VAL E 172 -11.18 -58.83 -7.10
N THR E 173 -11.74 -57.62 -7.21
CA THR E 173 -12.93 -57.24 -6.46
C THR E 173 -13.96 -56.64 -7.42
N ALA E 174 -15.21 -56.60 -6.95
CA ALA E 174 -16.30 -56.05 -7.73
C ALA E 174 -16.46 -54.54 -7.55
N ALA E 175 -15.70 -53.93 -6.64
CA ALA E 175 -15.70 -52.48 -6.51
C ALA E 175 -14.85 -51.79 -7.56
N CYS E 176 -14.01 -52.53 -8.28
CA CYS E 176 -13.20 -52.00 -9.37
C CYS E 176 -13.43 -52.87 -10.60
N PRO E 177 -14.58 -52.73 -11.25
CA PRO E 177 -14.89 -53.57 -12.39
C PRO E 177 -14.28 -53.04 -13.68
N HIS E 178 -13.93 -53.97 -14.57
CA HIS E 178 -13.39 -53.63 -15.88
C HIS E 178 -14.07 -54.50 -16.93
N ALA E 179 -14.78 -53.85 -17.85
CA ALA E 179 -15.47 -54.53 -18.95
C ALA E 179 -16.44 -55.60 -18.42
N GLY E 180 -17.12 -55.29 -17.32
CA GLY E 180 -18.08 -56.21 -16.74
C GLY E 180 -17.48 -57.32 -15.92
N THR E 181 -16.17 -57.31 -15.69
CA THR E 181 -15.50 -58.34 -14.90
C THR E 181 -14.77 -57.68 -13.74
N ASN E 182 -14.57 -58.45 -12.67
CA ASN E 182 -13.86 -57.95 -11.51
C ASN E 182 -12.40 -57.69 -11.85
N SER E 183 -11.85 -56.63 -11.25
CA SER E 183 -10.48 -56.23 -11.53
C SER E 183 -9.92 -55.55 -10.27
N PHE E 184 -8.77 -54.91 -10.42
CA PHE E 184 -8.09 -54.24 -9.32
C PHE E 184 -7.14 -53.20 -9.89
N TYR E 185 -6.40 -52.53 -9.02
CA TYR E 185 -5.39 -51.59 -9.48
C TYR E 185 -4.27 -52.32 -10.21
N LYS E 186 -3.47 -51.54 -10.95
CA LYS E 186 -2.37 -52.10 -11.73
C LYS E 186 -1.01 -51.95 -11.06
N ASN E 187 -0.85 -50.96 -10.18
CA ASN E 187 0.42 -50.72 -9.51
C ASN E 187 0.51 -51.40 -8.15
N LEU E 188 -0.50 -52.15 -7.74
CA LEU E 188 -0.50 -52.85 -6.47
C LEU E 188 -0.95 -54.29 -6.68
N ILE E 189 -0.45 -55.19 -5.82
CA ILE E 189 -0.80 -56.60 -5.86
C ILE E 189 -1.41 -56.98 -4.53
N TRP E 190 -2.58 -57.62 -4.58
CA TRP E 190 -3.29 -58.06 -3.38
C TRP E 190 -3.02 -59.54 -3.19
N LEU E 191 -2.16 -59.88 -2.24
CA LEU E 191 -1.78 -61.26 -1.97
C LEU E 191 -2.78 -61.91 -1.03
N VAL E 192 -3.15 -63.15 -1.34
CA VAL E 192 -4.00 -63.96 -0.49
C VAL E 192 -3.29 -65.27 -0.19
N LYS E 193 -3.92 -66.09 0.64
CA LYS E 193 -3.31 -67.36 1.05
C LYS E 193 -3.20 -68.32 -0.14
N LYS E 194 -2.21 -69.20 -0.06
CA LYS E 194 -1.99 -70.22 -1.08
C LYS E 194 -1.89 -71.58 -0.40
N GLU E 195 -2.75 -72.52 -0.83
CA GLU E 195 -2.77 -73.88 -0.29
C GLU E 195 -2.94 -73.88 1.23
N ASN E 196 -3.88 -73.06 1.72
CA ASN E 196 -4.23 -72.99 3.13
C ASN E 196 -3.04 -72.62 4.01
N SER E 197 -2.20 -71.70 3.53
CA SER E 197 -1.03 -71.27 4.31
C SER E 197 -0.63 -69.87 3.86
N TYR E 198 -0.27 -69.04 4.84
CA TYR E 198 0.23 -67.68 4.60
C TYR E 198 1.52 -67.51 5.38
N PRO E 199 2.65 -67.94 4.82
CA PRO E 199 3.93 -67.76 5.50
C PRO E 199 4.30 -66.28 5.60
N LYS E 200 5.28 -66.01 6.46
CA LYS E 200 5.70 -64.64 6.72
C LYS E 200 6.35 -64.02 5.48
N ILE E 201 6.18 -62.71 5.34
CA ILE E 201 6.75 -61.94 4.24
C ILE E 201 7.82 -61.03 4.82
N ASN E 202 9.04 -61.13 4.27
CA ASN E 202 10.18 -60.30 4.67
C ASN E 202 10.89 -59.86 3.39
N ILE E 203 10.61 -58.64 2.94
CA ILE E 203 11.18 -58.15 1.69
C ILE E 203 11.78 -56.77 1.91
N SER E 204 12.70 -56.39 1.03
CA SER E 204 13.44 -55.15 1.18
C SER E 204 13.87 -54.62 -0.17
N TYR E 205 14.16 -53.31 -0.21
CA TYR E 205 14.62 -52.66 -1.43
C TYR E 205 15.52 -51.49 -1.07
N THR E 206 16.64 -51.37 -1.78
CA THR E 206 17.60 -50.29 -1.57
C THR E 206 17.64 -49.41 -2.81
N ASN E 207 17.78 -48.10 -2.60
CA ASN E 207 17.59 -47.10 -3.66
C ASN E 207 18.91 -46.81 -4.36
N ASN E 208 19.25 -47.64 -5.33
CA ASN E 208 20.41 -47.39 -6.19
C ASN E 208 20.01 -46.68 -7.49
N ARG E 209 19.31 -45.56 -7.38
CA ARG E 209 18.83 -44.84 -8.55
C ARG E 209 19.35 -43.42 -8.68
N GLY E 210 19.83 -42.80 -7.60
CA GLY E 210 20.30 -41.44 -7.65
C GLY E 210 19.25 -40.38 -7.45
N LYS E 211 17.99 -40.76 -7.30
CA LYS E 211 16.91 -39.81 -7.03
C LYS E 211 15.94 -40.44 -6.04
N GLU E 212 15.14 -39.59 -5.40
CA GLU E 212 14.18 -40.08 -4.42
C GLU E 212 13.05 -40.84 -5.11
N VAL E 213 12.55 -41.87 -4.45
CA VAL E 213 11.59 -42.80 -5.02
C VAL E 213 10.31 -42.77 -4.19
N LEU E 214 9.17 -42.70 -4.87
CA LEU E 214 7.86 -42.66 -4.22
C LEU E 214 7.27 -44.06 -4.19
N VAL E 215 6.94 -44.54 -2.99
CA VAL E 215 6.40 -45.88 -2.79
C VAL E 215 5.00 -45.76 -2.19
N LEU E 216 4.09 -46.62 -2.65
CA LEU E 216 2.71 -46.63 -2.18
C LEU E 216 2.31 -48.06 -1.81
N TRP E 217 1.54 -48.19 -0.73
CA TRP E 217 1.02 -49.50 -0.32
C TRP E 217 -0.35 -49.30 0.32
N ALA E 218 -0.96 -50.40 0.77
CA ALA E 218 -2.29 -50.34 1.35
C ALA E 218 -2.46 -51.47 2.37
N ILE E 219 -3.42 -51.27 3.27
CA ILE E 219 -3.76 -52.21 4.32
C ILE E 219 -5.25 -52.48 4.25
N HIS E 220 -5.62 -53.76 4.35
CA HIS E 220 -7.00 -54.22 4.17
C HIS E 220 -7.62 -54.56 5.52
N HIS E 221 -8.83 -54.07 5.75
CA HIS E 221 -9.61 -54.36 6.95
C HIS E 221 -10.87 -55.14 6.56
N PRO E 222 -10.89 -56.45 6.74
CA PRO E 222 -12.09 -57.22 6.41
C PRO E 222 -13.20 -56.94 7.41
N PRO E 223 -14.46 -57.24 7.06
CA PRO E 223 -15.58 -56.91 7.94
C PRO E 223 -15.96 -57.99 8.95
N THR E 224 -15.43 -59.21 8.83
CA THR E 224 -15.85 -60.29 9.70
C THR E 224 -14.69 -61.27 9.85
N SER E 225 -14.65 -61.95 11.00
CA SER E 225 -13.53 -62.85 11.32
C SER E 225 -13.42 -63.99 10.31
N THR E 226 -14.55 -64.55 9.88
CA THR E 226 -14.49 -65.64 8.91
C THR E 226 -13.92 -65.16 7.57
N ASP E 227 -14.16 -63.90 7.20
CA ASP E 227 -13.54 -63.34 6.01
C ASP E 227 -12.02 -63.31 6.15
N GLN E 228 -11.53 -62.90 7.32
CA GLN E 228 -10.09 -62.88 7.56
C GLN E 228 -9.51 -64.30 7.51
N GLN E 229 -10.20 -65.26 8.12
CA GLN E 229 -9.72 -66.63 8.10
C GLN E 229 -9.80 -67.25 6.71
N SER E 230 -10.69 -66.75 5.85
CA SER E 230 -10.81 -67.26 4.49
C SER E 230 -9.85 -66.58 3.52
N LEU E 231 -9.38 -65.37 3.82
CA LEU E 231 -8.44 -64.67 2.96
C LEU E 231 -6.98 -64.88 3.35
N TYR E 232 -6.66 -64.85 4.65
CA TYR E 232 -5.29 -64.86 5.11
C TYR E 232 -4.95 -66.00 6.05
N GLN E 233 -5.95 -66.74 6.56
CA GLN E 233 -5.81 -67.94 7.37
C GLN E 233 -5.34 -67.65 8.80
N ASN E 234 -4.84 -66.44 9.07
CA ASN E 234 -4.30 -66.09 10.38
C ASN E 234 -5.29 -65.19 11.11
N ALA E 235 -5.60 -65.54 12.35
CA ALA E 235 -6.53 -64.73 13.14
C ALA E 235 -5.89 -63.40 13.54
N ASN E 236 -4.67 -63.43 14.04
CA ASN E 236 -3.94 -62.24 14.45
C ASN E 236 -2.86 -61.94 13.43
N SER E 237 -2.88 -60.72 12.87
CA SER E 237 -1.95 -60.33 11.84
C SER E 237 -1.41 -58.93 12.13
N TYR E 238 -0.22 -58.66 11.60
CA TYR E 238 0.41 -57.36 11.75
C TYR E 238 1.23 -57.07 10.51
N VAL E 239 1.46 -55.78 10.24
CA VAL E 239 2.29 -55.35 9.12
C VAL E 239 3.26 -54.29 9.62
N PHE E 240 4.55 -54.53 9.47
CA PHE E 240 5.58 -53.57 9.84
C PHE E 240 6.23 -53.03 8.58
N VAL E 241 6.25 -51.71 8.45
CA VAL E 241 6.93 -51.03 7.35
C VAL E 241 7.98 -50.11 7.96
N GLY E 242 9.23 -50.29 7.54
CA GLY E 242 10.34 -49.58 8.16
C GLY E 242 11.29 -49.02 7.14
N SER E 243 11.95 -47.93 7.52
CA SER E 243 13.04 -47.35 6.74
C SER E 243 13.95 -46.60 7.70
N SER E 244 14.90 -45.83 7.15
CA SER E 244 15.78 -45.03 7.98
C SER E 244 15.07 -43.85 8.60
N ARG E 245 13.98 -43.39 8.01
CA ARG E 245 13.22 -42.25 8.51
C ARG E 245 11.77 -42.60 8.82
N TYR E 246 11.25 -43.71 8.31
CA TYR E 246 9.88 -44.13 8.52
C TYR E 246 9.86 -45.43 9.31
N SER E 247 8.83 -45.59 10.14
CA SER E 247 8.65 -46.81 10.92
C SER E 247 7.23 -46.85 11.43
N ARG E 248 6.51 -47.93 11.13
CA ARG E 248 5.14 -48.05 11.64
C ARG E 248 4.70 -49.50 11.63
N LYS E 249 3.82 -49.83 12.57
CA LYS E 249 3.19 -51.13 12.68
C LYS E 249 1.68 -50.98 12.59
N PHE E 250 1.05 -51.76 11.73
CA PHE E 250 -0.37 -51.71 11.46
C PHE E 250 -1.03 -53.02 11.90
N GLU E 251 -2.22 -52.90 12.49
CA GLU E 251 -3.03 -54.04 12.89
C GLU E 251 -4.45 -53.80 12.38
N PRO E 252 -5.08 -54.81 11.80
CA PRO E 252 -6.41 -54.61 11.21
C PRO E 252 -7.50 -54.39 12.25
N GLU E 253 -8.56 -53.70 11.82
CA GLU E 253 -9.76 -53.49 12.62
C GLU E 253 -10.90 -54.23 11.93
N ILE E 254 -11.36 -55.32 12.53
CA ILE E 254 -12.36 -56.20 11.94
C ILE E 254 -13.71 -55.82 12.51
N ALA E 255 -14.52 -55.12 11.70
CA ALA E 255 -15.86 -54.73 12.10
C ALA E 255 -16.69 -54.50 10.85
N THR E 256 -18.01 -54.56 11.02
CA THR E 256 -18.95 -54.38 9.91
C THR E 256 -19.34 -52.92 9.82
N ARG E 257 -19.20 -52.34 8.63
CA ARG E 257 -19.47 -50.93 8.38
C ARG E 257 -20.53 -50.79 7.29
N PRO E 258 -21.21 -49.65 7.22
CA PRO E 258 -22.18 -49.44 6.15
C PRO E 258 -21.54 -49.56 4.77
N LYS E 259 -22.28 -50.19 3.85
CA LYS E 259 -21.77 -50.42 2.52
C LYS E 259 -21.65 -49.12 1.74
N VAL E 260 -20.54 -48.97 1.01
CA VAL E 260 -20.30 -47.82 0.16
C VAL E 260 -20.44 -48.18 -1.32
N ARG E 261 -19.64 -49.13 -1.80
CA ARG E 261 -19.78 -49.67 -3.14
C ARG E 261 -20.04 -51.17 -3.07
N GLY E 262 -20.88 -51.58 -2.12
CA GLY E 262 -21.16 -52.98 -1.89
C GLY E 262 -20.21 -53.67 -0.92
N GLN E 263 -19.23 -52.96 -0.39
CA GLN E 263 -18.20 -53.54 0.46
C GLN E 263 -18.37 -53.05 1.89
N ALA E 264 -18.31 -53.98 2.84
CA ALA E 264 -18.34 -53.65 4.27
C ALA E 264 -16.95 -53.56 4.89
N GLY E 265 -15.89 -53.89 4.14
CA GLY E 265 -14.53 -53.72 4.60
C GLY E 265 -13.93 -52.43 4.06
N ARG E 266 -12.70 -52.17 4.47
CA ARG E 266 -12.03 -50.93 4.10
C ARG E 266 -10.60 -51.20 3.65
N MET E 267 -9.99 -50.18 3.04
CA MET E 267 -8.60 -50.22 2.64
C MET E 267 -7.98 -48.85 2.88
N ASN E 268 -6.87 -48.81 3.62
CA ASN E 268 -6.16 -47.57 3.89
C ASN E 268 -4.90 -47.52 3.03
N TYR E 269 -4.69 -46.38 2.37
CA TYR E 269 -3.59 -46.21 1.42
C TYR E 269 -2.53 -45.30 2.02
N TYR E 270 -1.27 -45.74 1.95
CA TYR E 270 -0.15 -45.00 2.52
C TYR E 270 0.93 -44.83 1.47
N TRP E 271 1.78 -43.82 1.67
CA TRP E 271 2.85 -43.50 0.75
C TRP E 271 4.07 -43.02 1.52
N THR E 272 5.23 -43.08 0.87
CA THR E 272 6.47 -42.63 1.47
C THR E 272 7.46 -42.26 0.38
N LEU E 273 8.47 -41.48 0.77
CA LEU E 273 9.56 -41.07 -0.12
C LEU E 273 10.88 -41.63 0.42
N VAL E 274 11.66 -42.24 -0.47
CA VAL E 274 12.92 -42.87 -0.11
C VAL E 274 14.05 -42.05 -0.73
N GLU E 275 14.99 -41.63 0.13
CA GLU E 275 16.14 -40.83 -0.28
C GLU E 275 17.18 -41.71 -0.98
N PRO E 276 18.02 -41.13 -1.83
CA PRO E 276 19.07 -41.93 -2.48
C PRO E 276 19.97 -42.60 -1.45
N GLY E 277 20.34 -43.85 -1.75
CA GLY E 277 21.18 -44.63 -0.86
C GLY E 277 20.47 -45.23 0.33
N ASP E 278 19.15 -45.12 0.41
CA ASP E 278 18.38 -45.59 1.56
C ASP E 278 17.75 -46.94 1.27
N LYS E 279 17.15 -47.52 2.31
CA LYS E 279 16.54 -48.84 2.24
C LYS E 279 15.15 -48.81 2.87
N ILE E 280 14.28 -49.68 2.37
CA ILE E 280 12.93 -49.83 2.91
C ILE E 280 12.63 -51.31 3.05
N THR E 281 11.93 -51.66 4.13
CA THR E 281 11.66 -53.04 4.48
C THR E 281 10.19 -53.24 4.80
N PHE E 282 9.62 -54.30 4.24
CA PHE E 282 8.25 -54.72 4.51
C PHE E 282 8.28 -56.08 5.20
N GLU E 283 7.51 -56.21 6.29
CA GLU E 283 7.36 -57.47 6.99
C GLU E 283 5.88 -57.65 7.30
N ALA E 284 5.36 -58.85 7.06
CA ALA E 284 3.92 -59.02 7.18
C ALA E 284 3.56 -60.47 7.42
N THR E 285 2.35 -60.67 7.95
CA THR E 285 1.75 -62.00 8.07
C THR E 285 0.28 -61.97 7.66
N GLY E 286 -0.12 -60.99 6.87
CA GLY E 286 -1.49 -60.87 6.39
C GLY E 286 -1.86 -59.42 6.19
N ASN E 287 -2.97 -59.22 5.47
CA ASN E 287 -3.60 -57.91 5.30
C ASN E 287 -2.70 -56.91 4.59
N LEU E 288 -1.86 -57.37 3.67
CA LEU E 288 -0.92 -56.49 2.98
C LEU E 288 -1.20 -56.46 1.49
N VAL E 289 -1.19 -55.25 0.93
CA VAL E 289 -1.32 -55.02 -0.51
C VAL E 289 0.00 -54.42 -0.96
N VAL E 290 0.84 -55.23 -1.61
CA VAL E 290 2.23 -54.86 -1.88
C VAL E 290 2.32 -53.94 -3.10
N PRO E 291 3.32 -53.07 -3.16
CA PRO E 291 3.54 -52.28 -4.37
C PRO E 291 4.13 -53.14 -5.49
N ARG E 292 3.94 -52.65 -6.72
CA ARG E 292 4.53 -53.28 -7.90
C ARG E 292 5.35 -52.32 -8.73
N TYR E 293 4.93 -51.06 -8.85
CA TYR E 293 5.65 -50.05 -9.61
C TYR E 293 5.97 -48.86 -8.72
N ALA E 294 7.15 -48.28 -8.91
CA ALA E 294 7.58 -47.10 -8.18
C ALA E 294 8.06 -46.05 -9.16
N PHE E 295 8.09 -44.80 -8.70
CA PHE E 295 8.42 -43.65 -9.54
C PHE E 295 9.63 -42.92 -8.96
N ALA E 296 10.61 -42.63 -9.81
CA ALA E 296 11.79 -41.87 -9.44
C ALA E 296 11.61 -40.43 -9.92
N LEU E 297 11.45 -39.50 -8.98
CA LEU E 297 10.96 -38.17 -9.28
C LEU E 297 12.07 -37.22 -9.69
N LYS E 298 11.72 -36.26 -10.54
CA LYS E 298 12.59 -35.15 -10.93
C LYS E 298 11.84 -33.86 -10.69
N ARG E 299 12.49 -32.92 -10.00
CA ARG E 299 11.82 -31.73 -9.50
C ARG E 299 12.02 -30.53 -10.42
N ASN E 300 11.03 -29.64 -10.42
CA ASN E 300 11.10 -28.38 -11.16
C ASN E 300 10.17 -27.39 -10.46
N SER E 301 10.65 -26.16 -10.28
CA SER E 301 9.92 -25.18 -9.49
C SER E 301 8.72 -24.62 -10.24
N GLY E 302 8.86 -24.34 -11.53
CA GLY E 302 7.81 -23.66 -12.27
C GLY E 302 6.74 -24.56 -12.85
N SER E 303 6.05 -25.31 -11.99
CA SER E 303 4.96 -26.18 -12.40
C SER E 303 3.81 -26.03 -11.41
N GLY E 304 2.70 -26.71 -11.69
CA GLY E 304 1.55 -26.64 -10.81
C GLY E 304 0.43 -27.51 -11.33
N ILE E 305 -0.66 -27.53 -10.56
CA ILE E 305 -1.87 -28.27 -10.89
C ILE E 305 -3.02 -27.26 -10.97
N ILE E 306 -3.73 -27.25 -12.09
CA ILE E 306 -4.85 -26.36 -12.28
C ILE E 306 -6.10 -27.19 -12.56
N ILE E 307 -7.26 -26.59 -12.31
CA ILE E 307 -8.55 -27.21 -12.55
C ILE E 307 -9.30 -26.35 -13.57
N SER E 308 -9.66 -26.95 -14.70
CA SER E 308 -10.29 -26.19 -15.78
C SER E 308 -11.11 -27.14 -16.65
N GLU E 309 -12.05 -26.56 -17.39
CA GLU E 309 -12.90 -27.30 -18.31
C GLU E 309 -12.62 -26.99 -19.77
N THR E 310 -11.76 -26.02 -20.07
CA THR E 310 -11.49 -25.67 -21.45
C THR E 310 -10.67 -26.76 -22.13
N PRO E 311 -10.87 -26.97 -23.44
CA PRO E 311 -10.16 -28.05 -24.12
C PRO E 311 -8.69 -27.74 -24.35
N VAL E 312 -7.93 -28.81 -24.60
CA VAL E 312 -6.50 -28.72 -24.84
C VAL E 312 -6.26 -28.73 -26.35
N HIS E 313 -5.48 -27.77 -26.84
CA HIS E 313 -5.20 -27.63 -28.25
C HIS E 313 -3.69 -27.53 -28.47
N ASP E 314 -3.30 -27.45 -29.74
CA ASP E 314 -1.90 -27.49 -30.16
C ASP E 314 -1.30 -26.08 -30.30
N CYS E 315 -1.26 -25.32 -29.21
CA CYS E 315 -0.75 -23.96 -29.25
C CYS E 315 0.73 -23.94 -28.86
N ASP E 316 1.23 -22.73 -28.61
CA ASP E 316 2.44 -22.49 -27.83
C ASP E 316 2.30 -21.11 -27.20
N THR E 317 2.59 -21.04 -25.90
CA THR E 317 2.35 -19.82 -25.15
C THR E 317 3.44 -19.64 -24.09
N THR E 318 3.32 -18.57 -23.31
CA THR E 318 4.27 -18.27 -22.26
C THR E 318 3.54 -18.06 -20.94
N CYS E 319 2.30 -17.58 -21.00
CA CYS E 319 1.46 -17.35 -19.84
C CYS E 319 0.15 -18.11 -20.02
N GLN E 320 -0.26 -18.85 -18.99
CA GLN E 320 -1.45 -19.69 -19.06
C GLN E 320 -2.31 -19.48 -17.82
N THR E 321 -3.61 -19.42 -18.02
CA THR E 321 -4.62 -19.33 -16.98
C THR E 321 -5.65 -20.42 -17.20
N PRO E 322 -6.42 -20.77 -16.17
CA PRO E 322 -7.47 -21.78 -16.36
C PRO E 322 -8.51 -21.39 -17.40
N ASN E 323 -8.67 -20.10 -17.69
CA ASN E 323 -9.60 -19.66 -18.72
C ASN E 323 -9.00 -19.65 -20.11
N GLY E 324 -7.72 -19.34 -20.24
CA GLY E 324 -7.07 -19.33 -21.54
C GLY E 324 -5.68 -18.74 -21.43
N ALA E 325 -4.99 -18.74 -22.57
CA ALA E 325 -3.64 -18.24 -22.65
C ALA E 325 -3.63 -16.75 -22.94
N ILE E 326 -2.60 -16.06 -22.44
CA ILE E 326 -2.47 -14.62 -22.57
C ILE E 326 -1.20 -14.33 -23.37
N ASN E 327 -1.34 -13.50 -24.42
CA ASN E 327 -0.23 -13.12 -25.28
C ASN E 327 -0.18 -11.59 -25.30
N THR E 328 0.57 -11.01 -24.37
CA THR E 328 0.58 -9.56 -24.21
C THR E 328 1.86 -9.14 -23.49
N SER E 329 2.11 -7.83 -23.49
CA SER E 329 3.22 -7.23 -22.78
C SER E 329 2.78 -6.18 -21.77
N LEU E 330 1.47 -6.02 -21.57
CA LEU E 330 0.97 -5.02 -20.64
C LEU E 330 1.27 -5.44 -19.21
N PRO E 331 1.36 -4.47 -18.28
CA PRO E 331 1.75 -4.81 -16.90
C PRO E 331 0.61 -5.32 -16.02
N PHE E 332 -0.64 -5.26 -16.47
CA PHE E 332 -1.78 -5.67 -15.66
C PHE E 332 -2.71 -6.57 -16.46
N GLN E 333 -3.48 -7.37 -15.74
CA GLN E 333 -4.52 -8.20 -16.34
C GLN E 333 -5.63 -8.39 -15.32
N ASN E 334 -6.82 -8.74 -15.83
CA ASN E 334 -7.97 -8.98 -14.96
C ASN E 334 -8.73 -10.22 -15.42
N ILE E 335 -8.01 -11.28 -15.76
CA ILE E 335 -8.61 -12.51 -16.26
C ILE E 335 -8.75 -13.56 -15.17
N HIS E 336 -7.64 -13.88 -14.48
CA HIS E 336 -7.68 -14.91 -13.45
C HIS E 336 -6.51 -14.71 -12.50
N PRO E 337 -6.73 -14.87 -11.18
CA PRO E 337 -5.59 -14.76 -10.24
C PRO E 337 -4.62 -15.92 -10.32
N VAL E 338 -5.00 -17.04 -10.93
CA VAL E 338 -4.14 -18.22 -11.03
C VAL E 338 -3.44 -18.19 -12.38
N THR E 339 -2.11 -18.29 -12.37
CA THR E 339 -1.32 -18.18 -13.58
C THR E 339 -0.18 -19.19 -13.54
N ILE E 340 0.29 -19.57 -14.73
CA ILE E 340 1.44 -20.44 -14.90
C ILE E 340 2.39 -19.78 -15.89
N GLY E 341 3.62 -19.51 -15.46
CA GLY E 341 4.60 -18.90 -16.33
C GLY E 341 4.95 -17.48 -15.95
N GLU E 342 5.18 -16.63 -16.95
CA GLU E 342 5.47 -15.21 -16.74
C GLU E 342 4.23 -14.42 -17.15
N CYS E 343 3.50 -13.89 -16.18
CA CYS E 343 2.20 -13.28 -16.39
C CYS E 343 2.13 -11.93 -15.73
N PRO E 344 1.26 -11.04 -16.21
CA PRO E 344 1.10 -9.73 -15.57
C PRO E 344 0.38 -9.84 -14.24
N LYS E 345 0.48 -8.76 -13.46
CA LYS E 345 -0.18 -8.70 -12.16
C LYS E 345 -1.70 -8.66 -12.33
N TYR E 346 -2.40 -9.29 -11.40
CA TYR E 346 -3.85 -9.37 -11.45
C TYR E 346 -4.47 -8.28 -10.59
N VAL E 347 -5.38 -7.51 -11.18
CA VAL E 347 -6.14 -6.50 -10.47
C VAL E 347 -7.61 -6.68 -10.83
N LYS E 348 -8.49 -6.26 -9.92
CA LYS E 348 -9.93 -6.34 -10.12
C LYS E 348 -10.50 -5.13 -10.85
N SER E 349 -9.65 -4.35 -11.52
CA SER E 349 -10.10 -3.14 -12.20
C SER E 349 -10.75 -3.49 -13.54
N THR E 350 -11.43 -2.50 -14.11
CA THR E 350 -12.04 -2.62 -15.43
C THR E 350 -11.42 -1.67 -16.45
N LYS E 351 -10.86 -0.54 -16.02
CA LYS E 351 -10.23 0.42 -16.92
C LYS E 351 -8.98 0.98 -16.27
N LEU E 352 -7.90 1.05 -17.03
CA LEU E 352 -6.65 1.67 -16.56
C LEU E 352 -5.98 2.30 -17.78
N ARG E 353 -6.25 3.58 -18.01
CA ARG E 353 -5.70 4.30 -19.15
C ARG E 353 -4.86 5.47 -18.65
N MET E 354 -3.66 5.61 -19.22
CA MET E 354 -2.72 6.64 -18.81
C MET E 354 -2.60 7.67 -19.91
N ALA E 355 -2.76 8.94 -19.56
CA ALA E 355 -2.71 10.02 -20.54
C ALA E 355 -1.28 10.41 -20.85
N THR E 356 -1.00 10.64 -22.13
CA THR E 356 0.29 11.13 -22.57
C THR E 356 0.21 12.45 -23.34
N GLY E 357 -0.94 12.79 -23.91
CA GLY E 357 -1.13 14.05 -24.59
C GLY E 357 -1.85 15.07 -23.73
N LEU E 358 -2.24 16.16 -24.37
CA LEU E 358 -2.93 17.25 -23.69
C LEU E 358 -4.44 17.11 -23.86
N ARG E 359 -5.16 18.09 -23.32
CA ARG E 359 -6.62 18.11 -23.45
C ARG E 359 -7.02 18.38 -24.90
N ASN E 360 -8.01 17.64 -25.37
CA ASN E 360 -8.43 17.71 -26.77
C ASN E 360 -9.59 18.69 -26.90
N ILE E 361 -9.36 19.80 -27.58
CA ILE E 361 -10.39 20.77 -27.91
C ILE E 361 -10.33 21.05 -29.40
N PRO E 362 -10.82 20.14 -30.25
CA PRO E 362 -10.64 20.32 -31.70
C PRO E 362 -11.25 21.59 -32.24
N SER E 363 -12.40 22.00 -31.72
CA SER E 363 -13.08 23.21 -32.17
C SER E 363 -14.20 23.59 -31.21
N GLY E 368 -7.35 24.68 -16.00
CA GLY E 368 -6.06 24.22 -15.52
C GLY E 368 -5.51 25.09 -14.41
N LEU E 369 -4.41 24.64 -13.79
CA LEU E 369 -3.82 25.38 -12.70
C LEU E 369 -3.13 26.65 -13.17
N PHE E 370 -2.74 26.73 -14.44
CA PHE E 370 -2.01 27.88 -14.96
C PHE E 370 -2.82 28.73 -15.94
N GLY E 371 -4.03 28.31 -16.30
CA GLY E 371 -4.92 29.15 -17.06
C GLY E 371 -4.54 29.39 -18.50
N ALA E 372 -3.76 28.51 -19.11
CA ALA E 372 -3.33 28.66 -20.50
C ALA E 372 -4.20 27.84 -21.45
N ILE E 373 -4.26 26.54 -21.25
CA ILE E 373 -5.08 25.66 -22.07
C ILE E 373 -6.54 25.82 -21.64
N ALA E 374 -7.41 26.11 -22.61
CA ALA E 374 -8.82 26.43 -22.35
C ALA E 374 -8.96 27.62 -21.40
N GLY E 375 -7.98 28.52 -21.42
CA GLY E 375 -8.02 29.73 -20.63
C GLY E 375 -8.11 30.94 -21.51
N PHE E 376 -7.01 31.68 -21.65
CA PHE E 376 -6.98 32.78 -22.61
C PHE E 376 -6.65 32.32 -24.01
N ILE E 377 -6.31 31.05 -24.20
CA ILE E 377 -6.23 30.42 -25.51
C ILE E 377 -7.33 29.36 -25.53
N GLU E 378 -8.43 29.66 -26.23
CA GLU E 378 -9.67 28.90 -26.05
C GLU E 378 -9.64 27.51 -26.67
N GLY E 379 -8.95 27.34 -27.80
CA GLY E 379 -8.99 26.07 -28.48
C GLY E 379 -7.68 25.74 -29.16
N GLY E 380 -7.57 24.47 -29.58
CA GLY E 380 -6.37 23.98 -30.24
C GLY E 380 -6.45 24.09 -31.74
N TRP E 381 -5.35 23.72 -32.39
CA TRP E 381 -5.20 23.81 -33.84
C TRP E 381 -5.05 22.41 -34.42
N THR E 382 -5.94 22.05 -35.35
CA THR E 382 -5.81 20.80 -36.07
C THR E 382 -4.84 20.90 -37.24
N GLY E 383 -4.39 22.11 -37.58
CA GLY E 383 -3.42 22.29 -38.65
C GLY E 383 -1.98 22.08 -38.25
N MET E 384 -1.69 22.00 -36.95
CA MET E 384 -0.35 21.68 -36.47
C MET E 384 -0.29 20.17 -36.23
N ILE E 385 0.51 19.47 -37.03
CA ILE E 385 0.54 18.02 -37.00
C ILE E 385 1.86 17.45 -36.50
N ASP E 386 2.92 18.25 -36.41
CA ASP E 386 4.25 17.75 -36.10
C ASP E 386 4.73 18.15 -34.72
N GLY E 387 3.83 18.51 -33.81
CA GLY E 387 4.26 18.91 -32.49
C GLY E 387 3.07 19.17 -31.59
N TRP E 388 3.38 19.48 -30.33
CA TRP E 388 2.39 19.78 -29.32
C TRP E 388 2.15 21.28 -29.15
N TYR E 389 3.20 22.09 -29.23
CA TYR E 389 3.09 23.54 -29.10
C TYR E 389 3.83 24.19 -30.26
N GLY E 390 3.32 25.32 -30.73
CA GLY E 390 3.92 25.96 -31.87
C GLY E 390 3.37 27.35 -32.10
N TYR E 391 3.67 27.87 -33.29
CA TYR E 391 3.32 29.22 -33.70
C TYR E 391 2.49 29.18 -34.98
N HIS E 392 1.73 30.25 -35.20
CA HIS E 392 1.04 30.50 -36.45
C HIS E 392 1.33 31.94 -36.85
N HIS E 393 1.85 32.14 -38.06
CA HIS E 393 2.24 33.47 -38.50
C HIS E 393 1.50 33.83 -39.79
N GLN E 394 1.47 35.13 -40.05
CA GLN E 394 0.80 35.66 -41.24
C GLN E 394 1.39 37.03 -41.55
N ASN E 395 1.86 37.21 -42.77
CA ASN E 395 2.45 38.47 -43.21
C ASN E 395 2.19 38.62 -44.70
N GLU E 396 2.94 39.52 -45.36
CA GLU E 396 2.73 39.76 -46.78
C GLU E 396 3.11 38.55 -47.62
N GLN E 397 4.07 37.75 -47.19
CA GLN E 397 4.44 36.55 -47.94
C GLN E 397 3.37 35.48 -47.87
N GLY E 398 2.85 35.22 -46.68
CA GLY E 398 1.81 34.23 -46.51
C GLY E 398 1.70 33.80 -45.06
N SER E 399 0.73 32.93 -44.81
CA SER E 399 0.45 32.43 -43.48
C SER E 399 0.87 30.97 -43.36
N GLY E 400 0.97 30.51 -42.12
CA GLY E 400 1.28 29.11 -41.89
C GLY E 400 1.60 28.81 -40.45
N TYR E 401 1.57 27.51 -40.14
CA TYR E 401 1.89 26.98 -38.84
C TYR E 401 3.33 26.49 -38.79
N ALA E 402 3.86 26.36 -37.58
CA ALA E 402 5.19 25.81 -37.38
C ALA E 402 5.35 25.36 -35.94
N ALA E 403 5.66 24.10 -35.73
CA ALA E 403 5.78 23.57 -34.39
C ALA E 403 7.09 24.02 -33.73
N ASP E 404 7.09 24.02 -32.40
CA ASP E 404 8.27 24.33 -31.61
C ASP E 404 8.93 23.03 -31.18
N LEU E 405 10.22 22.90 -31.45
CA LEU E 405 10.92 21.63 -31.29
C LEU E 405 11.46 21.41 -29.89
N LYS E 406 12.01 22.44 -29.25
CA LYS E 406 12.66 22.26 -27.96
C LYS E 406 11.66 21.90 -26.88
N SER E 407 10.56 22.64 -26.78
CA SER E 407 9.56 22.36 -25.76
C SER E 407 8.90 21.01 -25.98
N THR E 408 8.60 20.67 -27.25
CA THR E 408 8.01 19.38 -27.54
C THR E 408 8.98 18.25 -27.19
N GLN E 409 10.27 18.43 -27.48
CA GLN E 409 11.25 17.40 -27.14
C GLN E 409 11.35 17.20 -25.63
N ASN E 410 11.39 18.31 -24.87
CA ASN E 410 11.47 18.19 -23.42
C ASN E 410 10.23 17.50 -22.86
N ALA E 411 9.05 17.85 -23.37
CA ALA E 411 7.82 17.22 -22.91
C ALA E 411 7.82 15.74 -23.24
N ILE E 412 8.29 15.36 -24.43
CA ILE E 412 8.34 13.95 -24.81
C ILE E 412 9.27 13.19 -23.89
N ASP E 413 10.45 13.76 -23.60
CA ASP E 413 11.38 13.11 -22.68
C ASP E 413 10.73 12.88 -21.32
N GLY E 414 10.08 13.92 -20.78
CA GLY E 414 9.45 13.78 -19.47
C GLY E 414 8.36 12.73 -19.46
N ILE E 415 7.51 12.71 -20.49
CA ILE E 415 6.39 11.79 -20.51
C ILE E 415 6.87 10.34 -20.65
N THR E 416 7.84 10.10 -21.54
CA THR E 416 8.37 8.76 -21.68
C THR E 416 9.05 8.29 -20.39
N ASN E 417 9.77 9.20 -19.72
CA ASN E 417 10.38 8.86 -18.44
C ASN E 417 9.31 8.48 -17.41
N LYS E 418 8.20 9.23 -17.37
CA LYS E 418 7.13 8.91 -16.44
C LYS E 418 6.53 7.54 -16.72
N VAL E 419 6.28 7.23 -17.99
CA VAL E 419 5.69 5.94 -18.33
C VAL E 419 6.65 4.80 -17.97
N ASN E 420 7.93 4.97 -18.28
CA ASN E 420 8.91 3.94 -17.94
C ASN E 420 9.01 3.73 -16.44
N SER E 421 8.98 4.82 -15.66
CA SER E 421 9.02 4.70 -14.22
C SER E 421 7.80 3.97 -13.69
N VAL E 422 6.62 4.25 -14.26
CA VAL E 422 5.42 3.52 -13.85
C VAL E 422 5.56 2.04 -14.17
N ILE E 423 6.07 1.72 -15.35
CA ILE E 423 6.18 0.32 -15.77
C ILE E 423 7.15 -0.44 -14.86
N GLU E 424 8.31 0.16 -14.56
CA GLU E 424 9.36 -0.58 -13.87
C GLU E 424 9.06 -0.83 -12.40
N LYS E 425 8.10 -0.10 -11.81
CA LYS E 425 7.82 -0.26 -10.38
C LYS E 425 6.92 -1.45 -10.09
N MET E 426 6.29 -2.05 -11.10
CA MET E 426 5.40 -3.18 -10.93
C MET E 426 6.08 -4.42 -11.50
N ASN E 427 6.55 -5.30 -10.63
CA ASN E 427 7.27 -6.49 -11.07
C ASN E 427 6.30 -7.55 -11.58
N THR E 428 6.84 -8.47 -12.37
CA THR E 428 6.03 -9.50 -13.01
C THR E 428 5.55 -10.54 -11.99
N GLN E 429 4.47 -11.22 -12.34
CA GLN E 429 3.88 -12.27 -11.52
C GLN E 429 4.38 -13.62 -12.00
N PHE E 430 4.84 -14.44 -11.06
CA PHE E 430 5.31 -15.78 -11.35
C PHE E 430 4.19 -16.80 -11.10
N THR E 431 4.54 -18.08 -11.11
CA THR E 431 3.56 -19.13 -10.87
C THR E 431 2.96 -19.01 -9.48
N ALA E 432 1.63 -19.14 -9.40
CA ALA E 432 0.92 -19.07 -8.13
C ALA E 432 -0.38 -19.85 -8.28
N VAL E 433 -0.40 -21.06 -7.72
CA VAL E 433 -1.56 -21.94 -7.81
C VAL E 433 -2.12 -22.15 -6.40
N GLY E 434 -3.33 -22.70 -6.36
CA GLY E 434 -4.03 -22.90 -5.10
C GLY E 434 -3.60 -24.16 -4.38
N LYS E 435 -4.15 -24.32 -3.18
CA LYS E 435 -3.89 -25.46 -2.31
C LYS E 435 -5.19 -26.18 -2.00
N GLU E 436 -5.07 -27.38 -1.44
CA GLU E 436 -6.20 -28.20 -1.07
C GLU E 436 -6.13 -28.55 0.41
N PHE E 437 -7.29 -28.52 1.07
CA PHE E 437 -7.39 -28.82 2.49
C PHE E 437 -8.55 -29.78 2.71
N SER E 438 -8.46 -30.57 3.78
CA SER E 438 -9.46 -31.57 4.08
C SER E 438 -10.62 -30.92 4.85
N HIS E 439 -11.55 -31.74 5.34
CA HIS E 439 -12.71 -31.23 6.05
C HIS E 439 -12.42 -30.88 7.51
N LEU E 440 -11.24 -31.24 8.02
CA LEU E 440 -10.85 -30.92 9.39
C LEU E 440 -9.76 -29.85 9.43
N GLU E 441 -9.62 -29.06 8.36
CA GLU E 441 -8.60 -28.03 8.24
C GLU E 441 -9.20 -26.74 7.72
N ARG E 442 -10.32 -26.31 8.33
CA ARG E 442 -11.02 -25.13 7.85
C ARG E 442 -10.32 -23.83 8.26
N ARG E 443 -9.63 -23.82 9.41
CA ARG E 443 -9.01 -22.59 9.89
C ARG E 443 -7.87 -22.14 8.96
N ILE E 444 -7.00 -23.07 8.58
CA ILE E 444 -5.90 -22.71 7.70
C ILE E 444 -6.40 -22.39 6.30
N GLU E 445 -7.47 -23.06 5.86
CA GLU E 445 -8.08 -22.72 4.57
C GLU E 445 -8.60 -21.29 4.57
N ASN E 446 -9.29 -20.91 5.65
CA ASN E 446 -9.79 -19.54 5.76
C ASN E 446 -8.66 -18.54 5.83
N LEU E 447 -7.57 -18.88 6.53
CA LEU E 447 -6.42 -17.99 6.59
C LEU E 447 -5.80 -17.78 5.21
N ASN E 448 -5.66 -18.86 4.44
CA ASN E 448 -5.11 -18.75 3.09
C ASN E 448 -5.98 -17.87 2.20
N LYS E 449 -7.30 -18.08 2.27
CA LYS E 449 -8.21 -17.26 1.47
C LYS E 449 -8.13 -15.79 1.87
N LYS E 450 -8.04 -15.52 3.17
CA LYS E 450 -7.94 -14.15 3.66
C LYS E 450 -6.66 -13.48 3.14
N VAL E 451 -5.54 -14.19 3.17
CA VAL E 451 -4.28 -13.64 2.68
C VAL E 451 -4.39 -13.28 1.20
N ASP E 452 -4.93 -14.21 0.40
CA ASP E 452 -5.06 -13.96 -1.03
C ASP E 452 -5.92 -12.73 -1.30
N ASP E 453 -7.09 -12.65 -0.67
CA ASP E 453 -7.99 -11.52 -0.90
C ASP E 453 -7.36 -10.21 -0.47
N GLY E 454 -6.68 -10.19 0.67
CA GLY E 454 -6.06 -8.96 1.14
C GLY E 454 -5.01 -8.43 0.17
N PHE E 455 -4.14 -9.33 -0.31
CA PHE E 455 -3.11 -8.88 -1.25
C PHE E 455 -3.73 -8.36 -2.54
N ILE E 456 -4.76 -9.04 -3.04
CA ILE E 456 -5.41 -8.60 -4.28
C ILE E 456 -5.99 -7.20 -4.12
N ASP E 457 -6.69 -6.98 -3.00
CA ASP E 457 -7.30 -5.67 -2.75
C ASP E 457 -6.25 -4.57 -2.66
N ILE E 458 -5.15 -4.85 -1.95
CA ILE E 458 -4.11 -3.84 -1.79
C ILE E 458 -3.54 -3.43 -3.15
N TRP E 459 -3.25 -4.41 -4.01
CA TRP E 459 -2.63 -4.07 -5.28
C TRP E 459 -3.60 -3.36 -6.22
N THR E 460 -4.89 -3.72 -6.18
CA THR E 460 -5.88 -3.00 -6.97
C THR E 460 -5.95 -1.53 -6.56
N TYR E 461 -5.98 -1.28 -5.25
CA TYR E 461 -6.01 0.09 -4.75
C TYR E 461 -4.79 0.87 -5.21
N ASN E 462 -3.61 0.26 -5.11
CA ASN E 462 -2.38 0.94 -5.50
C ASN E 462 -2.42 1.36 -6.96
N ALA E 463 -2.79 0.42 -7.85
CA ALA E 463 -2.80 0.71 -9.28
C ALA E 463 -3.77 1.85 -9.61
N GLU E 464 -4.99 1.78 -9.07
CA GLU E 464 -5.98 2.78 -9.40
C GLU E 464 -5.56 4.17 -8.92
N LEU E 465 -5.04 4.26 -7.68
CA LEU E 465 -4.61 5.54 -7.16
C LEU E 465 -3.47 6.13 -7.98
N LEU E 466 -2.50 5.29 -8.36
CA LEU E 466 -1.37 5.78 -9.14
C LEU E 466 -1.83 6.39 -10.47
N VAL E 467 -2.70 5.68 -11.18
CA VAL E 467 -3.18 6.20 -12.47
C VAL E 467 -3.92 7.51 -12.27
N LEU E 468 -4.80 7.56 -11.25
CA LEU E 468 -5.62 8.75 -11.03
C LEU E 468 -4.74 9.98 -10.76
N LEU E 469 -3.67 9.82 -9.98
CA LEU E 469 -2.84 10.98 -9.68
C LEU E 469 -1.98 11.39 -10.88
N GLU E 470 -1.40 10.42 -11.60
CA GLU E 470 -0.50 10.78 -12.69
C GLU E 470 -1.24 11.46 -13.83
N ASN E 471 -2.52 11.15 -14.05
CA ASN E 471 -3.25 11.84 -15.12
C ASN E 471 -3.33 13.34 -14.86
N GLU E 472 -3.69 13.71 -13.63
CA GLU E 472 -3.76 15.13 -13.27
C GLU E 472 -2.41 15.81 -13.38
N ARG E 473 -1.35 15.12 -12.92
CA ARG E 473 -0.02 15.71 -13.04
C ARG E 473 0.35 15.98 -14.50
N THR E 474 0.03 15.04 -15.39
CA THR E 474 0.35 15.23 -16.81
C THR E 474 -0.40 16.42 -17.40
N LEU E 475 -1.69 16.54 -17.09
CA LEU E 475 -2.47 17.65 -17.64
C LEU E 475 -1.91 19.00 -17.17
N ASP E 476 -1.57 19.11 -15.88
CA ASP E 476 -0.98 20.35 -15.40
C ASP E 476 0.38 20.61 -16.04
N TYR E 477 1.16 19.55 -16.30
CA TYR E 477 2.44 19.70 -16.98
C TYR E 477 2.27 20.38 -18.34
N HIS E 478 1.34 19.88 -19.15
CA HIS E 478 1.13 20.49 -20.46
C HIS E 478 0.62 21.92 -20.35
N ASP E 479 -0.29 22.16 -19.39
CA ASP E 479 -0.83 23.51 -19.21
C ASP E 479 0.26 24.51 -18.87
N SER E 480 1.24 24.09 -18.06
CA SER E 480 2.36 24.98 -17.73
C SER E 480 3.30 25.17 -18.92
N ASN E 481 3.51 24.11 -19.70
CA ASN E 481 4.43 24.20 -20.84
C ASN E 481 3.93 25.19 -21.87
N VAL E 482 2.62 25.31 -22.05
CA VAL E 482 2.10 26.30 -23.01
C VAL E 482 2.38 27.73 -22.52
N LYS E 483 2.08 27.99 -21.24
CA LYS E 483 2.22 29.34 -20.69
C LYS E 483 3.66 29.80 -20.66
N THR E 484 4.61 28.88 -20.41
CA THR E 484 6.01 29.29 -20.41
C THR E 484 6.43 29.83 -21.77
N LEU E 485 6.04 29.15 -22.85
CA LEU E 485 6.36 29.64 -24.19
C LEU E 485 5.68 30.96 -24.48
N TYR E 486 4.43 31.12 -24.05
CA TYR E 486 3.76 32.41 -24.25
C TYR E 486 4.52 33.53 -23.56
N GLU E 487 4.96 33.31 -22.32
CA GLU E 487 5.69 34.34 -21.59
C GLU E 487 7.03 34.66 -22.25
N LYS E 488 7.72 33.64 -22.76
CA LYS E 488 8.96 33.88 -23.49
C LYS E 488 8.73 34.81 -24.68
N VAL E 489 7.74 34.47 -25.52
CA VAL E 489 7.49 35.27 -26.70
C VAL E 489 7.06 36.68 -26.33
N ARG E 490 6.26 36.82 -25.26
CA ARG E 490 5.87 38.16 -24.81
C ARG E 490 7.07 38.97 -24.36
N SER E 491 8.00 38.35 -23.64
CA SER E 491 9.18 39.06 -23.17
C SER E 491 10.04 39.52 -24.33
N GLN E 492 10.13 38.70 -25.39
CA GLN E 492 10.97 39.09 -26.53
C GLN E 492 10.41 40.30 -27.28
N LEU E 493 9.10 40.50 -27.26
CA LEU E 493 8.42 41.51 -28.07
C LEU E 493 8.00 42.73 -27.25
N LYS E 494 8.89 43.19 -26.35
CA LYS E 494 8.56 44.16 -25.31
C LYS E 494 7.63 45.29 -25.76
N ASN E 495 8.08 46.09 -26.73
CA ASN E 495 7.32 47.27 -27.13
C ASN E 495 7.09 47.40 -28.63
N ASN E 496 7.69 46.54 -29.45
CA ASN E 496 7.46 46.59 -30.89
C ASN E 496 6.19 45.85 -31.30
N ALA E 497 5.48 45.24 -30.36
CA ALA E 497 4.26 44.50 -30.66
C ALA E 497 3.19 44.86 -29.64
N LYS E 498 1.94 44.67 -30.05
CA LYS E 498 0.77 44.96 -29.24
C LYS E 498 0.09 43.66 -28.85
N GLU E 499 -0.22 43.52 -27.56
CA GLU E 499 -0.90 42.36 -27.02
C GLU E 499 -2.40 42.52 -27.20
N ILE E 500 -3.00 41.72 -28.07
CA ILE E 500 -4.41 41.86 -28.41
C ILE E 500 -5.25 40.72 -27.84
N GLY E 501 -4.68 39.89 -26.98
CA GLY E 501 -5.42 38.80 -26.38
C GLY E 501 -5.51 37.59 -27.29
N ASN E 502 -6.00 36.49 -26.70
CA ASN E 502 -6.13 35.19 -27.36
C ASN E 502 -4.78 34.59 -27.75
N GLY E 503 -3.68 35.11 -27.21
CA GLY E 503 -2.37 34.54 -27.46
C GLY E 503 -1.63 35.06 -28.68
N CYS E 504 -2.09 36.15 -29.28
CA CYS E 504 -1.44 36.68 -30.48
C CYS E 504 -0.93 38.10 -30.24
N PHE E 505 0.08 38.47 -31.00
CA PHE E 505 0.70 39.80 -30.95
C PHE E 505 0.63 40.43 -32.34
N GLU E 506 0.32 41.71 -32.39
CA GLU E 506 0.24 42.45 -33.64
C GLU E 506 1.41 43.42 -33.74
N PHE E 507 2.19 43.31 -34.80
CA PHE E 507 3.42 44.06 -34.91
C PHE E 507 3.17 45.53 -35.24
N TYR E 508 4.01 46.40 -34.68
CA TYR E 508 3.97 47.82 -34.98
C TYR E 508 4.77 48.20 -36.21
N HIS E 509 5.51 47.26 -36.78
CA HIS E 509 6.34 47.52 -37.96
C HIS E 509 6.14 46.36 -38.93
N LYS E 510 6.99 46.31 -39.96
CA LYS E 510 6.92 45.27 -40.98
C LYS E 510 7.87 44.15 -40.60
N CYS E 511 7.32 42.98 -40.29
CA CYS E 511 8.09 41.81 -39.88
C CYS E 511 8.01 40.79 -41.02
N ASP E 512 9.09 40.70 -41.81
CA ASP E 512 9.14 39.79 -42.94
C ASP E 512 9.46 38.38 -42.46
N ASP E 513 9.78 37.48 -43.40
CA ASP E 513 10.04 36.09 -43.06
C ASP E 513 11.26 35.96 -42.16
N THR E 514 12.33 36.74 -42.45
CA THR E 514 13.52 36.69 -41.62
C THR E 514 13.22 37.15 -40.19
N CYS E 515 12.41 38.19 -40.05
CA CYS E 515 12.05 38.67 -38.71
C CYS E 515 11.26 37.62 -37.95
N MET E 516 10.31 36.94 -38.62
CA MET E 516 9.55 35.89 -37.97
C MET E 516 10.45 34.72 -37.57
N GLU E 517 11.40 34.36 -38.43
CA GLU E 517 12.33 33.30 -38.12
C GLU E 517 13.18 33.67 -36.90
N SER E 518 13.62 34.92 -36.83
CA SER E 518 14.39 35.38 -35.68
C SER E 518 13.54 35.39 -34.41
N VAL E 519 12.26 35.73 -34.53
CA VAL E 519 11.36 35.70 -33.37
C VAL E 519 11.22 34.27 -32.85
N LYS E 520 11.01 33.32 -33.77
CA LYS E 520 10.82 31.94 -33.35
C LYS E 520 12.10 31.32 -32.81
N ASN E 521 13.25 31.67 -33.39
CA ASN E 521 14.52 31.09 -32.98
C ASN E 521 14.88 31.49 -31.55
N GLY E 522 14.68 32.75 -31.20
CA GLY E 522 14.98 33.21 -29.87
C GLY E 522 16.01 34.32 -29.82
N THR E 523 16.29 34.94 -30.96
CA THR E 523 17.30 35.98 -31.07
C THR E 523 16.73 37.21 -31.77
N TYR E 524 15.54 37.64 -31.33
CA TYR E 524 14.90 38.80 -31.92
C TYR E 524 15.71 40.07 -31.62
N ASP E 525 15.93 40.88 -32.66
CA ASP E 525 16.76 42.08 -32.54
C ASP E 525 15.86 43.26 -32.17
N TYR E 526 15.72 43.50 -30.87
CA TYR E 526 14.87 44.59 -30.40
C TYR E 526 15.37 45.98 -30.81
N PRO E 527 16.65 46.34 -30.62
CA PRO E 527 17.06 47.71 -30.98
C PRO E 527 16.90 48.03 -32.45
N LYS E 528 17.09 47.07 -33.34
CA LYS E 528 17.03 47.33 -34.78
C LYS E 528 15.63 47.79 -35.18
N TYR E 529 14.61 47.05 -34.77
CA TYR E 529 13.24 47.36 -35.14
C TYR E 529 12.61 48.33 -34.14
N VAL F 21 22.53 2.82 -25.96
CA VAL F 21 21.46 2.22 -26.76
C VAL F 21 22.05 1.26 -27.78
N GLN F 22 21.51 0.04 -27.82
CA GLN F 22 21.94 -1.00 -28.75
C GLN F 22 20.74 -1.48 -29.54
N LEU F 23 20.89 -1.56 -30.86
CA LEU F 23 19.82 -1.99 -31.75
C LEU F 23 20.20 -3.33 -32.36
N VAL F 24 19.36 -4.34 -32.16
CA VAL F 24 19.63 -5.70 -32.63
C VAL F 24 18.49 -6.14 -33.54
N GLU F 25 18.83 -6.65 -34.72
CA GLU F 25 17.86 -7.13 -35.68
C GLU F 25 17.73 -8.65 -35.57
N SER F 26 16.85 -9.21 -36.38
CA SER F 26 16.61 -10.65 -36.39
C SER F 26 17.64 -11.34 -37.26
N GLY F 27 17.44 -12.63 -37.52
CA GLY F 27 18.38 -13.41 -38.29
C GLY F 27 18.25 -13.21 -39.79
N ALA F 28 19.15 -13.87 -40.52
CA ALA F 28 19.16 -13.76 -41.97
C ALA F 28 17.92 -14.41 -42.57
N GLU F 29 17.50 -13.89 -43.73
CA GLU F 29 16.31 -14.35 -44.41
C GLU F 29 16.66 -14.74 -45.85
N VAL F 30 16.20 -15.92 -46.25
CA VAL F 30 16.29 -16.36 -47.65
C VAL F 30 14.89 -16.77 -48.08
N LYS F 31 14.40 -16.16 -49.15
CA LYS F 31 12.99 -16.31 -49.53
C LYS F 31 12.93 -16.53 -51.04
N LYS F 32 11.71 -16.44 -51.58
CA LYS F 32 11.42 -16.72 -52.97
C LYS F 32 10.79 -15.49 -53.61
N PRO F 33 10.93 -15.32 -54.93
CA PRO F 33 10.31 -14.16 -55.60
C PRO F 33 8.80 -14.15 -55.39
N GLY F 34 8.26 -12.96 -55.13
CA GLY F 34 6.85 -12.79 -54.91
C GLY F 34 6.39 -12.99 -53.48
N SER F 35 7.31 -13.19 -52.54
CA SER F 35 6.96 -13.44 -51.15
C SER F 35 6.93 -12.14 -50.37
N SER F 36 6.79 -12.24 -49.04
CA SER F 36 6.78 -11.08 -48.15
C SER F 36 7.62 -11.41 -46.93
N VAL F 37 8.49 -10.47 -46.53
CA VAL F 37 9.43 -10.69 -45.43
C VAL F 37 9.22 -9.61 -44.38
N LYS F 38 9.13 -10.02 -43.12
CA LYS F 38 8.98 -9.11 -41.99
C LYS F 38 10.20 -9.24 -41.09
N VAL F 39 10.88 -8.12 -40.84
CA VAL F 39 12.04 -8.08 -39.98
C VAL F 39 11.74 -7.19 -38.79
N SER F 40 12.52 -7.39 -37.72
CA SER F 40 12.29 -6.69 -36.46
C SER F 40 13.59 -6.10 -35.95
N CYS F 41 13.45 -5.08 -35.10
CA CYS F 41 14.58 -4.41 -34.48
C CYS F 41 14.22 -4.11 -33.03
N LYS F 42 15.12 -4.49 -32.11
CA LYS F 42 14.91 -4.35 -30.68
C LYS F 42 15.97 -3.42 -30.11
N ALA F 43 15.54 -2.47 -29.28
CA ALA F 43 16.42 -1.48 -28.69
C ALA F 43 16.49 -1.68 -27.18
N SER F 44 17.69 -1.49 -26.63
CA SER F 44 17.90 -1.67 -25.20
C SER F 44 17.38 -0.47 -24.43
N GLY F 45 17.23 -0.66 -23.13
CA GLY F 45 16.73 0.38 -22.26
C GLY F 45 15.24 0.24 -21.96
N GLY F 46 14.65 1.37 -21.57
CA GLY F 46 13.24 1.41 -21.28
C GLY F 46 12.40 1.09 -22.51
N PRO F 47 11.25 0.45 -22.30
CA PRO F 47 10.40 0.08 -23.46
C PRO F 47 9.96 1.27 -24.30
N PHE F 48 9.76 2.43 -23.70
CA PHE F 48 9.31 3.61 -24.42
C PHE F 48 10.50 4.48 -24.78
N ARG F 49 10.50 4.95 -26.03
CA ARG F 49 11.60 5.71 -26.60
CA ARG F 49 11.60 5.71 -26.60
C ARG F 49 11.17 7.14 -26.89
N SER F 50 12.16 8.04 -26.91
CA SER F 50 11.93 9.44 -27.22
C SER F 50 12.64 9.86 -28.50
N TYR F 51 12.93 8.91 -29.39
CA TYR F 51 13.59 9.20 -30.65
C TYR F 51 12.93 8.39 -31.76
N ALA F 52 13.01 8.92 -32.98
CA ALA F 52 12.47 8.23 -34.15
C ALA F 52 13.40 7.12 -34.59
N ILE F 53 12.87 6.18 -35.36
CA ILE F 53 13.66 5.04 -35.83
C ILE F 53 13.41 4.84 -37.32
N SER F 54 14.47 4.70 -38.10
CA SER F 54 14.40 4.55 -39.55
C SER F 54 15.04 3.25 -39.98
N TRP F 55 14.73 2.84 -41.22
CA TRP F 55 15.26 1.63 -41.81
C TRP F 55 16.08 1.98 -43.05
N VAL F 56 17.31 1.47 -43.12
CA VAL F 56 18.23 1.81 -44.20
C VAL F 56 18.79 0.52 -44.79
N ARG F 57 18.81 0.42 -46.11
CA ARG F 57 19.34 -0.76 -46.78
C ARG F 57 20.50 -0.39 -47.69
N GLN F 58 21.34 -1.38 -47.97
CA GLN F 58 22.48 -1.21 -48.85
C GLN F 58 22.60 -2.42 -49.77
N ALA F 59 22.80 -2.16 -51.05
CA ALA F 59 23.03 -3.19 -52.05
C ALA F 59 24.51 -3.51 -52.13
N PRO F 60 24.87 -4.70 -52.60
CA PRO F 60 26.30 -5.04 -52.73
C PRO F 60 27.00 -4.11 -53.71
N GLY F 61 28.03 -3.43 -53.23
CA GLY F 61 28.77 -2.49 -54.05
C GLY F 61 28.04 -1.20 -54.35
N GLN F 62 27.08 -0.81 -53.52
CA GLN F 62 26.27 0.39 -53.73
C GLN F 62 26.20 1.19 -52.44
N GLY F 63 25.70 2.42 -52.57
CA GLY F 63 25.50 3.28 -51.42
C GLY F 63 24.22 2.96 -50.70
N PRO F 64 24.08 3.48 -49.47
CA PRO F 64 22.88 3.19 -48.68
C PRO F 64 21.64 3.85 -49.25
N GLU F 65 20.49 3.24 -48.97
CA GLU F 65 19.19 3.76 -49.37
C GLU F 65 18.25 3.76 -48.17
N TRP F 66 17.39 4.76 -48.10
CA TRP F 66 16.49 4.97 -46.97
C TRP F 66 15.06 4.63 -47.38
N MET F 67 14.42 3.73 -46.64
CA MET F 67 13.03 3.39 -46.90
C MET F 67 12.08 4.34 -46.19
N GLY F 68 12.14 4.36 -44.87
CA GLY F 68 11.21 5.16 -44.10
C GLY F 68 11.47 4.99 -42.61
N GLY F 69 10.68 5.72 -41.83
CA GLY F 69 10.84 5.74 -40.40
C GLY F 69 9.55 5.99 -39.66
N ILE F 70 9.63 5.84 -38.34
CA ILE F 70 8.49 5.98 -37.44
C ILE F 70 8.87 6.91 -36.29
N ILE F 71 7.86 7.62 -35.79
CA ILE F 71 7.98 8.70 -34.82
C ILE F 71 7.32 8.28 -33.50
N PRO F 72 7.92 8.58 -32.35
CA PRO F 72 7.31 8.18 -31.08
C PRO F 72 6.07 8.99 -30.73
N ILE F 73 5.22 8.36 -29.91
CA ILE F 73 4.00 8.96 -29.37
C ILE F 73 3.02 9.34 -30.47
N PHE F 74 3.43 10.24 -31.37
CA PHE F 74 2.54 10.62 -32.47
C PHE F 74 2.25 9.44 -33.38
N GLY F 75 3.25 8.61 -33.66
CA GLY F 75 3.03 7.39 -34.39
C GLY F 75 3.00 7.53 -35.90
N THR F 76 3.25 8.71 -36.43
CA THR F 76 3.24 8.88 -37.88
C THR F 76 4.42 8.16 -38.51
N THR F 77 4.20 7.64 -39.72
CA THR F 77 5.20 6.90 -40.46
C THR F 77 5.45 7.58 -41.80
N LYS F 78 6.72 7.65 -42.18
CA LYS F 78 7.10 8.24 -43.46
C LYS F 78 7.86 7.21 -44.29
N TYR F 79 7.64 7.23 -45.60
CA TYR F 79 8.27 6.29 -46.52
C TYR F 79 8.84 7.02 -47.71
N ALA F 80 9.88 6.42 -48.31
CA ALA F 80 10.44 6.94 -49.54
C ALA F 80 9.49 6.66 -50.71
N PRO F 81 9.52 7.49 -51.76
CA PRO F 81 8.62 7.25 -52.90
C PRO F 81 8.98 6.02 -53.71
N LYS F 82 10.22 5.53 -53.63
CA LYS F 82 10.58 4.30 -54.34
C LYS F 82 9.91 3.08 -53.73
N PHE F 83 9.86 3.01 -52.41
CA PHE F 83 9.28 1.87 -51.71
C PHE F 83 7.83 2.11 -51.28
N GLN F 84 7.25 3.25 -51.65
CA GLN F 84 5.87 3.54 -51.29
C GLN F 84 4.93 2.53 -51.91
N GLY F 85 4.01 1.99 -51.10
CA GLY F 85 3.02 1.05 -51.55
C GLY F 85 3.32 -0.40 -51.21
N ARG F 86 4.58 -0.72 -50.86
CA ARG F 86 4.92 -2.10 -50.55
C ARG F 86 5.84 -2.23 -49.33
N VAL F 87 5.83 -1.25 -48.42
CA VAL F 87 6.59 -1.34 -47.19
C VAL F 87 5.70 -0.83 -46.05
N THR F 88 5.75 -1.53 -44.91
CA THR F 88 4.93 -1.17 -43.76
C THR F 88 5.80 -1.21 -42.51
N ILE F 89 5.77 -0.11 -41.75
CA ILE F 89 6.58 0.02 -40.53
C ILE F 89 5.62 0.19 -39.36
N THR F 90 5.73 -0.70 -38.38
CA THR F 90 4.90 -0.66 -37.18
C THR F 90 5.81 -0.73 -35.95
N ALA F 91 5.21 -0.51 -34.78
CA ALA F 91 5.97 -0.52 -33.53
C ALA F 91 5.14 -1.13 -32.42
N ASP F 92 5.79 -1.99 -31.63
CA ASP F 92 5.23 -2.50 -30.38
C ASP F 92 5.94 -1.75 -29.24
N ASP F 93 5.21 -0.83 -28.61
CA ASP F 93 5.82 0.08 -27.64
C ASP F 93 6.13 -0.62 -26.32
N PHE F 94 5.22 -1.45 -25.82
CA PHE F 94 5.46 -2.10 -24.54
C PHE F 94 6.55 -3.16 -24.62
N ALA F 95 6.78 -3.72 -25.81
CA ALA F 95 7.89 -4.65 -26.02
C ALA F 95 9.15 -3.96 -26.50
N GLY F 96 9.08 -2.68 -26.85
CA GLY F 96 10.25 -1.96 -27.34
C GLY F 96 10.78 -2.48 -28.65
N THR F 97 9.88 -2.82 -29.58
CA THR F 97 10.28 -3.43 -30.85
C THR F 97 9.69 -2.63 -32.00
N VAL F 98 10.39 -2.64 -33.13
CA VAL F 98 9.91 -1.99 -34.35
C VAL F 98 10.01 -2.97 -35.50
N TYR F 99 8.92 -3.15 -36.24
CA TYR F 99 8.85 -4.11 -37.33
C TYR F 99 8.77 -3.39 -38.67
N MET F 100 9.45 -3.94 -39.67
CA MET F 100 9.33 -3.46 -41.05
C MET F 100 9.05 -4.66 -41.94
N GLU F 101 8.02 -4.55 -42.77
CA GLU F 101 7.57 -5.63 -43.63
C GLU F 101 7.61 -5.16 -45.09
N LEU F 102 8.22 -5.98 -45.93
CA LEU F 102 8.32 -5.72 -47.37
C LEU F 102 7.53 -6.80 -48.11
N SER F 103 6.66 -6.36 -49.02
CA SER F 103 5.79 -7.24 -49.78
C SER F 103 6.11 -7.11 -51.27
N SER F 104 5.56 -8.05 -52.04
CA SER F 104 5.80 -8.14 -53.49
C SER F 104 7.30 -8.20 -53.77
N LEU F 105 8.00 -9.04 -53.01
CA LEU F 105 9.45 -9.09 -53.06
C LEU F 105 9.92 -9.55 -54.43
N ARG F 106 11.03 -8.97 -54.88
CA ARG F 106 11.56 -9.25 -56.21
C ARG F 106 13.03 -9.63 -56.16
N SER F 107 13.67 -9.74 -57.32
CA SER F 107 15.07 -10.17 -57.37
C SER F 107 16.00 -9.09 -56.82
N GLU F 108 15.72 -7.82 -57.12
CA GLU F 108 16.61 -6.74 -56.69
C GLU F 108 16.49 -6.44 -55.20
N ASP F 109 15.52 -7.01 -54.50
CA ASP F 109 15.31 -6.69 -53.09
C ASP F 109 16.37 -7.30 -52.18
N THR F 110 17.22 -8.19 -52.68
CA THR F 110 18.31 -8.70 -51.86
C THR F 110 19.23 -7.56 -51.46
N ALA F 111 19.57 -7.50 -50.17
CA ALA F 111 20.32 -6.36 -49.65
C ALA F 111 20.73 -6.62 -48.21
N MET F 112 21.34 -5.61 -47.60
CA MET F 112 21.84 -5.63 -46.23
C MET F 112 21.10 -4.53 -45.47
N TYR F 113 20.43 -4.90 -44.38
CA TYR F 113 19.43 -4.04 -43.74
C TYR F 113 19.87 -3.62 -42.35
N TYR F 114 19.60 -2.36 -42.01
CA TYR F 114 19.91 -1.80 -40.70
C TYR F 114 18.71 -1.00 -40.19
N CYS F 115 18.58 -0.96 -38.87
CA CYS F 115 17.69 -0.02 -38.19
C CYS F 115 18.54 1.02 -37.48
N ALA F 116 18.25 2.29 -37.73
CA ALA F 116 19.06 3.40 -37.23
C ALA F 116 18.21 4.35 -36.41
N LYS F 117 18.80 4.87 -35.34
CA LYS F 117 18.09 5.79 -34.46
C LYS F 117 18.55 7.23 -34.70
N HIS F 118 17.63 8.17 -34.49
CA HIS F 118 17.90 9.59 -34.68
C HIS F 118 18.18 10.27 -33.35
N MET F 119 18.65 11.51 -33.43
CA MET F 119 18.96 12.27 -32.23
C MET F 119 17.70 12.81 -31.56
N GLY F 120 16.69 13.19 -32.34
CA GLY F 120 15.46 13.72 -31.78
C GLY F 120 14.25 12.88 -32.09
N TYR F 121 13.06 13.44 -31.88
CA TYR F 121 11.80 12.74 -32.11
C TYR F 121 11.31 12.85 -33.55
N GLN F 122 12.05 13.54 -34.42
CA GLN F 122 11.65 13.75 -35.80
C GLN F 122 12.61 13.05 -36.75
N VAL F 123 12.07 12.58 -37.87
CA VAL F 123 12.89 11.93 -38.88
C VAL F 123 13.72 12.99 -39.61
N ARG F 124 15.02 12.77 -39.68
CA ARG F 124 15.94 13.73 -40.28
C ARG F 124 17.10 12.98 -40.91
N GLU F 125 18.12 13.72 -41.34
CA GLU F 125 19.28 13.14 -41.99
C GLU F 125 20.30 12.59 -41.01
N THR F 126 20.19 12.94 -39.73
CA THR F 126 21.22 12.63 -38.74
C THR F 126 20.82 11.36 -37.99
N MET F 127 21.44 10.24 -38.37
CA MET F 127 21.31 8.98 -37.65
C MET F 127 22.63 8.70 -36.95
N ASP F 128 22.59 8.60 -35.62
CA ASP F 128 23.81 8.52 -34.84
C ASP F 128 24.16 7.11 -34.38
N VAL F 129 23.19 6.21 -34.27
CA VAL F 129 23.43 4.85 -33.85
C VAL F 129 22.80 3.90 -34.86
N TRP F 130 23.59 2.93 -35.33
CA TRP F 130 23.17 1.94 -36.30
C TRP F 130 23.29 0.56 -35.70
N GLY F 131 22.49 -0.38 -36.23
CA GLY F 131 22.57 -1.77 -35.84
C GLY F 131 23.56 -2.53 -36.69
N LYS F 132 23.74 -3.82 -36.34
CA LYS F 132 24.64 -4.67 -37.10
C LYS F 132 24.07 -5.01 -38.47
N GLY F 133 22.75 -5.20 -38.53
CA GLY F 133 22.06 -5.48 -39.78
C GLY F 133 21.73 -6.96 -39.95
N THR F 134 20.93 -7.23 -40.98
CA THR F 134 20.60 -8.59 -41.39
C THR F 134 20.56 -8.64 -42.91
N THR F 135 20.80 -9.82 -43.47
CA THR F 135 20.89 -9.99 -44.91
C THR F 135 19.58 -10.58 -45.43
N VAL F 136 19.07 -10.02 -46.52
CA VAL F 136 17.86 -10.53 -47.16
C VAL F 136 18.23 -10.98 -48.56
N THR F 137 17.92 -12.25 -48.87
CA THR F 137 18.34 -12.88 -50.11
C THR F 137 17.13 -13.50 -50.81
N VAL F 138 17.14 -13.43 -52.14
CA VAL F 138 16.10 -14.08 -52.95
C VAL F 138 16.71 -15.18 -53.81
N VAL G 22 34.01 45.28 23.36
CA VAL G 22 33.38 44.77 24.57
C VAL G 22 32.47 45.82 25.19
N LEU G 23 31.26 45.41 25.53
CA LEU G 23 30.28 46.30 26.15
C LEU G 23 30.59 46.47 27.63
N THR G 24 30.24 47.62 28.19
CA THR G 24 30.51 47.95 29.58
C THR G 24 29.22 48.36 30.27
N GLN G 25 29.03 47.88 31.50
CA GLN G 25 27.91 48.23 32.35
C GLN G 25 28.42 48.65 33.72
N PRO G 26 27.65 49.46 34.46
CA PRO G 26 28.01 49.77 35.84
C PRO G 26 28.06 48.50 36.68
N PRO G 27 29.04 48.39 37.58
CA PRO G 27 29.17 47.13 38.34
C PRO G 27 27.96 46.78 39.20
N SER G 28 27.30 47.76 39.79
CA SER G 28 26.21 47.46 40.70
C SER G 28 25.29 48.67 40.82
N VAL G 29 23.99 48.40 40.98
CA VAL G 29 22.99 49.42 41.26
C VAL G 29 22.06 48.90 42.34
N SER G 30 21.67 49.79 43.26
CA SER G 30 20.82 49.42 44.37
C SER G 30 19.68 50.43 44.49
N ALA G 31 18.53 49.95 44.98
CA ALA G 31 17.36 50.80 45.13
C ALA G 31 16.39 50.16 46.11
N ALA G 32 15.47 50.99 46.60
CA ALA G 32 14.39 50.55 47.47
C ALA G 32 13.29 49.89 46.65
N PRO G 33 12.47 49.04 47.26
CA PRO G 33 11.40 48.38 46.49
C PRO G 33 10.29 49.34 46.12
N GLY G 34 9.65 49.06 44.99
CA GLY G 34 8.66 49.96 44.43
C GLY G 34 9.23 51.08 43.60
N GLN G 35 10.55 51.15 43.43
CA GLN G 35 11.20 52.21 42.68
C GLN G 35 11.49 51.74 41.25
N LYS G 36 12.10 52.64 40.48
CA LYS G 36 12.47 52.37 39.09
C LYS G 36 13.98 52.51 38.95
N VAL G 37 14.60 51.54 38.27
CA VAL G 37 16.03 51.54 38.06
C VAL G 37 16.32 51.45 36.57
N THR G 38 17.48 51.99 36.18
CA THR G 38 17.95 51.95 34.80
C THR G 38 19.39 51.48 34.78
N ILE G 39 19.66 50.49 33.94
CA ILE G 39 20.99 49.91 33.76
C ILE G 39 21.47 50.24 32.36
N SER G 40 22.69 50.76 32.25
CA SER G 40 23.24 51.19 30.98
C SER G 40 24.23 50.19 30.44
N CYS G 41 24.20 50.00 29.11
CA CYS G 41 25.15 49.14 28.41
C CYS G 41 25.81 50.00 27.33
N SER G 42 27.07 50.36 27.55
CA SER G 42 27.81 51.24 26.66
C SER G 42 28.86 50.43 25.92
N GLY G 43 28.89 50.58 24.59
CA GLY G 43 29.83 49.88 23.75
C GLY G 43 30.53 50.86 22.81
N SER G 44 30.67 50.44 21.56
CA SER G 44 31.30 51.26 20.53
C SER G 44 30.43 51.19 19.27
N SER G 45 30.94 51.77 18.19
CA SER G 45 30.21 51.80 16.93
C SER G 45 30.24 50.47 16.18
N SER G 46 31.05 49.52 16.63
CA SER G 46 31.16 48.23 15.95
C SER G 46 30.23 47.17 16.52
N ASN G 47 29.73 47.36 17.74
CA ASN G 47 28.86 46.38 18.39
C ASN G 47 27.45 46.91 18.59
N ILE G 48 27.30 48.04 19.27
CA ILE G 48 25.97 48.58 19.57
C ILE G 48 25.51 49.54 18.49
N GLY G 49 26.41 50.34 17.94
CA GLY G 49 26.05 51.38 16.98
C GLY G 49 25.54 50.86 15.65
N ASN G 50 25.69 49.56 15.36
CA ASN G 50 25.24 49.03 14.08
C ASN G 50 24.50 47.70 14.22
N ASP G 51 24.05 47.35 15.42
CA ASP G 51 23.34 46.09 15.62
C ASP G 51 22.46 46.21 16.85
N TYR G 52 21.53 45.28 16.98
CA TYR G 52 20.58 45.27 18.08
C TYR G 52 21.27 44.81 19.38
N VAL G 53 20.55 44.98 20.48
CA VAL G 53 21.04 44.62 21.81
C VAL G 53 19.96 43.82 22.53
N SER G 54 20.36 42.71 23.14
CA SER G 54 19.45 41.87 23.91
C SER G 54 19.84 41.91 25.39
N TRP G 55 18.86 41.66 26.25
CA TRP G 55 19.05 41.74 27.68
C TRP G 55 18.68 40.41 28.33
N TYR G 56 19.51 39.98 29.28
CA TYR G 56 19.33 38.71 29.96
C TYR G 56 19.35 38.93 31.47
N GLN G 57 18.53 38.15 32.18
CA GLN G 57 18.46 38.15 33.63
C GLN G 57 18.79 36.77 34.16
N GLN G 58 19.70 36.71 35.13
CA GLN G 58 20.19 35.45 35.68
C GLN G 58 20.08 35.49 37.20
N LEU G 59 19.40 34.48 37.77
CA LEU G 59 19.23 34.15 39.18
C LEU G 59 20.29 33.15 39.62
N PRO G 60 20.66 33.15 40.90
CA PRO G 60 21.68 32.20 41.37
C PRO G 60 21.26 30.76 41.12
N GLY G 61 22.15 29.99 40.50
CA GLY G 61 21.91 28.59 40.22
C GLY G 61 21.03 28.32 39.02
N THR G 62 20.68 29.33 38.23
CA THR G 62 19.77 29.16 37.11
C THR G 62 20.37 29.82 35.86
N ALA G 63 20.02 29.27 34.70
CA ALA G 63 20.50 29.78 33.43
C ALA G 63 19.92 31.16 33.15
N PRO G 64 20.61 31.98 32.36
CA PRO G 64 20.10 33.32 32.04
C PRO G 64 18.75 33.25 31.34
N LYS G 65 17.93 34.27 31.57
CA LYS G 65 16.58 34.35 31.05
C LYS G 65 16.42 35.61 30.22
N LEU G 66 15.87 35.47 29.02
CA LEU G 66 15.78 36.58 28.08
C LEU G 66 14.68 37.54 28.50
N LEU G 67 14.97 38.85 28.44
CA LEU G 67 14.02 39.89 28.78
C LEU G 67 13.65 40.79 27.62
N ILE G 68 14.63 41.32 26.91
CA ILE G 68 14.40 42.28 25.84
C ILE G 68 15.21 41.85 24.61
N TYR G 69 14.57 41.84 23.44
CA TYR G 69 15.25 41.59 22.19
C TYR G 69 14.79 42.63 21.17
N ASP G 70 15.58 42.80 20.12
CA ASP G 70 15.34 43.82 19.09
C ASP G 70 15.27 45.22 19.68
N ASN G 71 15.94 45.40 20.82
CA ASN G 71 16.16 46.67 21.51
C ASN G 71 14.91 47.24 22.19
N ASN G 72 13.72 46.71 21.84
CA ASN G 72 12.53 47.12 22.60
C ASN G 72 11.46 46.03 22.71
N LYS G 73 11.67 44.83 22.19
CA LYS G 73 10.63 43.82 22.13
C LYS G 73 10.73 42.87 23.31
N ARG G 74 9.57 42.39 23.75
CA ARG G 74 9.47 41.53 24.92
C ARG G 74 8.92 40.16 24.54
N PRO G 75 9.58 39.08 24.93
CA PRO G 75 9.02 37.74 24.69
C PRO G 75 7.81 37.49 25.59
N SER G 76 7.05 36.47 25.22
CA SER G 76 5.84 36.13 25.96
C SER G 76 6.19 35.72 27.39
N GLY G 77 5.38 36.22 28.34
CA GLY G 77 5.56 35.92 29.74
C GLY G 77 6.33 36.95 30.54
N ILE G 78 6.99 37.89 29.87
CA ILE G 78 7.77 38.92 30.55
C ILE G 78 6.81 40.02 31.02
N PRO G 79 6.90 40.45 32.28
CA PRO G 79 6.00 41.50 32.76
C PRO G 79 6.24 42.83 32.05
N ASP G 80 5.19 43.65 32.03
CA ASP G 80 5.25 44.91 31.30
C ASP G 80 6.24 45.89 31.92
N ARG G 81 6.57 45.72 33.20
CA ARG G 81 7.41 46.69 33.89
C ARG G 81 8.84 46.70 33.39
N PHE G 82 9.26 45.70 32.61
CA PHE G 82 10.59 45.70 32.00
C PHE G 82 10.51 46.37 30.63
N SER G 83 11.41 47.33 30.39
CA SER G 83 11.43 48.01 29.11
C SER G 83 12.87 48.24 28.69
N GLY G 84 13.08 48.51 27.41
CA GLY G 84 14.43 48.72 26.91
C GLY G 84 14.44 49.73 25.78
N SER G 85 15.62 50.33 25.58
CA SER G 85 15.78 51.29 24.48
C SER G 85 17.25 51.39 24.13
N LYS G 86 17.51 51.99 22.96
CA LYS G 86 18.87 52.21 22.48
C LYS G 86 18.97 53.60 21.88
N SER G 87 20.05 54.32 22.21
CA SER G 87 20.32 55.65 21.67
C SER G 87 21.80 55.68 21.28
N GLY G 88 22.07 55.89 20.00
CA GLY G 88 23.44 55.98 19.51
C GLY G 88 24.24 54.73 19.77
N THR G 89 25.20 54.80 20.69
CA THR G 89 26.04 53.67 21.05
C THR G 89 25.73 53.13 22.44
N SER G 90 24.69 53.60 23.10
CA SER G 90 24.37 53.20 24.46
C SER G 90 22.94 52.68 24.54
N ALA G 91 22.78 51.49 25.12
CA ALA G 91 21.46 50.94 25.37
C ALA G 91 21.12 51.06 26.85
N THR G 92 19.83 51.02 27.16
CA THR G 92 19.38 51.11 28.54
C THR G 92 18.23 50.13 28.77
N LEU G 93 18.21 49.60 30.00
CA LEU G 93 17.20 48.67 30.47
C LEU G 93 16.53 49.29 31.69
N GLY G 94 15.20 49.31 31.71
CA GLY G 94 14.48 49.94 32.79
C GLY G 94 13.50 49.03 33.47
N ILE G 95 13.56 48.98 34.80
CA ILE G 95 12.69 48.14 35.62
C ILE G 95 11.91 49.02 36.56
N THR G 96 10.58 48.87 36.55
CA THR G 96 9.70 49.60 37.44
C THR G 96 8.98 48.63 38.36
N GLY G 97 8.47 49.15 39.47
CA GLY G 97 7.81 48.31 40.45
C GLY G 97 8.74 47.28 41.04
N LEU G 98 9.92 47.72 41.49
CA LEU G 98 10.96 46.82 41.95
C LEU G 98 10.46 45.93 43.09
N GLN G 99 10.77 44.64 42.99
CA GLN G 99 10.35 43.65 43.97
C GLN G 99 11.56 42.96 44.56
N THR G 100 11.32 42.16 45.60
CA THR G 100 12.40 41.42 46.23
C THR G 100 12.96 40.34 45.30
N GLY G 101 12.13 39.79 44.42
CA GLY G 101 12.55 38.77 43.48
C GLY G 101 13.26 39.27 42.25
N ASP G 102 13.44 40.59 42.12
CA ASP G 102 14.12 41.18 40.98
C ASP G 102 15.61 41.37 41.23
N GLU G 103 16.13 40.91 42.37
CA GLU G 103 17.55 41.02 42.66
C GLU G 103 18.28 39.88 41.94
N ALA G 104 18.99 40.22 40.88
CA ALA G 104 19.65 39.22 40.03
C ALA G 104 20.76 39.92 39.26
N ASN G 105 21.37 39.20 38.32
CA ASN G 105 22.41 39.75 37.47
C ASN G 105 21.83 40.02 36.09
N TYR G 106 22.12 41.20 35.54
CA TYR G 106 21.59 41.62 34.26
C TYR G 106 22.73 41.83 33.27
N TYR G 107 22.59 41.25 32.08
CA TYR G 107 23.64 41.27 31.07
C TYR G 107 23.09 41.79 29.76
N CYS G 108 23.94 42.48 28.99
CA CYS G 108 23.60 42.94 27.65
C CYS G 108 24.47 42.22 26.63
N ALA G 109 23.84 41.75 25.57
CA ALA G 109 24.49 40.95 24.54
C ALA G 109 24.26 41.58 23.17
N THR G 110 25.24 41.41 22.28
CA THR G 110 25.16 41.98 20.95
C THR G 110 25.95 41.12 19.98
N TRP G 111 25.70 41.33 18.69
CA TRP G 111 26.36 40.59 17.61
C TRP G 111 27.46 41.46 17.02
N ASP G 112 28.61 41.46 17.66
CA ASP G 112 29.78 42.15 17.13
C ASP G 112 30.18 41.48 15.81
N ARG G 113 30.45 42.30 14.79
CA ARG G 113 30.70 41.76 13.45
C ARG G 113 31.63 42.72 12.71
N ARG G 114 32.91 42.38 12.65
CA ARG G 114 33.84 43.03 11.72
C ARG G 114 35.00 42.09 11.40
N PRO G 115 35.92 41.78 12.35
CA PRO G 115 36.98 40.81 12.00
C PRO G 115 36.43 39.40 11.87
N THR G 116 35.73 38.96 12.90
CA THR G 116 35.04 37.67 12.92
C THR G 116 33.86 37.83 13.87
N ALA G 117 32.65 37.77 13.31
CA ALA G 117 31.45 38.06 14.09
C ALA G 117 31.26 37.02 15.20
N TYR G 118 30.88 37.50 16.38
CA TYR G 118 30.69 36.62 17.53
C TYR G 118 29.90 37.37 18.60
N VAL G 119 29.04 36.63 19.31
CA VAL G 119 28.21 37.23 20.35
C VAL G 119 29.09 37.73 21.48
N VAL G 120 28.84 38.98 21.91
CA VAL G 120 29.56 39.58 23.02
C VAL G 120 28.56 39.90 24.12
N PHE G 121 28.85 39.44 25.33
CA PHE G 121 28.05 39.74 26.51
C PHE G 121 28.64 40.93 27.26
N GLY G 122 27.78 41.60 28.03
CA GLY G 122 28.22 42.73 28.81
C GLY G 122 29.03 42.32 30.02
N GLY G 123 29.57 43.32 30.71
CA GLY G 123 30.36 43.07 31.89
C GLY G 123 29.57 42.55 33.08
N GLY G 124 28.27 42.84 33.12
CA GLY G 124 27.43 42.38 34.19
C GLY G 124 27.15 43.46 35.21
N THR G 125 25.89 43.52 35.66
CA THR G 125 25.46 44.50 36.66
C THR G 125 24.65 43.78 37.73
N LYS G 126 25.04 43.96 38.98
CA LYS G 126 24.36 43.34 40.11
C LYS G 126 23.34 44.32 40.67
N LEU G 127 22.05 43.97 40.56
CA LEU G 127 20.98 44.80 41.08
C LEU G 127 20.60 44.30 42.47
N THR G 128 20.74 45.18 43.46
CA THR G 128 20.46 44.84 44.86
C THR G 128 19.23 45.60 45.32
N VAL G 129 18.34 44.90 46.01
CA VAL G 129 17.13 45.49 46.56
C VAL G 129 17.31 45.66 48.06
N LEU G 130 16.68 46.70 48.60
CA LEU G 130 16.77 46.99 50.03
C LEU G 130 15.46 46.69 50.74
N VAL H 22 -47.09 38.78 -6.23
CA VAL H 22 -47.68 37.56 -6.77
C VAL H 22 -47.98 37.73 -8.27
N LEU H 23 -47.59 36.75 -9.06
CA LEU H 23 -47.81 36.77 -10.50
C LEU H 23 -49.23 36.31 -10.80
N THR H 24 -49.82 36.90 -11.83
CA THR H 24 -51.20 36.63 -12.23
C THR H 24 -51.25 36.13 -13.66
N GLN H 25 -52.04 35.09 -13.90
CA GLN H 25 -52.26 34.52 -15.21
C GLN H 25 -53.76 34.40 -15.48
N PRO H 26 -54.18 34.39 -16.74
CA PRO H 26 -55.59 34.12 -17.05
C PRO H 26 -56.00 32.75 -16.54
N PRO H 27 -57.21 32.64 -15.99
CA PRO H 27 -57.62 31.35 -15.40
C PRO H 27 -57.66 30.19 -16.39
N SER H 28 -58.05 30.44 -17.63
CA SER H 28 -58.20 29.34 -18.58
C SER H 28 -58.14 29.87 -20.01
N VAL H 29 -57.57 29.06 -20.89
CA VAL H 29 -57.55 29.33 -22.33
C VAL H 29 -57.87 28.04 -23.06
N SER H 30 -58.64 28.15 -24.15
CA SER H 30 -59.04 26.98 -24.92
C SER H 30 -58.86 27.27 -26.40
N ALA H 31 -58.62 26.21 -27.17
CA ALA H 31 -58.39 26.34 -28.60
C ALA H 31 -58.54 24.98 -29.27
N ALA H 32 -58.70 25.01 -30.59
CA ALA H 32 -58.77 23.83 -31.42
C ALA H 32 -57.38 23.25 -31.64
N PRO H 33 -57.25 21.97 -31.96
CA PRO H 33 -55.93 21.39 -32.18
C PRO H 33 -55.30 21.87 -33.48
N GLY H 34 -53.98 21.90 -33.50
CA GLY H 34 -53.24 22.47 -34.60
C GLY H 34 -53.07 23.96 -34.55
N GLN H 35 -53.58 24.61 -33.50
CA GLN H 35 -53.50 26.06 -33.37
C GLN H 35 -52.34 26.44 -32.44
N LYS H 36 -52.15 27.75 -32.29
CA LYS H 36 -51.10 28.31 -31.42
C LYS H 36 -51.75 29.23 -30.40
N VAL H 37 -51.37 29.08 -29.13
CA VAL H 37 -51.93 29.89 -28.07
C VAL H 37 -50.81 30.54 -27.28
N THR H 38 -51.15 31.61 -26.57
CA THR H 38 -50.23 32.35 -25.73
C THR H 38 -50.83 32.53 -24.34
N ILE H 39 -50.02 32.25 -23.32
CA ILE H 39 -50.41 32.39 -21.92
C ILE H 39 -49.56 33.50 -21.32
N SER H 40 -50.21 34.45 -20.64
CA SER H 40 -49.53 35.61 -20.09
C SER H 40 -49.32 35.46 -18.59
N CYS H 41 -48.17 35.92 -18.11
CA CYS H 41 -47.83 35.97 -16.69
C CYS H 41 -47.47 37.40 -16.35
N SER H 42 -48.37 38.09 -15.66
CA SER H 42 -48.20 39.50 -15.32
C SER H 42 -47.91 39.64 -13.84
N GLY H 43 -46.83 40.35 -13.51
CA GLY H 43 -46.42 40.58 -12.15
C GLY H 43 -46.22 42.06 -11.89
N SER H 44 -45.17 42.37 -11.16
CA SER H 44 -44.82 43.75 -10.83
C SER H 44 -43.34 43.95 -11.09
N SER H 45 -42.82 45.12 -10.72
CA SER H 45 -41.42 45.44 -10.94
C SER H 45 -40.49 44.75 -9.94
N SER H 46 -41.03 44.12 -8.90
CA SER H 46 -40.20 43.46 -7.89
C SER H 46 -39.94 41.99 -8.19
N ASN H 47 -40.78 41.36 -9.02
CA ASN H 47 -40.65 39.94 -9.31
C ASN H 47 -40.26 39.68 -10.76
N ILE H 48 -41.01 40.21 -11.71
CA ILE H 48 -40.74 39.95 -13.13
C ILE H 48 -39.86 41.04 -13.73
N GLY H 49 -40.06 42.30 -13.32
CA GLY H 49 -39.34 43.41 -13.91
C GLY H 49 -37.85 43.43 -13.62
N ASN H 50 -37.38 42.64 -12.65
CA ASN H 50 -35.96 42.63 -12.34
C ASN H 50 -35.40 41.23 -12.14
N ASP H 51 -36.08 40.20 -12.65
CA ASP H 51 -35.61 38.83 -12.49
C ASP H 51 -36.19 37.98 -13.61
N TYR H 52 -35.58 36.81 -13.79
CA TYR H 52 -35.97 35.91 -14.86
C TYR H 52 -37.26 35.18 -14.49
N VAL H 53 -37.84 34.50 -15.48
CA VAL H 53 -39.11 33.80 -15.33
C VAL H 53 -38.99 32.40 -15.93
N SER H 54 -39.48 31.41 -15.20
CA SER H 54 -39.48 30.02 -15.66
C SER H 54 -40.92 29.54 -15.81
N TRP H 55 -41.09 28.52 -16.65
CA TRP H 55 -42.40 27.98 -16.99
C TRP H 55 -42.43 26.49 -16.69
N TYR H 56 -43.55 26.03 -16.12
CA TYR H 56 -43.73 24.63 -15.74
C TYR H 56 -45.04 24.10 -16.29
N GLN H 57 -45.03 22.83 -16.67
CA GLN H 57 -46.20 22.11 -17.17
C GLN H 57 -46.49 20.95 -16.24
N GLN H 58 -47.75 20.81 -15.84
CA GLN H 58 -48.17 19.76 -14.92
C GLN H 58 -49.39 19.05 -15.48
N LEU H 59 -49.28 17.72 -15.65
CA LEU H 59 -50.29 16.74 -16.01
C LEU H 59 -50.94 16.16 -14.75
N PRO H 60 -52.19 15.72 -14.83
CA PRO H 60 -52.85 15.15 -13.64
C PRO H 60 -52.07 13.96 -13.09
N GLY H 61 -51.84 13.99 -11.78
CA GLY H 61 -51.15 12.91 -11.10
C GLY H 61 -49.65 12.91 -11.25
N THR H 62 -49.06 13.93 -11.87
CA THR H 62 -47.63 13.97 -12.12
C THR H 62 -47.05 15.30 -11.66
N ALA H 63 -45.78 15.27 -11.29
CA ALA H 63 -45.09 16.47 -10.83
C ALA H 63 -44.90 17.46 -11.98
N PRO H 64 -44.79 18.75 -11.69
CA PRO H 64 -44.58 19.74 -12.75
C PRO H 64 -43.30 19.47 -13.53
N LYS H 65 -43.31 19.82 -14.80
CA LYS H 65 -42.19 19.58 -15.71
C LYS H 65 -41.74 20.91 -16.30
N LEU H 66 -40.43 21.15 -16.29
CA LEU H 66 -39.88 22.43 -16.73
C LEU H 66 -39.92 22.53 -18.25
N LEU H 67 -40.39 23.67 -18.75
CA LEU H 67 -40.46 23.94 -20.18
C LEU H 67 -39.50 25.04 -20.64
N ILE H 68 -39.52 26.20 -19.97
CA ILE H 68 -38.74 27.35 -20.38
C ILE H 68 -38.01 27.90 -19.16
N TYR H 69 -36.71 28.14 -19.29
CA TYR H 69 -35.93 28.79 -18.26
C TYR H 69 -35.08 29.89 -18.91
N ASP H 70 -34.61 30.81 -18.07
CA ASP H 70 -33.87 31.99 -18.52
C ASP H 70 -34.67 32.81 -19.54
N ASN H 71 -36.00 32.69 -19.45
CA ASN H 71 -36.98 33.51 -20.16
C ASN H 71 -37.07 33.20 -21.65
N ASN H 72 -36.10 32.48 -22.20
CA ASN H 72 -36.24 31.99 -23.57
C ASN H 72 -35.54 30.65 -23.84
N LYS H 73 -34.91 30.02 -22.85
CA LYS H 73 -34.11 28.83 -23.09
C LYS H 73 -34.91 27.57 -22.81
N ARG H 74 -34.60 26.52 -23.56
CA ARG H 74 -35.33 25.27 -23.48
C ARG H 74 -34.40 24.15 -23.02
N PRO H 75 -34.78 23.38 -21.99
CA PRO H 75 -33.98 22.23 -21.60
C PRO H 75 -34.08 21.12 -22.65
N SER H 76 -33.14 20.18 -22.55
CA SER H 76 -33.07 19.09 -23.52
C SER H 76 -34.34 18.23 -23.45
N GLY H 77 -34.87 17.90 -24.62
CA GLY H 77 -36.06 17.07 -24.73
C GLY H 77 -37.34 17.82 -24.97
N ILE H 78 -37.35 19.14 -24.80
CA ILE H 78 -38.57 19.93 -24.99
C ILE H 78 -38.76 20.19 -26.48
N PRO H 79 -39.95 20.00 -27.03
CA PRO H 79 -40.16 20.24 -28.47
C PRO H 79 -40.00 21.71 -28.82
N ASP H 80 -39.65 21.94 -30.08
CA ASP H 80 -39.36 23.30 -30.55
C ASP H 80 -40.60 24.19 -30.51
N ARG H 81 -41.80 23.60 -30.54
CA ARG H 81 -43.02 24.38 -30.59
C ARG H 81 -43.26 25.21 -29.34
N PHE H 82 -42.57 24.91 -28.24
CA PHE H 82 -42.66 25.71 -27.02
C PHE H 82 -41.71 26.89 -27.13
N SER H 83 -42.21 28.08 -26.80
CA SER H 83 -41.36 29.27 -26.82
C SER H 83 -41.77 30.20 -25.69
N GLY H 84 -40.89 31.12 -25.32
CA GLY H 84 -41.20 32.05 -24.26
C GLY H 84 -40.45 33.35 -24.44
N SER H 85 -40.98 34.40 -23.81
CA SER H 85 -40.34 35.71 -23.86
C SER H 85 -40.83 36.55 -22.70
N LYS H 86 -40.18 37.69 -22.49
CA LYS H 86 -40.55 38.65 -21.47
C LYS H 86 -40.39 40.06 -22.02
N SER H 87 -41.38 40.92 -21.76
CA SER H 87 -41.38 42.30 -22.24
C SER H 87 -41.76 43.21 -21.08
N GLY H 88 -40.76 43.68 -20.34
CA GLY H 88 -41.01 44.58 -19.23
C GLY H 88 -41.40 43.86 -17.95
N THR H 89 -42.68 43.96 -17.58
CA THR H 89 -43.18 43.31 -16.38
C THR H 89 -44.08 42.11 -16.68
N SER H 90 -44.23 41.75 -17.95
CA SER H 90 -45.10 40.64 -18.34
C SER H 90 -44.33 39.65 -19.19
N ALA H 91 -44.44 38.37 -18.85
CA ALA H 91 -43.86 37.31 -19.64
C ALA H 91 -44.96 36.57 -20.41
N THR H 92 -44.57 35.89 -21.48
CA THR H 92 -45.52 35.13 -22.27
C THR H 92 -44.93 33.79 -22.67
N LEU H 93 -45.81 32.78 -22.71
CA LEU H 93 -45.50 31.43 -23.14
C LEU H 93 -46.32 31.13 -24.39
N GLY H 94 -45.68 30.58 -25.41
CA GLY H 94 -46.35 30.31 -26.66
C GLY H 94 -46.23 28.88 -27.13
N ILE H 95 -47.35 28.26 -27.47
CA ILE H 95 -47.40 26.90 -27.98
C ILE H 95 -47.95 26.92 -29.39
N THR H 96 -47.41 26.07 -30.25
CA THR H 96 -47.88 25.90 -31.62
C THR H 96 -48.06 24.41 -31.90
N GLY H 97 -48.89 24.12 -32.89
CA GLY H 97 -49.19 22.74 -33.21
C GLY H 97 -49.89 22.03 -32.07
N LEU H 98 -50.94 22.65 -31.54
CA LEU H 98 -51.61 22.14 -30.35
C LEU H 98 -52.09 20.71 -30.56
N GLN H 99 -51.83 19.86 -29.58
CA GLN H 99 -52.18 18.45 -29.61
C GLN H 99 -53.12 18.12 -28.46
N THR H 100 -53.65 16.90 -28.49
CA THR H 100 -54.53 16.45 -27.41
C THR H 100 -53.77 16.27 -26.10
N GLY H 101 -52.49 15.90 -26.17
CA GLY H 101 -51.68 15.69 -24.98
C GLY H 101 -51.12 16.94 -24.37
N ASP H 102 -51.40 18.11 -24.95
CA ASP H 102 -50.92 19.38 -24.41
C ASP H 102 -51.92 20.02 -23.46
N GLU H 103 -53.01 19.34 -23.15
CA GLU H 103 -53.99 19.86 -22.19
C GLU H 103 -53.49 19.60 -20.78
N ALA H 104 -53.02 20.64 -20.11
CA ALA H 104 -52.42 20.52 -18.79
C ALA H 104 -52.48 21.88 -18.11
N ASN H 105 -51.85 21.96 -16.94
CA ASN H 105 -51.76 23.21 -16.19
C ASN H 105 -50.39 23.83 -16.39
N TYR H 106 -50.36 25.13 -16.67
CA TYR H 106 -49.12 25.85 -16.93
C TYR H 106 -48.92 26.93 -15.89
N TYR H 107 -47.72 26.97 -15.31
CA TYR H 107 -47.41 27.87 -14.21
C TYR H 107 -46.16 28.68 -14.55
N CYS H 108 -46.12 29.92 -14.06
CA CYS H 108 -44.95 30.78 -14.17
C CYS H 108 -44.35 31.01 -12.80
N ALA H 109 -43.03 30.87 -12.70
CA ALA H 109 -42.31 30.98 -11.44
C ALA H 109 -41.20 32.01 -11.57
N THR H 110 -40.91 32.67 -10.45
CA THR H 110 -39.90 33.72 -10.44
C THR H 110 -39.27 33.80 -9.06
N TRP H 111 -38.13 34.48 -8.98
CA TRP H 111 -37.37 34.64 -7.74
C TRP H 111 -37.61 36.06 -7.22
N ASP H 112 -38.71 36.23 -6.50
CA ASP H 112 -38.98 37.50 -5.85
C ASP H 112 -37.94 37.74 -4.76
N ARG H 113 -37.41 38.96 -4.72
CA ARG H 113 -36.30 39.26 -3.82
C ARG H 113 -36.36 40.74 -3.43
N ARG H 114 -36.88 41.03 -2.24
CA ARG H 114 -36.74 42.34 -1.63
C ARG H 114 -36.82 42.23 -0.11
N PRO H 115 -37.99 41.91 0.49
CA PRO H 115 -38.00 41.73 1.95
C PRO H 115 -37.28 40.46 2.36
N THR H 116 -37.69 39.35 1.75
CA THR H 116 -37.06 38.04 1.95
C THR H 116 -37.28 37.24 0.68
N ALA H 117 -36.19 36.96 -0.04
CA ALA H 117 -36.31 36.34 -1.34
C ALA H 117 -36.90 34.93 -1.23
N TYR H 118 -37.81 34.60 -2.14
CA TYR H 118 -38.46 33.31 -2.13
C TYR H 118 -39.15 33.08 -3.47
N VAL H 119 -39.15 31.81 -3.92
CA VAL H 119 -39.74 31.47 -5.21
C VAL H 119 -41.25 31.69 -5.15
N VAL H 120 -41.79 32.37 -6.16
CA VAL H 120 -43.22 32.62 -6.28
C VAL H 120 -43.72 31.98 -7.57
N PHE H 121 -44.76 31.17 -7.44
CA PHE H 121 -45.42 30.54 -8.58
C PHE H 121 -46.61 31.38 -9.03
N GLY H 122 -46.99 31.22 -10.29
CA GLY H 122 -48.13 31.93 -10.82
C GLY H 122 -49.45 31.36 -10.33
N GLY H 123 -50.53 32.05 -10.68
CA GLY H 123 -51.85 31.61 -10.27
C GLY H 123 -52.32 30.34 -10.96
N GLY H 124 -51.77 30.03 -12.12
CA GLY H 124 -52.13 28.84 -12.85
C GLY H 124 -53.10 29.12 -13.99
N THR H 125 -52.89 28.43 -15.10
CA THR H 125 -53.73 28.57 -16.29
C THR H 125 -54.05 27.19 -16.83
N LYS H 126 -55.33 26.91 -16.99
CA LYS H 126 -55.80 25.63 -17.50
C LYS H 126 -56.00 25.73 -19.01
N LEU H 127 -55.20 25.00 -19.78
CA LEU H 127 -55.31 24.98 -21.23
C LEU H 127 -56.16 23.78 -21.64
N THR H 128 -57.27 24.04 -22.32
CA THR H 128 -58.20 23.02 -22.75
C THR H 128 -58.16 22.89 -24.26
N VAL H 129 -58.11 21.65 -24.74
CA VAL H 129 -58.12 21.38 -26.18
C VAL H 129 -59.50 20.89 -26.58
N LEU H 130 -59.89 21.20 -27.81
CA LEU H 130 -61.20 20.81 -28.32
C LEU H 130 -61.08 19.71 -29.36
N VAL I 22 19.39 14.81 -56.26
CA VAL I 22 20.41 13.86 -55.87
C VAL I 22 21.77 14.55 -55.75
N LEU I 23 22.45 14.30 -54.64
CA LEU I 23 23.77 14.87 -54.40
C LEU I 23 24.84 14.10 -55.14
N THR I 24 25.85 14.80 -55.62
CA THR I 24 26.93 14.20 -56.41
C THR I 24 28.27 14.46 -55.73
N GLN I 25 29.12 13.44 -55.70
CA GLN I 25 30.47 13.51 -55.16
C GLN I 25 31.44 12.94 -56.18
N PRO I 26 32.71 13.34 -56.12
CA PRO I 26 33.73 12.71 -56.98
C PRO I 26 33.83 11.23 -56.68
N PRO I 27 33.99 10.40 -57.71
CA PRO I 27 33.99 8.94 -57.48
C PRO I 27 35.11 8.45 -56.56
N SER I 28 36.29 9.05 -56.63
CA SER I 28 37.41 8.56 -55.85
C SER I 28 38.46 9.66 -55.68
N VAL I 29 39.11 9.67 -54.52
CA VAL I 29 40.22 10.55 -54.23
C VAL I 29 41.30 9.75 -53.53
N SER I 30 42.56 10.00 -53.87
CA SER I 30 43.68 9.27 -53.31
C SER I 30 44.77 10.25 -52.89
N ALA I 31 45.51 9.88 -51.85
CA ALA I 31 46.57 10.74 -51.32
C ALA I 31 47.52 9.91 -50.47
N ALA I 32 48.71 10.47 -50.25
CA ALA I 32 49.71 9.88 -49.38
C ALA I 32 49.34 10.09 -47.91
N PRO I 33 49.85 9.24 -47.01
CA PRO I 33 49.50 9.41 -45.59
C PRO I 33 50.19 10.62 -44.98
N GLY I 34 49.53 11.20 -43.99
CA GLY I 34 49.97 12.45 -43.40
C GLY I 34 49.51 13.69 -44.14
N GLN I 35 48.75 13.54 -45.22
CA GLN I 35 48.29 14.65 -46.03
C GLN I 35 46.86 15.03 -45.64
N LYS I 36 46.33 16.06 -46.32
CA LYS I 36 44.99 16.54 -46.11
C LYS I 36 44.18 16.38 -47.39
N VAL I 37 42.95 15.87 -47.26
CA VAL I 37 42.08 15.64 -48.41
C VAL I 37 40.75 16.35 -48.16
N THR I 38 40.09 16.69 -49.26
CA THR I 38 38.79 17.35 -49.24
C THR I 38 37.85 16.65 -50.22
N ILE I 39 36.66 16.31 -49.75
CA ILE I 39 35.64 15.65 -50.54
C ILE I 39 34.45 16.58 -50.68
N SER I 40 33.98 16.77 -51.91
CA SER I 40 32.90 17.71 -52.19
C SER I 40 31.58 16.98 -52.39
N CYS I 41 30.51 17.58 -51.90
CA CYS I 41 29.14 17.09 -52.10
C CYS I 41 28.34 18.22 -52.72
N SER I 42 28.05 18.10 -54.00
CA SER I 42 27.35 19.13 -54.76
C SER I 42 25.94 18.66 -55.07
N GLY I 43 24.95 19.50 -54.76
CA GLY I 43 23.56 19.21 -55.01
C GLY I 43 22.89 20.36 -55.75
N SER I 44 21.69 20.70 -55.31
CA SER I 44 20.92 21.78 -55.90
C SER I 44 20.35 22.63 -54.78
N SER I 45 19.51 23.61 -55.14
CA SER I 45 18.92 24.51 -54.16
C SER I 45 17.79 23.88 -53.37
N SER I 46 17.33 22.69 -53.75
CA SER I 46 16.23 22.03 -53.07
C SER I 46 16.69 21.10 -51.95
N ASN I 47 17.95 20.64 -52.00
CA ASN I 47 18.46 19.69 -51.02
C ASN I 47 19.53 20.32 -50.14
N ILE I 48 20.58 20.88 -50.72
CA ILE I 48 21.68 21.44 -49.95
C ILE I 48 21.48 22.93 -49.69
N GLY I 49 20.97 23.66 -50.69
CA GLY I 49 20.83 25.10 -50.59
C GLY I 49 19.86 25.58 -49.53
N ASN I 50 19.00 24.69 -49.01
CA ASN I 50 18.03 25.11 -48.01
C ASN I 50 17.93 24.12 -46.85
N ASP I 51 18.94 23.28 -46.64
CA ASP I 51 18.91 22.32 -45.55
C ASP I 51 20.33 21.93 -45.19
N TYR I 52 20.47 21.32 -44.02
CA TYR I 52 21.78 20.94 -43.50
C TYR I 52 22.28 19.67 -44.21
N VAL I 53 23.56 19.37 -43.98
CA VAL I 53 24.21 18.24 -44.63
C VAL I 53 25.00 17.46 -43.57
N SER I 54 24.86 16.13 -43.60
CA SER I 54 25.58 15.25 -42.70
C SER I 54 26.57 14.39 -43.48
N TRP I 55 27.64 13.99 -42.79
CA TRP I 55 28.72 13.22 -43.40
C TRP I 55 28.93 11.94 -42.60
N TYR I 56 28.88 10.80 -43.30
CA TYR I 56 29.01 9.46 -42.75
C TYR I 56 30.23 8.76 -43.32
N GLN I 57 30.80 7.86 -42.51
CA GLN I 57 31.93 7.03 -42.90
C GLN I 57 31.55 5.56 -42.78
N GLN I 58 31.86 4.77 -43.80
CA GLN I 58 31.56 3.35 -43.82
C GLN I 58 32.80 2.56 -44.19
N LEU I 59 33.13 1.55 -43.34
CA LEU I 59 34.19 0.56 -43.46
C LEU I 59 33.63 -0.75 -44.02
N PRO I 60 34.45 -1.53 -44.71
CA PRO I 60 33.96 -2.80 -45.27
C PRO I 60 33.41 -3.71 -44.18
N GLY I 61 32.18 -4.19 -44.39
CA GLY I 61 31.54 -5.10 -43.46
C GLY I 61 30.92 -4.44 -42.25
N THR I 62 30.93 -3.11 -42.16
CA THR I 62 30.42 -2.41 -41.00
C THR I 62 29.42 -1.34 -41.43
N ALA I 63 28.49 -1.04 -40.54
CA ALA I 63 27.47 -0.03 -40.83
C ALA I 63 28.10 1.36 -40.88
N PRO I 64 27.49 2.29 -41.62
CA PRO I 64 28.05 3.65 -41.70
C PRO I 64 28.13 4.30 -40.33
N LYS I 65 29.15 5.13 -40.15
CA LYS I 65 29.42 5.79 -38.89
C LYS I 65 29.36 7.30 -39.09
N LEU I 66 28.62 7.99 -38.23
CA LEU I 66 28.41 9.42 -38.40
C LEU I 66 29.68 10.19 -38.05
N LEU I 67 30.10 11.06 -38.97
CA LEU I 67 31.25 11.94 -38.75
C LEU I 67 30.86 13.38 -38.48
N ILE I 68 29.99 13.96 -39.31
CA ILE I 68 29.67 15.38 -39.22
C ILE I 68 28.16 15.57 -39.28
N TYR I 69 27.64 16.41 -38.39
CA TYR I 69 26.24 16.80 -38.44
C TYR I 69 26.14 18.30 -38.23
N ASP I 70 25.00 18.87 -38.64
CA ASP I 70 24.75 20.31 -38.57
C ASP I 70 25.80 21.10 -39.35
N ASN I 71 26.41 20.46 -40.34
CA ASN I 71 27.29 21.05 -41.34
C ASN I 71 28.66 21.45 -40.80
N ASN I 72 28.81 21.51 -39.46
CA ASN I 72 30.13 21.71 -38.90
C ASN I 72 30.33 21.05 -37.54
N LYS I 73 29.34 20.34 -37.01
CA LYS I 73 29.41 19.83 -35.64
C LYS I 73 29.87 18.38 -35.64
N ARG I 74 30.58 18.00 -34.57
CA ARG I 74 31.15 16.67 -34.46
C ARG I 74 30.57 15.93 -33.27
N PRO I 75 30.11 14.71 -33.45
CA PRO I 75 29.65 13.91 -32.30
C PRO I 75 30.83 13.50 -31.43
N SER I 76 30.51 13.09 -30.20
CA SER I 76 31.53 12.69 -29.24
C SER I 76 32.30 11.48 -29.75
N GLY I 77 33.62 11.53 -29.62
CA GLY I 77 34.49 10.45 -30.04
C GLY I 77 35.15 10.65 -31.38
N ILE I 78 34.67 11.59 -32.19
CA ILE I 78 35.26 11.81 -33.51
C ILE I 78 36.53 12.65 -33.34
N PRO I 79 37.63 12.28 -33.99
CA PRO I 79 38.87 13.06 -33.84
C PRO I 79 38.72 14.46 -34.41
N ASP I 80 39.54 15.37 -33.87
CA ASP I 80 39.43 16.78 -34.26
C ASP I 80 39.78 16.99 -35.74
N ARG I 81 40.59 16.11 -36.32
CA ARG I 81 41.10 16.32 -37.66
C ARG I 81 40.03 16.25 -38.75
N PHE I 82 38.85 15.72 -38.46
CA PHE I 82 37.73 15.75 -39.40
C PHE I 82 36.99 17.07 -39.23
N SER I 83 36.71 17.74 -40.35
CA SER I 83 35.99 19.00 -40.30
C SER I 83 35.06 19.09 -41.50
N GLY I 84 34.06 19.97 -41.42
CA GLY I 84 33.11 20.11 -42.50
C GLY I 84 32.63 21.54 -42.63
N SER I 85 32.12 21.85 -43.82
CA SER I 85 31.56 23.18 -44.06
C SER I 85 30.61 23.11 -45.24
N LYS I 86 29.87 24.19 -45.43
CA LYS I 86 28.95 24.32 -46.56
C LYS I 86 28.99 25.75 -47.08
N SER I 87 29.05 25.92 -48.39
CA SER I 87 29.12 27.24 -49.02
C SER I 87 28.13 27.27 -50.18
N GLY I 88 26.91 27.71 -49.89
CA GLY I 88 25.89 27.81 -50.92
C GLY I 88 25.19 26.50 -51.19
N THR I 89 25.47 25.90 -52.35
CA THR I 89 24.87 24.63 -52.73
C THR I 89 25.84 23.46 -52.66
N SER I 90 27.07 23.68 -52.20
CA SER I 90 28.08 22.64 -52.13
C SER I 90 28.65 22.55 -50.73
N ALA I 91 28.73 21.35 -50.19
CA ALA I 91 29.37 21.11 -48.91
C ALA I 91 30.73 20.44 -49.12
N THR I 92 31.59 20.57 -48.12
CA THR I 92 32.92 19.97 -48.20
C THR I 92 33.27 19.32 -46.87
N LEU I 93 34.00 18.21 -46.97
CA LEU I 93 34.50 17.44 -45.84
C LEU I 93 36.02 17.38 -45.93
N GLY I 94 36.69 17.67 -44.82
CA GLY I 94 38.14 17.74 -44.82
C GLY I 94 38.78 16.85 -43.78
N ILE I 95 39.75 16.05 -44.20
CA ILE I 95 40.46 15.12 -43.32
C ILE I 95 41.95 15.47 -43.35
N THR I 96 42.52 15.67 -42.17
CA THR I 96 43.94 15.94 -42.03
C THR I 96 44.61 14.82 -41.25
N GLY I 97 45.93 14.71 -41.40
CA GLY I 97 46.67 13.63 -40.76
C GLY I 97 46.24 12.26 -41.24
N LEU I 98 46.18 12.09 -42.56
CA LEU I 98 45.66 10.86 -43.15
C LEU I 98 46.42 9.64 -42.64
N GLN I 99 45.67 8.61 -42.27
CA GLN I 99 46.23 7.36 -41.76
C GLN I 99 45.80 6.20 -42.65
N THR I 100 46.40 5.04 -42.39
CA THR I 100 46.05 3.84 -43.15
C THR I 100 44.63 3.38 -42.86
N GLY I 101 44.13 3.64 -41.65
CA GLY I 101 42.80 3.22 -41.27
C GLY I 101 41.67 4.10 -41.75
N ASP I 102 41.99 5.19 -42.45
CA ASP I 102 40.99 6.11 -42.96
C ASP I 102 40.54 5.79 -44.37
N GLU I 103 41.02 4.68 -44.94
CA GLU I 103 40.60 4.27 -46.28
C GLU I 103 39.24 3.61 -46.18
N ALA I 104 38.20 4.35 -46.58
CA ALA I 104 36.83 3.90 -46.42
C ALA I 104 35.96 4.68 -47.40
N ASN I 105 34.64 4.51 -47.29
CA ASN I 105 33.68 5.21 -48.14
C ASN I 105 33.05 6.35 -47.34
N TYR I 106 32.95 7.52 -47.96
CA TYR I 106 32.41 8.71 -47.31
C TYR I 106 31.17 9.17 -48.05
N TYR I 107 30.08 9.39 -47.31
CA TYR I 107 28.79 9.71 -47.90
C TYR I 107 28.26 11.01 -47.31
N CYS I 108 27.54 11.78 -48.14
CA CYS I 108 26.85 12.97 -47.70
C CYS I 108 25.35 12.77 -47.79
N ALA I 109 24.64 13.15 -46.73
CA ALA I 109 23.20 12.94 -46.63
C ALA I 109 22.51 14.26 -46.33
N THR I 110 21.27 14.38 -46.81
CA THR I 110 20.51 15.61 -46.63
C THR I 110 19.02 15.28 -46.59
N TRP I 111 18.24 16.24 -46.12
CA TRP I 111 16.79 16.11 -46.00
C TRP I 111 16.13 16.89 -47.13
N ASP I 112 16.05 16.25 -48.30
CA ASP I 112 15.33 16.85 -49.42
C ASP I 112 13.85 16.97 -49.07
N ARG I 113 13.27 18.14 -49.35
CA ARG I 113 11.90 18.40 -48.92
C ARG I 113 11.25 19.38 -49.91
N ARG I 114 10.44 18.84 -50.83
CA ARG I 114 9.55 19.67 -51.63
C ARG I 114 8.35 18.85 -52.08
N PRO I 115 8.50 17.83 -52.98
CA PRO I 115 7.32 17.02 -53.33
C PRO I 115 6.92 16.12 -52.18
N THR I 116 7.90 15.35 -51.69
CA THR I 116 7.73 14.47 -50.53
C THR I 116 9.10 14.34 -49.88
N ALA I 117 9.24 14.89 -48.68
CA ALA I 117 10.54 14.93 -48.03
C ALA I 117 11.06 13.54 -47.72
N TYR I 118 12.35 13.33 -47.98
CA TYR I 118 12.97 12.03 -47.76
C TYR I 118 14.48 12.20 -47.75
N VAL I 119 15.15 11.40 -46.90
CA VAL I 119 16.61 11.48 -46.78
C VAL I 119 17.25 11.01 -48.07
N VAL I 120 18.19 11.81 -48.59
CA VAL I 120 18.95 11.47 -49.79
C VAL I 120 20.42 11.36 -49.43
N PHE I 121 21.03 10.25 -49.81
CA PHE I 121 22.46 10.02 -49.63
C PHE I 121 23.22 10.43 -50.89
N GLY I 122 24.51 10.71 -50.70
CA GLY I 122 25.35 11.07 -51.82
C GLY I 122 25.71 9.86 -52.68
N GLY I 123 26.38 10.15 -53.80
CA GLY I 123 26.80 9.09 -54.70
C GLY I 123 27.90 8.21 -54.14
N GLY I 124 28.68 8.71 -53.19
CA GLY I 124 29.74 7.94 -52.58
C GLY I 124 31.10 8.30 -53.15
N THR I 125 32.10 8.35 -52.27
CA THR I 125 33.48 8.67 -52.66
C THR I 125 34.41 7.68 -51.98
N LYS I 126 35.24 7.02 -52.76
CA LYS I 126 36.20 6.05 -52.24
C LYS I 126 37.54 6.76 -52.00
N LEU I 127 37.94 6.83 -50.73
CA LEU I 127 39.21 7.45 -50.35
C LEU I 127 40.26 6.36 -50.22
N THR I 128 41.31 6.47 -51.03
CA THR I 128 42.39 5.48 -51.06
C THR I 128 43.66 6.09 -50.51
N VAL I 129 44.33 5.36 -49.62
CA VAL I 129 45.59 5.79 -49.04
C VAL I 129 46.72 5.02 -49.73
N LEU I 130 47.87 5.68 -49.84
CA LEU I 130 49.03 5.07 -50.48
C LEU I 130 50.10 4.72 -49.46
C1 NAG J . 28.47 -35.40 16.66
C2 NAG J . 28.47 -36.91 16.92
C3 NAG J . 29.66 -37.56 16.19
C4 NAG J . 29.64 -37.19 14.71
C5 NAG J . 29.60 -35.68 14.56
C6 NAG J . 29.49 -35.21 13.13
C7 NAG J . 27.51 -37.69 19.04
C8 NAG J . 26.25 -37.93 18.27
N2 NAG J . 28.54 -37.19 18.34
O3 NAG J . 29.58 -38.97 16.35
O4 NAG J . 30.81 -37.71 14.09
O5 NAG J . 28.46 -35.15 15.25
O6 NAG J . 29.45 -33.79 13.04
O7 NAG J . 27.59 -37.92 20.24
C1 NAG J . 30.44 -38.56 12.98
C2 NAG J . 31.69 -38.80 12.12
C3 NAG J . 31.36 -39.72 10.95
C4 NAG J . 30.70 -41.00 11.44
C5 NAG J . 29.50 -40.67 12.33
C6 NAG J . 28.86 -41.89 12.95
C7 NAG J . 33.32 -36.96 12.22
C8 NAG J . 33.76 -35.67 11.60
N2 NAG J . 32.25 -37.54 11.66
O3 NAG J . 32.56 -40.02 10.24
O4 NAG J . 30.27 -41.78 10.33
O5 NAG J . 29.91 -39.82 13.41
O6 NAG J . 28.13 -42.63 12.00
O7 NAG J . 33.89 -37.45 13.18
C1 BMA J . 31.05 -42.98 10.27
C2 BMA J . 30.50 -43.84 9.10
C3 BMA J . 31.39 -45.07 8.90
C4 BMA J . 32.87 -44.69 8.82
C5 BMA J . 33.27 -43.84 10.04
C6 BMA J . 34.71 -43.37 10.01
O2 BMA J . 30.53 -43.12 7.88
O3 BMA J . 31.00 -45.81 7.75
O4 BMA J . 33.68 -45.86 8.78
O5 BMA J . 32.42 -42.68 10.07
O6 BMA J . 35.54 -44.52 9.87
C1 NAG K . -19.65 -24.36 36.87
C2 NAG K . -19.53 -25.67 37.67
C3 NAG K . -19.36 -25.38 39.16
C4 NAG K . -18.20 -24.42 39.38
C5 NAG K . -18.40 -23.16 38.55
C6 NAG K . -17.25 -22.19 38.63
C7 NAG K . -20.65 -27.65 36.74
C8 NAG K . -19.32 -28.02 36.15
N2 NAG K . -20.69 -26.51 37.44
O3 NAG K . -19.13 -26.60 39.84
O4 NAG K . -18.13 -24.07 40.76
O5 NAG K . -18.53 -23.52 37.16
O6 NAG K . -17.46 -21.04 37.82
O7 NAG K . -21.65 -28.34 36.56
C1 NAG K . -16.82 -24.38 41.28
C2 NAG K . -16.67 -23.69 42.64
C3 NAG K . -15.31 -24.00 43.24
C4 NAG K . -15.09 -25.51 43.30
C5 NAG K . -15.31 -26.14 41.93
C6 NAG K . -15.23 -27.64 41.95
C7 NAG K . -17.99 -21.63 42.82
C8 NAG K . -18.00 -20.14 42.62
N2 NAG K . -16.85 -22.25 42.51
O3 NAG K . -15.23 -23.46 44.55
O4 NAG K . -13.76 -25.79 43.74
O5 NAG K . -16.63 -25.79 41.45
O6 NAG K . -13.89 -28.09 42.09
O7 NAG K . -18.98 -22.23 43.23
C1 BMA K . -13.81 -26.40 45.04
C2 BMA K . -12.36 -26.77 45.45
C3 BMA K . -12.33 -27.30 46.88
C4 BMA K . -13.08 -26.36 47.84
C5 BMA K . -14.50 -26.08 47.31
C6 BMA K . -15.28 -25.11 48.18
O2 BMA K . -11.52 -25.63 45.42
O3 BMA K . -11.01 -27.51 47.34
O4 BMA K . -13.17 -26.94 49.13
O5 BMA K . -14.39 -25.51 46.00
O6 BMA K . -15.31 -25.62 49.50
C1 NAG L . -15.36 -44.13 -12.47
C2 NAG L . -15.77 -45.48 -11.88
C3 NAG L . -17.17 -45.87 -12.35
C4 NAG L . -18.17 -44.74 -12.06
C5 NAG L . -17.66 -43.45 -12.67
C6 NAG L . -18.52 -42.24 -12.35
C7 NAG L . -13.97 -47.07 -11.35
C8 NAG L . -14.04 -46.55 -9.95
N2 NAG L . -14.82 -46.52 -12.22
O3 NAG L . -17.58 -47.06 -11.68
O4 NAG L . -19.43 -45.07 -12.60
O5 NAG L . -16.35 -43.15 -12.16
O6 NAG L . -18.01 -41.06 -12.94
O7 NAG L . -13.18 -47.95 -11.68
C1 NAG L . -20.44 -45.04 -11.58
C2 NAG L . -21.82 -45.04 -12.26
C3 NAG L . -22.92 -45.04 -11.21
C4 NAG L . -22.73 -46.16 -10.21
C5 NAG L . -21.32 -46.12 -9.62
C6 NAG L . -21.01 -47.28 -8.71
C7 NAG L . -21.78 -44.02 -14.49
C8 NAG L . -21.97 -42.76 -15.28
N2 NAG L . -21.96 -43.92 -13.17
O3 NAG L . -24.19 -45.17 -11.85
O4 NAG L . -23.67 -46.05 -9.16
O5 NAG L . -20.35 -46.15 -10.68
O6 NAG L . -21.69 -47.17 -7.47
O7 NAG L . -21.49 -45.08 -15.03
C1 BMA L . -24.61 -47.15 -9.24
C2 BMA L . -25.56 -47.06 -8.03
C3 BMA L . -26.65 -48.13 -8.15
C4 BMA L . -27.31 -48.12 -9.54
C5 BMA L . -26.23 -48.24 -10.63
C6 BMA L . -26.79 -48.18 -12.03
O2 BMA L . -26.22 -45.80 -8.01
O3 BMA L . -27.64 -47.98 -7.14
O4 BMA L . -28.21 -49.21 -9.65
O5 BMA L . -25.32 -47.13 -10.47
O6 BMA L . -27.77 -49.21 -12.16
C1 NAG M . 33.54 22.41 -1.85
C2 NAG M . 34.33 21.13 -1.59
C3 NAG M . 34.77 21.06 -0.13
C4 NAG M . 35.49 22.34 0.27
C5 NAG M . 34.64 23.55 -0.06
C6 NAG M . 35.34 24.86 0.22
C7 NAG M . 33.91 19.11 -2.93
C8 NAG M . 32.99 17.96 -3.17
N2 NAG M . 33.55 19.95 -1.95
O3 NAG M . 35.61 19.94 0.06
O4 NAG M . 35.75 22.31 1.68
O5 NAG M . 34.31 23.55 -1.46
O6 NAG M . 34.58 25.96 -0.26
O7 NAG M . 34.93 19.28 -3.58
C1 NAG N . 22.75 8.09 -13.33
C2 NAG N . 22.54 7.37 -14.66
C3 NAG N . 23.04 5.92 -14.56
C4 NAG N . 24.48 5.88 -14.06
C5 NAG N . 24.58 6.65 -12.74
C6 NAG N . 26.00 6.74 -12.23
C7 NAG N . 20.74 7.73 -16.28
C8 NAG N . 19.26 7.71 -16.51
N2 NAG N . 21.14 7.40 -15.05
O3 NAG N . 22.96 5.32 -15.85
O4 NAG N . 24.88 4.53 -13.85
O5 NAG N . 24.12 7.99 -12.94
O6 NAG N . 26.84 7.45 -13.12
O7 NAG N . 21.53 8.05 -17.17
C1 NAG O . 11.50 47.83 7.66
C2 NAG O . 11.26 49.26 8.16
C3 NAG O . 10.51 49.23 9.49
C4 NAG O . 9.23 48.42 9.36
C5 NAG O . 9.54 47.03 8.81
C6 NAG O . 8.31 46.20 8.54
C7 NAG O . 12.94 50.87 7.40
C8 NAG O . 14.26 51.52 7.69
N2 NAG O . 12.51 49.98 8.30
O3 NAG O . 10.21 50.56 9.88
O4 NAG O . 8.60 48.28 10.63
O5 NAG O . 10.24 47.14 7.56
O6 NAG O . 7.17 46.74 9.21
O7 NAG O . 12.30 51.13 6.38
C1 NAG P . -20.31 32.06 13.87
C2 NAG P . -20.60 31.24 15.12
C3 NAG P . -22.03 30.68 15.06
C4 NAG P . -23.03 31.79 14.79
C5 NAG P . -22.63 32.58 13.56
C6 NAG P . -23.52 33.77 13.29
C7 NAG P . -18.83 30.06 16.33
C8 NAG P . -17.89 28.89 16.31
N2 NAG P . -19.64 30.16 15.27
O3 NAG P . -22.33 30.03 16.29
O4 NAG P . -24.33 31.23 14.60
O5 NAG P . -21.30 33.08 13.71
O6 NAG P . -23.00 34.58 12.25
O7 NAG P . -18.83 30.88 17.24
C1 NAG Q . -1.98 21.61 16.99
C2 NAG Q . -0.61 21.55 17.65
C3 NAG Q . -0.61 20.54 18.80
C4 NAG Q . -1.75 20.83 19.77
C5 NAG Q . -3.07 20.91 19.02
C6 NAG Q . -4.23 21.31 19.90
C7 NAG Q . 1.54 21.91 16.52
C8 NAG Q . 2.49 21.40 15.47
N2 NAG Q . 0.42 21.21 16.68
O3 NAG Q . 0.64 20.59 19.48
O4 NAG Q . -1.82 19.81 20.76
O5 NAG Q . -2.98 21.89 17.99
O6 NAG Q . -4.08 22.63 20.40
O7 NAG Q . 1.78 22.91 17.18
C1 NAG R . -23.38 38.98 -20.32
C2 NAG R . -24.02 39.80 -21.44
C3 NAG R . -24.76 38.86 -22.41
C4 NAG R . -23.83 37.77 -22.90
C5 NAG R . -23.19 37.04 -21.72
C6 NAG R . -22.17 36.02 -22.13
C7 NAG R . -24.60 42.09 -20.80
C8 NAG R . -25.66 43.00 -20.23
N2 NAG R . -24.93 40.81 -20.91
O3 NAG R . -25.26 39.62 -23.50
O4 NAG R . -24.56 36.82 -23.68
O5 NAG R . -22.51 37.99 -20.87
O6 NAG R . -22.29 35.70 -23.52
O7 NAG R . -23.50 42.52 -21.15
C1 NAG S . -9.08 10.92 -37.80
C2 NAG S . -9.79 9.57 -37.94
C3 NAG S . -8.90 8.59 -38.70
C4 NAG S . -8.44 9.20 -40.03
C5 NAG S . -7.79 10.56 -39.79
C6 NAG S . -7.41 11.27 -41.06
C7 NAG S . -11.40 8.81 -36.26
C8 NAG S . -11.58 8.26 -34.88
N2 NAG S . -10.14 9.03 -36.64
O3 NAG S . -9.62 7.40 -38.96
O4 NAG S . -7.49 8.34 -40.66
O5 NAG S . -8.72 11.41 -39.10
O6 NAG S . -6.96 12.59 -40.80
O7 NAG S . -12.36 9.06 -36.99
C1 NAG T . -18.31 8.54 -18.72
C2 NAG T . -19.53 8.73 -17.82
C3 NAG T . -20.26 7.40 -17.62
C4 NAG T . -20.58 6.74 -18.95
C5 NAG T . -19.30 6.62 -19.78
C6 NAG T . -19.56 6.08 -21.17
C7 NAG T . -19.71 10.40 -16.03
C8 NAG T . -19.19 10.86 -14.70
N2 NAG T . -19.15 9.31 -16.54
O3 NAG T . -21.46 7.63 -16.88
O4 NAG T . -21.12 5.45 -18.74
O5 NAG T . -18.71 7.92 -19.95
O6 NAG T . -20.38 6.95 -21.94
O7 NAG T . -20.60 11.01 -16.62
C1 NAG U . 19.36 30.91 -33.85
C2 NAG U . 20.42 31.81 -34.47
C3 NAG U . 21.81 31.24 -34.24
C4 NAG U . 22.04 30.97 -32.76
C5 NAG U . 20.90 30.10 -32.21
C6 NAG U . 20.99 29.89 -30.71
C7 NAG U . 19.64 33.13 -36.40
C8 NAG U . 19.46 33.15 -37.89
N2 NAG U . 20.18 32.01 -35.89
O3 NAG U . 22.80 32.15 -34.72
O4 NAG U . 23.27 30.30 -32.56
O5 NAG U . 19.64 30.73 -32.47
O6 NAG U . 22.28 30.21 -30.22
O7 NAG U . 19.30 34.07 -35.68
#